data_4G0V
#
_entry.id   4G0V
#
_cell.length_a   80.546
_cell.length_b   176.610
_cell.length_c   93.759
_cell.angle_alpha   90.00
_cell.angle_beta   111.53
_cell.angle_gamma   90.00
#
_symmetry.space_group_name_H-M   'P 1 21 1'
#
loop_
_entity.id
_entity.type
_entity.pdbx_description
1 polymer 'DNA topoisomerase 2-beta'
2 polymer "DNA (5'-D(P*AP*GP*CP*CP*GP*AP*GP*C)-3')"
3 polymer "DNA (5'-D(P*TP*GP*CP*AP*GP*CP*TP*CP*GP*GP*CP*T)-3')"
4 non-polymer 1,4-DIHYDROXY-5,8-BIS({2-[(2-HYDROXYETHYL)AMINO]ETHYL}AMINO)-9,10-ANTHRACENEDIONE
5 non-polymer 'MAGNESIUM ION'
6 water water
#
loop_
_entity_poly.entity_id
_entity_poly.type
_entity_poly.pdbx_seq_one_letter_code
_entity_poly.pdbx_strand_id
1 'polypeptide(L)'
;MASWSHPQFEKGADDDDKVPDPTSVDSVKYSKIKGIPKLDDANDAGGKHSLECTLILTEGDSAKSLAVSGLGVIGRDRYG
VFPLRGKILNVREASHKQIMENAEINNIIKIVGLQYKKSYDDAESLKTLRYGKIMIMTDQDQDGSHIKGLLINFIHHNWP
SLLKHGFLEEFITPIVKASKNKQELSFYSIPEFDEWKKHIENQKAWKIKYYKGLGTSTAKEAKEYFADMERHRILFRYAG
PEDDAAITLAFSKKKIDDRKEWLTNFMEDRRQRRLHGLPEQFLYGTATKHLTYNDFINKELILFSNSDNERSIPSLVDGF
KPGQRKVLFTCFKRNDKREVKVAQLAGSVAEMSAYHHGEQALMMTIVNLAQNFVGSNNINLLQPIGQFGTRLHGGKDAAS
PRYIFTMLSTLARLLFPAVDDNLLKFLYDDNQRVEPEWYIPIIPMVLINGAEGIGTGWACKLPNYDAREIVNNVRRMLDG
LDPHPMLPNYKNFKGTIQELGQNQYAVSGEIFVVDRNTVEITELPVRTWTQVYKEQVLEPMLNGTDKTPALISDYKEYHT
DTTVKFVVKMTEEKLAQAEAAGLHKVFKLQTTLTCNSMVLFDHMGCLKKYETVQDILKEFFDLRLSYYGLRKEWLVGMLG
AESTKLNNQARFILEKIQGKITIENRSKKDLIQMLVQRGYESDPVKAWKEAQEKAAEEDETQNQHDDSSSDSGTPSGPDF
NYILNMSLWSLTKEKVEELIKQRDAKGREVNDLKRKSPSDLWKEDLAAFVEELDKVESQEREDGAPGFSSISAHHHHHHH
HHH
;
A,B
2 'polydeoxyribonucleotide' (DA)(DG)(DC)(DC)(DG)(DA)(DG)(DC) C,E
3 'polydeoxyribonucleotide' (DT)(DG)(DC)(DA)(DG)(DC)(DT)(DC)(DG)(DG)(DC)(DT) D,F
#
loop_
_chem_comp.id
_chem_comp.type
_chem_comp.name
_chem_comp.formula
DA DNA linking 2'-DEOXYADENOSINE-5'-MONOPHOSPHATE 'C10 H14 N5 O6 P'
DC DNA linking 2'-DEOXYCYTIDINE-5'-MONOPHOSPHATE 'C9 H14 N3 O7 P'
DG DNA linking 2'-DEOXYGUANOSINE-5'-MONOPHOSPHATE 'C10 H14 N5 O7 P'
DT DNA linking THYMIDINE-5'-MONOPHOSPHATE 'C10 H15 N2 O8 P'
MG non-polymer 'MAGNESIUM ION' 'Mg 2'
MIX non-polymer 1,4-DIHYDROXY-5,8-BIS({2-[(2-HYDROXYETHYL)AMINO]ETHYL}AMINO)-9,10-ANTHRACENEDIONE 'C22 H28 N4 O6'
#
# COMPACT_ATOMS: atom_id res chain seq x y z
N LYS A 34 -32.22 -15.50 -10.72
CA LYS A 34 -32.42 -14.49 -11.75
C LYS A 34 -32.27 -13.08 -11.21
N GLY A 35 -31.25 -12.36 -11.69
CA GLY A 35 -31.04 -10.98 -11.29
C GLY A 35 -30.22 -10.81 -10.03
N ILE A 36 -29.23 -11.69 -9.86
CA ILE A 36 -28.31 -11.64 -8.73
C ILE A 36 -26.90 -11.48 -9.27
N PRO A 37 -26.17 -10.47 -8.77
CA PRO A 37 -24.81 -10.17 -9.25
C PRO A 37 -23.84 -11.28 -8.89
N LYS A 38 -22.90 -11.55 -9.78
CA LYS A 38 -21.82 -12.52 -9.54
C LYS A 38 -22.25 -14.00 -9.53
N LEU A 39 -23.56 -14.26 -9.54
CA LEU A 39 -24.05 -15.62 -9.75
C LEU A 39 -23.86 -16.10 -11.18
N ASP A 40 -23.16 -17.21 -11.33
CA ASP A 40 -23.13 -17.94 -12.58
C ASP A 40 -23.99 -19.18 -12.36
N ASP A 41 -25.29 -19.01 -12.57
CA ASP A 41 -26.27 -20.08 -12.36
C ASP A 41 -26.03 -21.26 -13.30
N ALA A 42 -26.29 -22.45 -12.79
CA ALA A 42 -26.15 -23.67 -13.59
C ALA A 42 -27.25 -23.70 -14.66
N ASN A 43 -26.90 -24.18 -15.86
CA ASN A 43 -27.87 -24.27 -16.96
C ASN A 43 -29.10 -25.09 -16.58
N ASP A 44 -28.88 -26.29 -16.02
CA ASP A 44 -29.98 -27.17 -15.63
C ASP A 44 -30.59 -26.82 -14.28
N ALA A 45 -30.14 -25.75 -13.66
CA ALA A 45 -30.67 -25.34 -12.37
C ALA A 45 -32.13 -24.89 -12.47
N GLY A 46 -32.99 -25.53 -11.68
CA GLY A 46 -34.40 -25.16 -11.63
C GLY A 46 -35.31 -26.13 -12.38
N GLY A 47 -34.71 -27.04 -13.15
CA GLY A 47 -35.47 -27.94 -13.99
C GLY A 47 -35.62 -29.35 -13.47
N LYS A 48 -35.63 -30.29 -14.40
CA LYS A 48 -35.85 -31.70 -14.09
C LYS A 48 -34.61 -32.27 -13.41
N HIS A 49 -33.46 -31.76 -13.82
CA HIS A 49 -32.20 -32.25 -13.28
C HIS A 49 -31.68 -31.40 -12.10
N SER A 50 -32.56 -30.59 -11.52
CA SER A 50 -32.24 -29.77 -10.36
C SER A 50 -31.39 -30.51 -9.31
N LEU A 51 -31.92 -31.60 -8.79
CA LEU A 51 -31.25 -32.33 -7.71
C LEU A 51 -29.96 -33.01 -8.14
N GLU A 52 -29.54 -32.79 -9.38
CA GLU A 52 -28.27 -33.29 -9.86
C GLU A 52 -27.29 -32.14 -9.99
N CYS A 53 -27.80 -30.94 -9.74
CA CYS A 53 -26.99 -29.73 -9.81
C CYS A 53 -26.36 -29.37 -8.46
N THR A 54 -25.10 -28.91 -8.52
CA THR A 54 -24.36 -28.46 -7.34
C THR A 54 -24.13 -26.96 -7.44
N LEU A 55 -24.47 -26.24 -6.36
CA LEU A 55 -24.04 -24.84 -6.21
C LEU A 55 -22.70 -24.76 -5.46
N ILE A 56 -21.69 -24.19 -6.13
CA ILE A 56 -20.41 -23.95 -5.50
C ILE A 56 -20.39 -22.57 -4.83
N LEU A 57 -20.40 -22.56 -3.50
CA LEU A 57 -20.22 -21.34 -2.71
C LEU A 57 -18.73 -21.10 -2.42
N THR A 58 -18.17 -20.03 -2.96
CA THR A 58 -16.74 -19.80 -2.85
C THR A 58 -16.39 -18.70 -1.85
N GLU A 59 -15.17 -18.77 -1.32
CA GLU A 59 -14.63 -17.71 -0.48
C GLU A 59 -14.03 -16.60 -1.35
N GLY A 60 -14.85 -15.62 -1.68
CA GLY A 60 -14.39 -14.47 -2.46
C GLY A 60 -14.40 -14.73 -3.94
N ASP A 61 -14.26 -13.65 -4.72
CA ASP A 61 -14.40 -13.71 -6.18
C ASP A 61 -13.28 -14.50 -6.84
N SER A 62 -12.08 -14.42 -6.29
CA SER A 62 -10.93 -15.11 -6.87
C SER A 62 -11.12 -16.63 -6.89
N ALA A 63 -11.64 -17.18 -5.79
CA ALA A 63 -11.94 -18.60 -5.73
C ALA A 63 -13.07 -18.94 -6.68
N LYS A 64 -13.97 -17.99 -6.90
CA LYS A 64 -15.07 -18.14 -7.84
C LYS A 64 -14.51 -18.23 -9.25
N SER A 65 -13.51 -17.40 -9.54
CA SER A 65 -12.86 -17.38 -10.86
C SER A 65 -12.13 -18.68 -11.17
N LEU A 66 -11.36 -19.18 -10.22
CA LEU A 66 -10.68 -20.45 -10.39
C LEU A 66 -11.68 -21.59 -10.55
N ALA A 67 -12.81 -21.51 -9.86
CA ALA A 67 -13.85 -22.51 -10.01
C ALA A 67 -14.48 -22.44 -11.39
N VAL A 68 -14.74 -21.22 -11.85
CA VAL A 68 -15.27 -20.99 -13.20
C VAL A 68 -14.32 -21.48 -14.30
N SER A 69 -13.02 -21.29 -14.09
CA SER A 69 -12.01 -21.72 -15.07
C SER A 69 -11.92 -23.23 -15.19
N GLY A 70 -11.89 -23.91 -14.05
CA GLY A 70 -11.80 -25.36 -14.02
C GLY A 70 -13.13 -26.06 -14.25
N LEU A 71 -14.19 -25.29 -14.43
CA LEU A 71 -15.53 -25.85 -14.59
C LEU A 71 -15.91 -25.94 -16.07
N GLY A 72 -16.36 -24.81 -16.62
CA GLY A 72 -16.77 -24.71 -18.00
C GLY A 72 -15.67 -25.12 -18.97
N VAL A 73 -16.03 -25.36 -20.23
CA VAL A 73 -17.40 -25.19 -20.73
C VAL A 73 -18.34 -26.32 -20.33
N ILE A 74 -17.80 -27.54 -20.30
CA ILE A 74 -18.57 -28.76 -20.05
C ILE A 74 -19.32 -28.73 -18.71
N GLY A 75 -18.64 -28.34 -17.65
CA GLY A 75 -19.22 -28.33 -16.31
C GLY A 75 -20.27 -27.27 -16.02
N ARG A 76 -20.61 -26.47 -17.03
CA ARG A 76 -21.55 -25.35 -16.86
C ARG A 76 -23.02 -25.78 -16.65
N ASP A 77 -23.33 -27.03 -16.95
CA ASP A 77 -24.71 -27.50 -16.90
C ASP A 77 -25.17 -27.91 -15.50
N ARG A 78 -24.32 -28.62 -14.78
CA ARG A 78 -24.69 -29.15 -13.49
C ARG A 78 -24.04 -28.39 -12.32
N TYR A 79 -23.19 -27.42 -12.62
CA TYR A 79 -22.47 -26.67 -11.59
C TYR A 79 -22.65 -25.16 -11.70
N GLY A 80 -23.27 -24.56 -10.68
CA GLY A 80 -23.31 -23.12 -10.56
C GLY A 80 -22.22 -22.62 -9.61
N VAL A 81 -21.82 -21.36 -9.76
CA VAL A 81 -20.86 -20.74 -8.85
C VAL A 81 -21.32 -19.37 -8.29
N PHE A 82 -21.17 -19.16 -6.97
CA PHE A 82 -21.54 -17.90 -6.32
C PHE A 82 -20.54 -17.50 -5.21
N PRO A 83 -19.93 -16.31 -5.33
CA PRO A 83 -18.93 -15.91 -4.34
C PRO A 83 -19.55 -15.28 -3.10
N LEU A 84 -19.04 -15.65 -1.94
CA LEU A 84 -19.33 -14.94 -0.69
C LEU A 84 -18.11 -14.09 -0.30
N ARG A 85 -18.37 -12.85 0.09
CA ARG A 85 -17.29 -11.96 0.52
C ARG A 85 -17.38 -11.63 2.00
N GLY A 86 -16.44 -12.13 2.78
CA GLY A 86 -16.41 -11.86 4.21
C GLY A 86 -17.18 -12.89 5.02
N LYS A 87 -16.88 -12.96 6.32
CA LYS A 87 -17.61 -13.84 7.23
C LYS A 87 -19.12 -13.60 7.16
N ILE A 88 -19.90 -14.68 7.22
CA ILE A 88 -21.36 -14.59 7.14
CA ILE A 88 -21.35 -14.52 7.16
C ILE A 88 -21.98 -14.55 8.55
N LEU A 89 -23.23 -14.11 8.59
CA LEU A 89 -24.01 -14.06 9.82
C LEU A 89 -24.13 -15.45 10.47
N ASN A 90 -23.77 -15.54 11.74
CA ASN A 90 -24.16 -16.66 12.57
C ASN A 90 -25.66 -16.54 12.88
N VAL A 91 -26.49 -17.26 12.12
CA VAL A 91 -27.95 -17.13 12.19
C VAL A 91 -28.59 -17.78 13.43
N ARG A 92 -27.87 -18.72 14.04
CA ARG A 92 -28.43 -19.56 15.11
C ARG A 92 -29.15 -18.78 16.19
N GLU A 93 -28.57 -17.66 16.63
CA GLU A 93 -29.27 -16.78 17.56
C GLU A 93 -29.28 -15.30 17.12
N ALA A 94 -29.15 -15.05 15.82
CA ALA A 94 -29.27 -13.69 15.29
C ALA A 94 -30.71 -13.21 15.39
N SER A 95 -30.90 -11.89 15.48
CA SER A 95 -32.24 -11.30 15.53
C SER A 95 -32.97 -11.49 14.21
N HIS A 96 -34.29 -11.35 14.26
CA HIS A 96 -35.11 -11.55 13.06
C HIS A 96 -34.78 -10.51 11.98
N LYS A 97 -34.60 -9.26 12.43
CA LYS A 97 -34.27 -8.16 11.52
C LYS A 97 -32.96 -8.46 10.78
N GLN A 98 -31.96 -8.87 11.55
CA GLN A 98 -30.64 -9.14 10.99
C GLN A 98 -30.69 -10.27 9.95
N ILE A 99 -31.40 -11.34 10.28
CA ILE A 99 -31.58 -12.45 9.35
C ILE A 99 -32.35 -12.02 8.10
N MET A 100 -33.42 -11.27 8.27
CA MET A 100 -34.25 -10.87 7.13
C MET A 100 -33.52 -9.88 6.22
N GLU A 101 -32.53 -9.18 6.77
CA GLU A 101 -31.82 -8.15 6.01
C GLU A 101 -30.47 -8.59 5.45
N ASN A 102 -29.97 -9.73 5.88
CA ASN A 102 -28.68 -10.20 5.39
C ASN A 102 -28.68 -10.52 3.90
N ALA A 103 -27.88 -9.77 3.16
CA ALA A 103 -27.75 -9.97 1.72
C ALA A 103 -27.31 -11.39 1.35
N GLU A 104 -26.32 -11.91 2.06
CA GLU A 104 -25.72 -13.19 1.69
C GLU A 104 -26.64 -14.37 1.92
N ILE A 105 -27.26 -14.43 3.08
CA ILE A 105 -28.16 -15.53 3.40
C ILE A 105 -29.33 -15.53 2.43
N ASN A 106 -29.92 -14.36 2.19
CA ASN A 106 -31.00 -14.22 1.23
C ASN A 106 -30.64 -14.66 -0.18
N ASN A 107 -29.44 -14.30 -0.64
CA ASN A 107 -29.05 -14.70 -1.98
C ASN A 107 -28.94 -16.22 -2.13
N ILE A 108 -28.49 -16.88 -1.07
CA ILE A 108 -28.32 -18.33 -1.07
C ILE A 108 -29.68 -19.00 -1.09
N ILE A 109 -30.61 -18.45 -0.31
CA ILE A 109 -31.96 -18.97 -0.20
C ILE A 109 -32.64 -18.93 -1.56
N LYS A 110 -32.48 -17.82 -2.26
CA LYS A 110 -33.14 -17.62 -3.54
C LYS A 110 -32.51 -18.53 -4.59
N ILE A 111 -31.18 -18.53 -4.64
CA ILE A 111 -30.45 -19.30 -5.64
C ILE A 111 -30.76 -20.80 -5.53
N VAL A 112 -30.87 -21.27 -4.30
CA VAL A 112 -31.07 -22.70 -4.04
C VAL A 112 -32.54 -23.10 -4.11
N GLY A 113 -33.43 -22.15 -3.80
CA GLY A 113 -34.85 -22.45 -3.78
C GLY A 113 -35.38 -22.82 -2.41
N LEU A 114 -34.57 -22.58 -1.38
CA LEU A 114 -34.92 -22.96 -0.03
C LEU A 114 -36.07 -22.10 0.47
N GLN A 115 -36.72 -22.58 1.53
CA GLN A 115 -37.83 -21.90 2.18
C GLN A 115 -37.78 -22.17 3.67
N TYR A 116 -37.85 -21.13 4.49
CA TYR A 116 -37.87 -21.31 5.93
C TYR A 116 -39.05 -22.19 6.40
N LYS A 117 -38.84 -22.90 7.50
CA LYS A 117 -39.88 -23.73 8.12
C LYS A 117 -40.32 -24.98 7.30
N LYS A 118 -39.93 -25.04 6.03
CA LYS A 118 -40.18 -26.22 5.22
C LYS A 118 -39.22 -27.36 5.57
N SER A 119 -39.74 -28.43 6.16
CA SER A 119 -38.97 -29.64 6.38
C SER A 119 -38.62 -30.26 5.03
N TYR A 120 -37.49 -30.95 4.97
CA TYR A 120 -37.12 -31.70 3.78
C TYR A 120 -36.93 -33.18 4.12
N ASP A 121 -37.91 -33.72 4.85
CA ASP A 121 -37.88 -35.09 5.33
C ASP A 121 -38.11 -36.15 4.24
N ASP A 122 -39.03 -35.88 3.31
CA ASP A 122 -39.32 -36.85 2.25
C ASP A 122 -38.58 -36.56 0.94
N ALA A 123 -38.77 -37.44 -0.04
CA ALA A 123 -38.08 -37.31 -1.32
C ALA A 123 -38.94 -36.60 -2.37
N GLU A 124 -40.10 -36.11 -1.95
CA GLU A 124 -40.99 -35.39 -2.86
C GLU A 124 -40.92 -33.88 -2.58
N SER A 125 -40.54 -33.53 -1.35
CA SER A 125 -40.37 -32.13 -0.96
C SER A 125 -39.09 -31.54 -1.54
N LEU A 126 -38.11 -32.39 -1.82
CA LEU A 126 -36.87 -31.95 -2.44
C LEU A 126 -37.03 -31.51 -3.90
N LYS A 127 -38.26 -31.48 -4.39
CA LYS A 127 -38.53 -31.16 -5.80
C LYS A 127 -38.57 -29.66 -6.04
N THR A 128 -38.77 -28.90 -4.97
CA THR A 128 -38.86 -27.45 -5.05
C THR A 128 -37.49 -26.77 -5.18
N LEU A 129 -36.43 -27.50 -4.86
CA LEU A 129 -35.06 -26.96 -4.89
C LEU A 129 -34.50 -26.80 -6.30
N ARG A 130 -33.80 -25.68 -6.52
CA ARG A 130 -33.11 -25.45 -7.79
C ARG A 130 -31.77 -26.20 -7.86
N TYR A 131 -31.22 -26.55 -6.71
CA TYR A 131 -29.93 -27.26 -6.62
C TYR A 131 -30.05 -28.38 -5.61
N GLY A 132 -29.34 -29.47 -5.85
CA GLY A 132 -29.44 -30.64 -4.98
C GLY A 132 -28.31 -30.73 -3.99
N LYS A 133 -27.20 -30.09 -4.32
CA LYS A 133 -26.05 -30.08 -3.44
C LYS A 133 -25.41 -28.68 -3.39
N ILE A 134 -24.90 -28.30 -2.21
CA ILE A 134 -24.01 -27.14 -2.08
C ILE A 134 -22.59 -27.59 -1.82
N MET A 135 -21.67 -27.15 -2.66
CA MET A 135 -20.25 -27.43 -2.45
C MET A 135 -19.53 -26.16 -1.99
N ILE A 136 -19.04 -26.20 -0.74
CA ILE A 136 -18.33 -25.07 -0.12
C ILE A 136 -16.86 -25.09 -0.51
N MET A 137 -16.38 -23.97 -1.05
CA MET A 137 -15.00 -23.90 -1.50
C MET A 137 -14.26 -22.71 -0.87
N THR A 138 -13.51 -22.96 0.19
CA THR A 138 -12.82 -21.89 0.89
C THR A 138 -11.31 -22.04 0.76
N ASP A 139 -10.59 -21.00 1.16
CA ASP A 139 -9.15 -21.12 1.38
C ASP A 139 -8.89 -22.32 2.28
N GLN A 140 -7.76 -22.99 2.06
CA GLN A 140 -7.33 -24.12 2.88
C GLN A 140 -6.63 -23.65 4.14
N ASP A 141 -7.30 -22.77 4.90
CA ASP A 141 -6.72 -22.19 6.10
C ASP A 141 -7.80 -22.03 7.17
N GLN A 142 -7.44 -21.49 8.33
CA GLN A 142 -8.34 -21.54 9.47
C GLN A 142 -9.58 -20.65 9.28
N ASP A 143 -9.39 -19.50 8.67
CA ASP A 143 -10.52 -18.62 8.42
C ASP A 143 -11.48 -19.24 7.40
N GLY A 144 -10.92 -19.97 6.45
CA GLY A 144 -11.68 -20.82 5.55
C GLY A 144 -12.54 -21.80 6.31
N SER A 145 -11.95 -22.51 7.28
CA SER A 145 -12.71 -23.47 8.07
C SER A 145 -13.88 -22.79 8.77
N HIS A 146 -13.66 -21.54 9.19
CA HIS A 146 -14.66 -20.81 9.94
C HIS A 146 -15.88 -20.49 9.07
N ILE A 147 -15.62 -20.12 7.81
CA ILE A 147 -16.69 -19.88 6.85
C ILE A 147 -17.45 -21.17 6.52
N LYS A 148 -16.72 -22.27 6.28
CA LYS A 148 -17.33 -23.59 6.15
C LYS A 148 -18.29 -23.79 7.30
N GLY A 149 -17.77 -23.64 8.51
CA GLY A 149 -18.53 -23.84 9.72
C GLY A 149 -19.78 -22.97 9.76
N LEU A 150 -19.65 -21.70 9.39
CA LEU A 150 -20.77 -20.77 9.42
C LEU A 150 -21.85 -21.13 8.38
N LEU A 151 -21.43 -21.65 7.24
CA LEU A 151 -22.35 -22.13 6.23
C LEU A 151 -23.08 -23.39 6.72
N ILE A 152 -22.32 -24.31 7.32
CA ILE A 152 -22.88 -25.52 7.91
C ILE A 152 -23.90 -25.12 8.97
N ASN A 153 -23.49 -24.27 9.89
CA ASN A 153 -24.36 -23.75 10.94
C ASN A 153 -25.69 -23.20 10.40
N PHE A 154 -25.62 -22.51 9.27
CA PHE A 154 -26.78 -21.91 8.63
C PHE A 154 -27.77 -22.99 8.17
N ILE A 155 -27.29 -23.98 7.43
CA ILE A 155 -28.13 -25.09 6.98
C ILE A 155 -28.65 -25.93 8.16
N HIS A 156 -27.79 -26.32 9.07
CA HIS A 156 -28.19 -27.12 10.22
C HIS A 156 -29.27 -26.45 11.05
N HIS A 157 -29.26 -25.12 11.10
CA HIS A 157 -30.19 -24.39 11.95
C HIS A 157 -31.59 -24.31 11.35
N ASN A 158 -31.65 -24.08 10.05
CA ASN A 158 -32.93 -23.90 9.38
C ASN A 158 -33.49 -25.19 8.80
N TRP A 159 -32.60 -26.07 8.32
CA TRP A 159 -33.03 -27.28 7.62
C TRP A 159 -32.17 -28.50 7.95
N PRO A 160 -32.26 -28.97 9.19
CA PRO A 160 -31.42 -30.11 9.59
C PRO A 160 -31.74 -31.35 8.75
N SER A 161 -33.00 -31.48 8.32
CA SER A 161 -33.41 -32.55 7.43
C SER A 161 -32.49 -32.65 6.21
N LEU A 162 -32.16 -31.52 5.63
CA LEU A 162 -31.23 -31.48 4.49
C LEU A 162 -29.85 -32.07 4.81
N LEU A 163 -29.40 -31.96 6.06
CA LEU A 163 -28.09 -32.48 6.44
C LEU A 163 -28.09 -34.00 6.46
N LYS A 164 -29.26 -34.59 6.63
CA LYS A 164 -29.36 -36.05 6.71
C LYS A 164 -29.34 -36.73 5.33
N HIS A 165 -29.81 -36.00 4.31
CA HIS A 165 -29.72 -36.49 2.93
C HIS A 165 -28.31 -36.32 2.35
N GLY A 166 -27.45 -35.59 3.05
CA GLY A 166 -26.13 -35.24 2.57
C GLY A 166 -26.17 -34.09 1.57
N PHE A 167 -26.48 -32.90 2.05
CA PHE A 167 -26.69 -31.75 1.18
C PHE A 167 -25.38 -31.00 0.91
N LEU A 168 -24.46 -31.06 1.87
CA LEU A 168 -23.22 -30.27 1.85
C LEU A 168 -21.97 -31.09 1.52
N GLU A 169 -21.17 -30.56 0.60
CA GLU A 169 -19.88 -31.11 0.26
C GLU A 169 -18.85 -29.99 0.42
N GLU A 170 -17.57 -30.30 0.26
CA GLU A 170 -16.54 -29.27 0.23
C GLU A 170 -15.51 -29.57 -0.85
N PHE A 171 -14.88 -28.52 -1.38
CA PHE A 171 -13.79 -28.71 -2.31
C PHE A 171 -12.46 -28.30 -1.68
N ILE A 172 -11.61 -29.29 -1.45
CA ILE A 172 -10.29 -29.06 -0.85
C ILE A 172 -9.28 -28.73 -1.93
N THR A 173 -8.38 -27.79 -1.66
CA THR A 173 -7.44 -27.33 -2.68
C THR A 173 -5.98 -27.58 -2.28
N ASP A 228 -7.88 -35.34 -11.12
CA ASP A 228 -8.09 -35.78 -9.74
C ASP A 228 -9.16 -34.94 -9.04
N MET A 229 -10.00 -34.28 -9.84
CA MET A 229 -10.98 -33.34 -9.30
C MET A 229 -12.02 -34.00 -8.42
N GLU A 230 -12.10 -35.32 -8.45
CA GLU A 230 -13.03 -36.03 -7.57
C GLU A 230 -12.32 -36.38 -6.27
N ARG A 231 -11.00 -36.41 -6.30
CA ARG A 231 -10.21 -36.67 -5.09
C ARG A 231 -10.14 -35.44 -4.17
N HIS A 232 -10.54 -34.28 -4.70
CA HIS A 232 -10.62 -33.04 -3.93
C HIS A 232 -12.01 -32.86 -3.30
N ARG A 233 -13.01 -33.54 -3.86
CA ARG A 233 -14.39 -33.45 -3.38
C ARG A 233 -14.56 -34.30 -2.13
N ILE A 234 -14.95 -33.68 -1.02
CA ILE A 234 -15.18 -34.39 0.24
C ILE A 234 -16.60 -34.16 0.72
N LEU A 235 -17.27 -35.23 1.15
CA LEU A 235 -18.68 -35.14 1.49
C LEU A 235 -18.92 -35.04 2.97
N PHE A 236 -19.70 -34.06 3.39
CA PHE A 236 -20.07 -33.96 4.79
C PHE A 236 -21.14 -34.99 5.02
N ARG A 237 -21.14 -35.60 6.20
CA ARG A 237 -22.07 -36.67 6.47
C ARG A 237 -22.61 -36.56 7.89
N TYR A 238 -23.92 -36.44 8.02
CA TYR A 238 -24.56 -36.42 9.32
C TYR A 238 -24.69 -37.86 9.81
N ALA A 239 -24.31 -38.12 11.06
CA ALA A 239 -24.28 -39.49 11.54
C ALA A 239 -24.65 -39.63 13.01
N GLY A 240 -25.65 -38.89 13.46
CA GLY A 240 -26.11 -39.03 14.84
C GLY A 240 -26.11 -37.73 15.59
N PRO A 241 -26.83 -37.69 16.73
CA PRO A 241 -26.96 -36.49 17.57
C PRO A 241 -25.63 -35.91 18.10
N GLU A 242 -24.54 -36.67 18.06
CA GLU A 242 -23.26 -36.10 18.46
C GLU A 242 -22.74 -35.09 17.41
N ASP A 243 -23.30 -35.16 16.21
CA ASP A 243 -23.04 -34.16 15.18
C ASP A 243 -23.85 -32.90 15.44
N ASP A 244 -25.07 -33.05 15.95
CA ASP A 244 -25.85 -31.89 16.32
C ASP A 244 -25.15 -31.14 17.46
N ALA A 245 -24.56 -31.90 18.37
CA ALA A 245 -23.99 -31.32 19.58
C ALA A 245 -22.74 -30.53 19.26
N ALA A 246 -21.97 -31.01 18.28
CA ALA A 246 -20.71 -30.40 17.89
C ALA A 246 -20.92 -29.05 17.18
N ILE A 247 -21.93 -28.99 16.33
CA ILE A 247 -22.27 -27.75 15.63
C ILE A 247 -22.80 -26.73 16.62
N THR A 248 -23.53 -27.20 17.62
CA THR A 248 -24.11 -26.35 18.64
C THR A 248 -23.01 -25.81 19.57
N LEU A 249 -22.06 -26.67 19.91
CA LEU A 249 -20.95 -26.30 20.75
C LEU A 249 -20.16 -25.15 20.10
N ALA A 250 -20.07 -25.19 18.79
CA ALA A 250 -19.23 -24.25 18.07
C ALA A 250 -19.92 -22.90 17.81
N PHE A 251 -21.24 -22.92 17.65
CA PHE A 251 -21.93 -21.74 17.14
C PHE A 251 -23.07 -21.18 17.98
N SER A 252 -23.29 -21.73 19.17
CA SER A 252 -24.38 -21.22 20.00
C SER A 252 -23.89 -20.33 21.14
N LYS A 253 -24.54 -19.19 21.31
CA LYS A 253 -24.16 -18.25 22.34
C LYS A 253 -24.34 -18.81 23.74
N LYS A 254 -25.04 -19.95 23.84
CA LYS A 254 -25.31 -20.57 25.13
C LYS A 254 -24.22 -21.57 25.49
N LYS A 255 -23.29 -21.80 24.58
CA LYS A 255 -22.25 -22.77 24.82
C LYS A 255 -20.86 -22.17 25.05
N ILE A 256 -20.81 -20.96 25.62
CA ILE A 256 -19.51 -20.32 25.84
C ILE A 256 -18.67 -21.14 26.82
N ASP A 257 -19.28 -21.57 27.91
CA ASP A 257 -18.59 -22.35 28.93
C ASP A 257 -18.04 -23.64 28.36
N ASP A 258 -18.81 -24.26 27.48
CA ASP A 258 -18.41 -25.52 26.87
C ASP A 258 -17.24 -25.33 25.93
N ARG A 259 -17.24 -24.22 25.20
CA ARG A 259 -16.13 -23.90 24.32
C ARG A 259 -14.84 -23.68 25.11
N LYS A 260 -14.98 -23.13 26.32
CA LYS A 260 -13.83 -22.92 27.18
C LYS A 260 -13.20 -24.27 27.52
N GLU A 261 -14.05 -25.22 27.93
CA GLU A 261 -13.60 -26.57 28.25
C GLU A 261 -13.01 -27.21 27.01
N TRP A 262 -13.77 -27.16 25.92
CA TRP A 262 -13.38 -27.63 24.60
C TRP A 262 -11.95 -27.19 24.24
N LEU A 263 -11.70 -25.89 24.30
CA LEU A 263 -10.39 -25.38 23.91
C LEU A 263 -9.34 -25.66 24.97
N THR A 264 -9.75 -25.73 26.22
CA THR A 264 -8.83 -26.13 27.29
C THR A 264 -8.27 -27.54 27.02
N ASN A 265 -9.15 -28.48 26.70
CA ASN A 265 -8.70 -29.82 26.33
C ASN A 265 -7.75 -29.77 25.15
N PHE A 266 -8.15 -29.04 24.11
CA PHE A 266 -7.29 -28.91 22.93
C PHE A 266 -5.90 -28.33 23.25
N MET A 267 -5.85 -27.28 24.06
CA MET A 267 -4.58 -26.63 24.40
C MET A 267 -3.71 -27.51 25.29
N GLU A 268 -4.34 -28.24 26.21
CA GLU A 268 -3.57 -29.13 27.08
C GLU A 268 -2.99 -30.28 26.28
N ASP A 269 -3.80 -30.84 25.39
CA ASP A 269 -3.39 -31.94 24.54
C ASP A 269 -2.23 -31.57 23.61
N ARG A 270 -2.31 -30.40 22.98
CA ARG A 270 -1.27 -30.01 22.05
C ARG A 270 0.02 -29.65 22.79
N ARG A 271 -0.11 -29.32 24.07
CA ARG A 271 1.03 -29.02 24.92
C ARG A 271 1.73 -30.33 25.23
N GLN A 272 0.94 -31.37 25.50
CA GLN A 272 1.43 -32.73 25.70
C GLN A 272 2.23 -33.23 24.49
N ARG A 273 1.61 -33.19 23.31
CA ARG A 273 2.24 -33.63 22.08
C ARG A 273 3.50 -32.83 21.71
N ARG A 274 3.61 -31.60 22.21
CA ARG A 274 4.78 -30.75 21.96
C ARG A 274 6.00 -31.29 22.71
N LEU A 275 5.77 -31.84 23.90
CA LEU A 275 6.83 -32.49 24.68
C LEU A 275 7.24 -33.83 24.06
N HIS A 276 6.33 -34.45 23.33
CA HIS A 276 6.57 -35.74 22.68
C HIS A 276 6.60 -35.58 21.15
N GLY A 277 5.53 -36.00 20.47
CA GLY A 277 5.45 -35.89 19.02
C GLY A 277 4.07 -35.71 18.40
N LEU A 278 3.96 -34.73 17.49
CA LEU A 278 2.71 -34.36 16.79
C LEU A 278 1.45 -34.45 17.66
N LYS A 289 -12.66 -39.53 2.23
CA LYS A 289 -13.79 -39.08 1.41
C LYS A 289 -15.02 -38.58 2.20
N HIS A 290 -15.28 -39.18 3.35
CA HIS A 290 -16.40 -38.73 4.19
C HIS A 290 -15.90 -38.05 5.45
N LEU A 291 -16.65 -37.06 5.91
CA LEU A 291 -16.28 -36.29 7.09
C LEU A 291 -17.51 -35.99 7.92
N THR A 292 -17.59 -36.56 9.11
CA THR A 292 -18.72 -36.27 9.99
C THR A 292 -18.63 -34.82 10.43
N TYR A 293 -19.77 -34.23 10.78
CA TYR A 293 -19.77 -32.86 11.28
C TYR A 293 -19.00 -32.80 12.59
N ASN A 294 -19.13 -33.84 13.39
CA ASN A 294 -18.41 -33.96 14.64
C ASN A 294 -16.90 -33.92 14.42
N ASP A 295 -16.41 -34.57 13.36
CA ASP A 295 -14.96 -34.57 13.08
C ASP A 295 -14.49 -33.25 12.50
N PHE A 296 -15.37 -32.56 11.80
CA PHE A 296 -15.05 -31.27 11.23
C PHE A 296 -14.86 -30.25 12.35
N ILE A 297 -15.87 -30.17 13.21
CA ILE A 297 -15.83 -29.29 14.37
C ILE A 297 -14.63 -29.59 15.28
N ASN A 298 -14.49 -30.83 15.74
CA ASN A 298 -13.45 -31.16 16.73
C ASN A 298 -12.05 -31.36 16.14
N LYS A 299 -11.92 -31.42 14.82
CA LYS A 299 -10.58 -31.61 14.23
C LYS A 299 -10.16 -30.52 13.25
N GLU A 300 -11.10 -29.70 12.79
CA GLU A 300 -10.76 -28.62 11.86
C GLU A 300 -11.15 -27.22 12.36
N LEU A 301 -12.43 -27.05 12.72
CA LEU A 301 -12.89 -25.74 13.16
C LEU A 301 -12.10 -25.28 14.38
N ILE A 302 -11.79 -26.22 15.26
CA ILE A 302 -11.11 -25.93 16.51
C ILE A 302 -9.72 -25.31 16.26
N LEU A 303 -9.13 -25.63 15.11
CA LEU A 303 -7.89 -24.97 14.70
C LEU A 303 -8.12 -23.48 14.43
N PHE A 304 -9.29 -23.11 13.94
CA PHE A 304 -9.59 -21.71 13.76
C PHE A 304 -9.84 -21.07 15.11
N SER A 305 -10.65 -21.73 15.92
CA SER A 305 -11.03 -21.21 17.21
C SER A 305 -9.79 -20.93 18.04
N ASN A 306 -8.81 -21.82 17.93
CA ASN A 306 -7.56 -21.64 18.64
C ASN A 306 -6.75 -20.47 18.06
N SER A 307 -6.50 -20.49 16.75
CA SER A 307 -5.85 -19.35 16.09
C SER A 307 -6.54 -18.01 16.37
N ASP A 308 -7.85 -18.05 16.57
CA ASP A 308 -8.61 -16.83 16.87
C ASP A 308 -8.08 -16.25 18.18
N ASN A 309 -7.88 -17.14 19.16
CA ASN A 309 -7.30 -16.75 20.43
C ASN A 309 -5.87 -16.28 20.31
N GLU A 310 -5.06 -17.00 19.57
CA GLU A 310 -3.66 -16.62 19.39
C GLU A 310 -3.49 -15.26 18.73
N ARG A 311 -4.45 -14.83 17.91
CA ARG A 311 -4.31 -13.55 17.23
C ARG A 311 -5.06 -12.40 17.90
N SER A 312 -5.91 -12.72 18.85
CA SER A 312 -6.81 -11.71 19.43
C SER A 312 -6.51 -11.43 20.90
N ILE A 313 -5.89 -12.39 21.57
CA ILE A 313 -5.62 -12.23 22.98
C ILE A 313 -4.13 -12.02 23.20
N PRO A 314 -3.77 -10.88 23.82
CA PRO A 314 -2.36 -10.46 23.87
C PRO A 314 -1.54 -11.28 24.82
N SER A 315 -0.22 -11.20 24.68
CA SER A 315 0.70 -11.78 25.63
C SER A 315 0.87 -10.89 26.85
N LEU A 316 0.98 -11.51 28.02
CA LEU A 316 1.27 -10.79 29.26
C LEU A 316 2.63 -10.08 29.19
N VAL A 317 3.60 -10.72 28.53
CA VAL A 317 4.98 -10.25 28.59
C VAL A 317 5.16 -8.86 28.00
N ASP A 318 4.71 -8.67 26.76
CA ASP A 318 4.89 -7.37 26.12
C ASP A 318 3.58 -6.63 25.85
N GLY A 319 2.45 -7.26 26.17
CA GLY A 319 1.15 -6.64 25.90
C GLY A 319 0.70 -6.63 24.44
N PHE A 320 1.38 -7.39 23.59
CA PHE A 320 1.10 -7.39 22.16
C PHE A 320 0.33 -8.61 21.73
N LYS A 321 -0.41 -8.47 20.64
CA LYS A 321 -0.86 -9.59 19.84
C LYS A 321 0.15 -9.80 18.70
N PRO A 322 0.07 -10.94 17.99
CA PRO A 322 1.06 -11.21 16.95
C PRO A 322 1.16 -10.15 15.85
N GLY A 323 0.03 -9.63 15.38
CA GLY A 323 0.06 -8.61 14.35
C GLY A 323 0.73 -7.33 14.83
N GLN A 324 0.36 -6.89 16.05
CA GLN A 324 1.00 -5.72 16.63
C GLN A 324 2.50 -5.95 16.78
N ARG A 325 2.85 -7.15 17.24
CA ARG A 325 4.25 -7.47 17.46
C ARG A 325 5.04 -7.36 16.16
N LYS A 326 4.48 -7.90 15.07
CA LYS A 326 5.12 -7.79 13.75
C LYS A 326 5.28 -6.34 13.32
N VAL A 327 4.32 -5.49 13.66
CA VAL A 327 4.44 -4.07 13.33
C VAL A 327 5.65 -3.45 14.03
N LEU A 328 5.80 -3.72 15.32
CA LEU A 328 6.93 -3.19 16.06
C LEU A 328 8.25 -3.75 15.55
N PHE A 329 8.30 -5.06 15.36
CA PHE A 329 9.47 -5.73 14.79
C PHE A 329 9.91 -5.08 13.48
N THR A 330 8.97 -4.88 12.57
CA THR A 330 9.27 -4.28 11.28
C THR A 330 9.82 -2.87 11.47
N CYS A 331 9.18 -2.08 12.34
CA CYS A 331 9.63 -0.72 12.63
C CYS A 331 11.04 -0.65 13.23
N PHE A 332 11.31 -1.52 14.19
CA PHE A 332 12.62 -1.56 14.84
C PHE A 332 13.68 -1.86 13.79
N LYS A 333 13.35 -2.75 12.87
CA LYS A 333 14.27 -3.13 11.81
C LYS A 333 14.50 -2.04 10.77
N ARG A 334 13.45 -1.35 10.36
CA ARG A 334 13.59 -0.27 9.40
C ARG A 334 14.40 0.87 9.99
N ASN A 335 14.11 1.22 11.24
CA ASN A 335 14.75 2.33 11.91
C ASN A 335 14.51 3.64 11.17
N ASP A 336 13.25 3.91 10.84
CA ASP A 336 12.89 5.09 10.06
C ASP A 336 13.21 6.38 10.77
N LYS A 337 14.05 7.20 10.15
CA LYS A 337 14.39 8.49 10.73
C LYS A 337 13.42 9.56 10.25
N ARG A 338 12.63 9.24 9.23
CA ARG A 338 11.52 10.11 8.81
C ARG A 338 10.19 9.36 8.69
N GLU A 339 9.07 10.10 8.60
CA GLU A 339 7.75 9.50 8.57
C GLU A 339 7.52 8.59 7.36
N VAL A 340 6.67 7.57 7.55
CA VAL A 340 6.32 6.63 6.51
C VAL A 340 4.79 6.58 6.36
N LYS A 341 4.27 6.54 5.14
CA LYS A 341 2.84 6.32 4.91
C LYS A 341 2.39 5.06 5.63
N VAL A 342 1.28 5.15 6.34
CA VAL A 342 0.78 3.98 7.06
C VAL A 342 0.60 2.80 6.13
N ALA A 343 0.03 3.05 4.95
CA ALA A 343 -0.18 2.02 3.94
C ALA A 343 1.14 1.39 3.49
N GLN A 344 2.16 2.22 3.31
CA GLN A 344 3.46 1.69 2.91
CA GLN A 344 3.47 1.72 2.90
C GLN A 344 4.08 0.87 4.02
N LEU A 345 3.97 1.36 5.26
CA LEU A 345 4.48 0.62 6.40
C LEU A 345 3.80 -0.75 6.49
N ALA A 346 2.49 -0.77 6.28
CA ALA A 346 1.75 -2.02 6.31
C ALA A 346 2.29 -3.05 5.29
N GLY A 347 2.56 -2.60 4.05
CA GLY A 347 3.14 -3.46 3.05
C GLY A 347 4.51 -4.01 3.47
N SER A 348 5.29 -3.13 4.09
CA SER A 348 6.60 -3.48 4.63
C SER A 348 6.54 -4.50 5.78
N VAL A 349 5.54 -4.40 6.64
CA VAL A 349 5.33 -5.40 7.68
C VAL A 349 4.99 -6.74 7.05
N ALA A 350 4.05 -6.73 6.11
CA ALA A 350 3.68 -7.93 5.37
C ALA A 350 4.90 -8.64 4.77
N GLU A 351 5.78 -7.87 4.14
CA GLU A 351 7.00 -8.37 3.53
C GLU A 351 7.98 -8.90 4.58
N MET A 352 8.37 -8.05 5.53
CA MET A 352 9.44 -8.37 6.48
C MET A 352 9.06 -9.34 7.60
N SER A 353 7.77 -9.45 7.91
CA SER A 353 7.37 -10.29 9.02
C SER A 353 6.47 -11.45 8.62
N ALA A 354 6.27 -11.64 7.31
CA ALA A 354 5.49 -12.75 6.79
C ALA A 354 4.10 -12.75 7.41
N TYR A 355 3.44 -11.61 7.29
CA TYR A 355 2.06 -11.48 7.71
C TYR A 355 1.17 -11.98 6.58
N HIS A 356 0.42 -13.06 6.82
CA HIS A 356 -0.38 -13.65 5.74
C HIS A 356 -1.86 -13.29 5.84
N HIS A 357 -2.17 -11.99 5.86
CA HIS A 357 -3.55 -11.57 5.93
C HIS A 357 -3.74 -10.29 5.14
N GLY A 358 -5.00 -9.94 4.91
CA GLY A 358 -5.35 -8.72 4.22
C GLY A 358 -4.71 -7.56 4.94
N GLU A 359 -4.34 -6.53 4.19
CA GLU A 359 -3.49 -5.51 4.74
C GLU A 359 -4.28 -4.41 5.40
N GLN A 360 -5.58 -4.31 5.12
CA GLN A 360 -6.40 -3.27 5.76
CA GLN A 360 -6.40 -3.27 5.75
C GLN A 360 -6.44 -3.50 7.27
N ALA A 361 -6.44 -4.77 7.66
CA ALA A 361 -6.38 -5.10 9.07
C ALA A 361 -5.11 -4.52 9.67
N LEU A 362 -3.96 -4.76 9.03
CA LEU A 362 -2.68 -4.22 9.50
C LEU A 362 -2.73 -2.70 9.60
N MET A 363 -3.25 -2.05 8.57
CA MET A 363 -3.31 -0.59 8.58
C MET A 363 -4.13 -0.10 9.76
N MET A 364 -5.24 -0.79 10.04
CA MET A 364 -6.05 -0.43 11.19
C MET A 364 -5.29 -0.64 12.49
N THR A 365 -4.53 -1.72 12.57
CA THR A 365 -3.70 -1.98 13.73
C THR A 365 -2.61 -0.91 13.95
N ILE A 366 -1.94 -0.51 12.86
CA ILE A 366 -0.95 0.54 12.95
C ILE A 366 -1.58 1.83 13.49
N VAL A 367 -2.79 2.13 13.04
CA VAL A 367 -3.49 3.33 13.48
C VAL A 367 -3.80 3.25 14.99
N ASN A 368 -4.19 2.08 15.44
CA ASN A 368 -4.52 1.84 16.83
C ASN A 368 -3.29 2.01 17.73
N LEU A 369 -2.12 1.59 17.24
CA LEU A 369 -0.86 1.74 17.98
C LEU A 369 -0.37 3.18 18.04
N ALA A 370 -0.90 4.04 17.20
CA ALA A 370 -0.39 5.41 17.13
C ALA A 370 -1.31 6.40 17.86
N GLN A 371 -2.52 5.97 18.18
CA GLN A 371 -3.52 6.90 18.68
C GLN A 371 -3.18 7.38 20.07
N ASN A 372 -3.45 8.65 20.32
CA ASN A 372 -3.01 9.28 21.55
C ASN A 372 -4.05 10.16 22.22
N PHE A 373 -5.30 10.02 21.81
CA PHE A 373 -6.38 10.79 22.43
C PHE A 373 -6.80 10.15 23.75
N VAL A 374 -7.62 10.86 24.51
CA VAL A 374 -8.02 10.40 25.84
C VAL A 374 -8.86 9.12 25.80
N GLY A 375 -8.35 8.07 26.43
CA GLY A 375 -9.03 6.78 26.42
C GLY A 375 -8.45 5.79 25.42
N SER A 376 -7.43 6.20 24.66
CA SER A 376 -6.71 5.26 23.79
C SER A 376 -5.42 4.78 24.46
N ASN A 377 -4.26 5.20 23.95
CA ASN A 377 -2.98 4.75 24.49
C ASN A 377 -2.40 5.72 25.53
N ASN A 378 -2.03 5.20 26.69
CA ASN A 378 -1.28 6.01 27.65
C ASN A 378 0.09 6.35 27.10
N ILE A 379 0.74 5.36 26.48
CA ILE A 379 1.98 5.57 25.74
C ILE A 379 1.90 4.96 24.33
N ASN A 380 1.68 5.80 23.33
CA ASN A 380 1.69 5.33 21.95
C ASN A 380 3.11 5.09 21.45
N LEU A 381 3.38 3.85 21.04
CA LEU A 381 4.71 3.46 20.58
C LEU A 381 5.02 3.99 19.17
N LEU A 382 3.97 4.38 18.45
CA LEU A 382 4.07 4.95 17.12
C LEU A 382 3.48 6.36 17.12
N GLN A 383 4.07 7.28 16.35
CA GLN A 383 3.62 8.68 16.31
C GLN A 383 2.49 8.88 15.33
N PRO A 384 1.39 9.50 15.77
CA PRO A 384 0.29 9.77 14.85
C PRO A 384 0.56 11.06 14.09
N ILE A 385 1.29 10.94 12.99
CA ILE A 385 1.58 12.09 12.14
C ILE A 385 0.47 12.26 11.08
N GLY A 386 -0.50 13.12 11.41
CA GLY A 386 -1.67 13.30 10.56
C GLY A 386 -2.93 13.01 11.36
N GLN A 387 -4.07 12.91 10.68
CA GLN A 387 -5.33 12.68 11.39
C GLN A 387 -5.52 11.17 11.66
N PHE A 388 -5.19 10.76 12.88
CA PHE A 388 -5.37 9.38 13.30
C PHE A 388 -6.63 9.18 14.13
N GLY A 389 -7.49 10.19 14.16
CA GLY A 389 -8.68 10.11 14.99
C GLY A 389 -8.59 10.93 16.27
N THR A 390 -9.74 11.23 16.85
CA THR A 390 -9.84 12.16 17.96
C THR A 390 -10.87 11.63 18.94
N ARG A 391 -10.98 12.25 20.08
CA ARG A 391 -11.95 11.83 21.06
C ARG A 391 -13.34 12.29 20.67
N LEU A 392 -13.44 13.08 19.61
CA LEU A 392 -14.73 13.53 19.10
CA LEU A 392 -14.74 13.52 19.11
C LEU A 392 -15.53 12.31 18.61
N HIS A 393 -14.86 11.39 17.92
CA HIS A 393 -15.50 10.21 17.37
C HIS A 393 -14.88 8.89 17.74
N GLY A 394 -14.09 8.85 18.80
CA GLY A 394 -13.49 7.60 19.19
C GLY A 394 -12.47 7.07 18.21
N GLY A 395 -11.91 7.96 17.41
CA GLY A 395 -10.90 7.56 16.45
C GLY A 395 -11.48 7.17 15.10
N LYS A 396 -12.79 7.06 15.04
CA LYS A 396 -13.46 6.68 13.82
C LYS A 396 -13.35 7.78 12.77
N ASP A 397 -12.82 8.92 13.17
CA ASP A 397 -12.55 10.02 12.24
C ASP A 397 -11.12 10.01 11.69
N ALA A 398 -10.41 8.91 11.84
CA ALA A 398 -9.08 8.82 11.21
C ALA A 398 -9.17 8.92 9.69
N ALA A 399 -8.17 9.57 9.08
CA ALA A 399 -8.08 9.64 7.63
C ALA A 399 -7.62 8.31 7.07
N SER A 400 -7.58 8.16 5.74
CA SER A 400 -7.18 6.91 5.09
C SER A 400 -5.74 6.66 5.36
N PRO A 401 -5.35 5.39 5.61
CA PRO A 401 -3.96 4.99 5.85
C PRO A 401 -3.06 5.40 4.70
N ARG A 402 -3.65 5.91 3.65
CA ARG A 402 -2.91 6.26 2.45
C ARG A 402 -2.51 7.74 2.46
N TYR A 403 -3.00 8.45 3.47
CA TYR A 403 -2.74 9.88 3.62
C TYR A 403 -2.32 10.25 5.04
N ILE A 404 -1.89 9.27 5.83
CA ILE A 404 -1.37 9.56 7.15
C ILE A 404 -0.04 8.83 7.34
N PHE A 405 0.79 9.36 8.25
CA PHE A 405 2.16 8.90 8.35
C PHE A 405 2.50 8.49 9.78
N THR A 406 3.52 7.66 9.93
CA THR A 406 3.94 7.33 11.27
C THR A 406 5.41 6.96 11.33
N MET A 407 5.91 6.87 12.56
CA MET A 407 7.27 6.42 12.88
C MET A 407 7.33 6.10 14.37
N LEU A 408 8.40 5.47 14.80
CA LEU A 408 8.55 5.14 16.21
C LEU A 408 8.51 6.38 17.12
N SER A 409 7.85 6.23 18.26
CA SER A 409 7.98 7.19 19.35
C SER A 409 9.42 7.08 19.85
N THR A 410 9.96 8.18 20.38
CA THR A 410 11.30 8.14 20.98
C THR A 410 11.30 7.21 22.19
N LEU A 411 10.12 6.97 22.77
CA LEU A 411 9.96 6.11 23.94
C LEU A 411 10.04 4.61 23.63
N ALA A 412 9.93 4.25 22.36
CA ALA A 412 9.80 2.85 21.98
C ALA A 412 11.04 2.03 22.32
N ARG A 413 12.21 2.51 21.90
CA ARG A 413 13.45 1.80 22.21
C ARG A 413 13.92 2.01 23.65
N LEU A 414 13.38 3.00 24.35
CA LEU A 414 13.63 3.12 25.78
C LEU A 414 12.85 2.03 26.51
N LEU A 415 11.64 1.75 26.00
CA LEU A 415 10.79 0.70 26.57
C LEU A 415 11.21 -0.73 26.14
N PHE A 416 11.70 -0.88 24.92
CA PHE A 416 12.09 -2.18 24.39
C PHE A 416 13.55 -2.11 23.90
N PRO A 417 14.52 -2.06 24.81
CA PRO A 417 15.92 -1.74 24.43
C PRO A 417 16.48 -2.69 23.39
N ALA A 418 17.19 -2.13 22.41
CA ALA A 418 17.79 -2.92 21.34
C ALA A 418 18.62 -4.08 21.87
N VAL A 419 19.40 -3.83 22.92
CA VAL A 419 20.32 -4.84 23.43
C VAL A 419 19.59 -6.11 23.85
N ASP A 420 18.35 -5.98 24.30
CA ASP A 420 17.58 -7.14 24.71
C ASP A 420 17.14 -8.02 23.55
N ASP A 421 17.17 -7.48 22.32
CA ASP A 421 16.90 -8.29 21.13
C ASP A 421 17.77 -9.54 21.10
N ASN A 422 19.02 -9.44 21.58
CA ASN A 422 19.89 -10.63 21.62
C ASN A 422 19.39 -11.73 22.54
N LEU A 423 18.34 -11.50 23.32
CA LEU A 423 17.84 -12.52 24.23
C LEU A 423 16.49 -13.09 23.79
N LEU A 424 15.94 -12.59 22.69
CA LEU A 424 14.60 -13.03 22.32
C LEU A 424 14.62 -14.27 21.44
N LYS A 425 13.54 -15.01 21.45
CA LYS A 425 13.40 -16.14 20.54
C LYS A 425 12.67 -15.69 19.27
N PHE A 426 13.43 -15.50 18.20
CA PHE A 426 12.85 -15.05 16.94
C PHE A 426 12.27 -16.21 16.15
N LEU A 427 11.02 -16.05 15.70
CA LEU A 427 10.29 -17.10 15.02
C LEU A 427 10.67 -17.19 13.54
N TYR A 428 10.23 -18.28 12.92
CA TYR A 428 10.52 -18.55 11.51
C TYR A 428 9.24 -18.82 10.72
N ASP A 429 9.15 -18.20 9.55
CA ASP A 429 8.08 -18.54 8.62
C ASP A 429 8.65 -18.94 7.27
N ASP A 430 8.71 -20.25 7.05
CA ASP A 430 9.32 -20.84 5.87
C ASP A 430 10.74 -20.34 5.63
N ASN A 431 11.61 -20.59 6.62
CA ASN A 431 13.03 -20.27 6.52
C ASN A 431 13.33 -18.78 6.31
N GLN A 432 12.41 -17.94 6.76
CA GLN A 432 12.64 -16.51 6.92
C GLN A 432 12.46 -16.22 8.41
N ARG A 433 13.41 -15.52 9.01
CA ARG A 433 13.28 -15.20 10.42
C ARG A 433 12.38 -13.97 10.56
N VAL A 434 11.39 -14.04 11.44
CA VAL A 434 10.46 -12.94 11.63
C VAL A 434 10.45 -12.44 13.07
N GLU A 435 9.27 -12.08 13.59
CA GLU A 435 9.17 -11.42 14.91
C GLU A 435 9.41 -12.42 16.04
N PRO A 436 9.73 -11.94 17.26
CA PRO A 436 10.01 -12.89 18.34
C PRO A 436 8.72 -13.39 18.95
N GLU A 437 8.74 -14.45 19.75
CA GLU A 437 7.48 -14.91 20.35
C GLU A 437 6.93 -13.81 21.26
N TRP A 438 7.85 -13.08 21.90
CA TRP A 438 7.53 -11.81 22.53
C TRP A 438 8.76 -10.95 22.76
N TYR A 439 8.53 -9.63 22.84
CA TYR A 439 9.52 -8.72 23.38
C TYR A 439 9.46 -8.72 24.91
N ILE A 440 10.45 -8.10 25.55
CA ILE A 440 10.50 -8.06 27.00
C ILE A 440 10.74 -6.62 27.45
N PRO A 441 9.69 -5.80 27.45
CA PRO A 441 9.81 -4.37 27.75
C PRO A 441 10.23 -4.14 29.21
N ILE A 442 10.66 -2.93 29.56
CA ILE A 442 11.20 -2.69 30.89
C ILE A 442 10.11 -2.50 31.94
N ILE A 443 8.88 -2.26 31.49
CA ILE A 443 7.71 -2.21 32.37
C ILE A 443 6.59 -2.97 31.68
N PRO A 444 5.59 -3.45 32.44
CA PRO A 444 4.60 -4.29 31.77
C PRO A 444 3.65 -3.49 30.88
N MET A 445 4.01 -3.39 29.60
CA MET A 445 3.26 -2.63 28.62
C MET A 445 1.80 -3.06 28.55
N VAL A 446 1.55 -4.35 28.83
CA VAL A 446 0.18 -4.86 28.89
C VAL A 446 -0.76 -4.04 29.80
N LEU A 447 -0.20 -3.41 30.85
CA LEU A 447 -0.99 -2.60 31.77
C LEU A 447 -1.07 -1.14 31.35
N ILE A 448 -0.05 -0.65 30.65
CA ILE A 448 0.02 0.76 30.33
C ILE A 448 -1.04 1.17 29.33
N ASN A 449 -1.24 0.33 28.31
CA ASN A 449 -2.15 0.68 27.22
C ASN A 449 -3.43 -0.15 27.20
N GLY A 450 -3.59 -0.98 28.22
CA GLY A 450 -4.75 -1.82 28.32
C GLY A 450 -4.63 -3.04 27.42
N ALA A 451 -5.76 -3.58 27.03
CA ALA A 451 -5.77 -4.84 26.31
C ALA A 451 -7.21 -5.10 25.91
N GLU A 452 -7.46 -5.12 24.62
CA GLU A 452 -8.80 -5.43 24.17
C GLU A 452 -8.63 -6.60 23.22
N GLY A 453 -9.40 -7.65 23.41
CA GLY A 453 -9.36 -8.77 22.49
C GLY A 453 -10.54 -9.69 22.68
N ILE A 454 -11.13 -10.09 21.56
CA ILE A 454 -12.20 -11.09 21.59
C ILE A 454 -11.80 -12.30 20.77
N GLY A 455 -11.79 -13.47 21.39
CA GLY A 455 -11.49 -14.69 20.67
C GLY A 455 -12.66 -15.66 20.70
N THR A 456 -12.36 -16.94 20.92
CA THR A 456 -13.41 -17.94 21.08
C THR A 456 -13.24 -18.59 22.43
N GLY A 457 -14.34 -18.75 23.16
CA GLY A 457 -14.23 -19.17 24.56
C GLY A 457 -13.88 -17.99 25.46
N TRP A 458 -12.83 -17.25 25.15
CA TRP A 458 -12.42 -16.13 26.02
C TRP A 458 -12.31 -14.79 25.31
N ALA A 459 -12.32 -13.75 26.12
CA ALA A 459 -12.03 -12.41 25.65
C ALA A 459 -11.15 -11.74 26.70
N CYS A 460 -10.46 -10.67 26.30
CA CYS A 460 -9.56 -9.98 27.18
C CYS A 460 -9.94 -8.49 27.25
N LYS A 461 -9.99 -7.96 28.45
CA LYS A 461 -10.13 -6.52 28.66
C LYS A 461 -9.26 -6.11 29.85
N LEU A 462 -8.43 -5.10 29.63
CA LEU A 462 -7.66 -4.46 30.69
C LEU A 462 -7.75 -2.98 30.46
N PRO A 463 -7.89 -2.21 31.53
CA PRO A 463 -7.88 -0.75 31.39
C PRO A 463 -6.44 -0.24 31.43
N ASN A 464 -6.23 1.04 31.13
CA ASN A 464 -4.91 1.66 31.22
C ASN A 464 -4.45 1.84 32.65
N TYR A 465 -3.14 1.78 32.86
CA TYR A 465 -2.57 2.08 34.16
C TYR A 465 -1.48 3.12 33.99
N ASP A 466 -1.11 3.79 35.06
CA ASP A 466 -0.26 4.97 34.95
C ASP A 466 1.18 4.54 34.86
N ALA A 467 1.89 5.05 33.86
CA ALA A 467 3.25 4.59 33.59
C ALA A 467 4.17 4.88 34.77
N ARG A 468 4.08 6.07 35.35
CA ARG A 468 4.87 6.39 36.52
C ARG A 468 4.53 5.54 37.76
N GLU A 469 3.26 5.31 38.04
CA GLU A 469 2.92 4.38 39.14
C GLU A 469 3.60 3.03 38.95
N ILE A 470 3.57 2.50 37.73
CA ILE A 470 4.09 1.18 37.46
C ILE A 470 5.60 1.16 37.62
N VAL A 471 6.25 2.22 37.16
CA VAL A 471 7.69 2.38 37.34
C VAL A 471 8.02 2.37 38.82
N ASN A 472 7.28 3.16 39.60
CA ASN A 472 7.47 3.22 41.05
CA ASN A 472 7.51 3.22 41.04
C ASN A 472 7.26 1.89 41.75
N ASN A 473 6.24 1.14 41.32
CA ASN A 473 6.02 -0.18 41.91
C ASN A 473 7.09 -1.16 41.51
N VAL A 474 7.69 -0.97 40.34
CA VAL A 474 8.75 -1.85 39.88
C VAL A 474 9.99 -1.55 40.74
N ARG A 475 10.21 -0.27 41.01
CA ARG A 475 11.33 0.14 41.85
C ARG A 475 11.13 -0.39 43.27
N ARG A 476 9.90 -0.36 43.77
CA ARG A 476 9.61 -0.91 45.09
C ARG A 476 9.98 -2.38 45.13
N MET A 477 9.58 -3.14 44.12
CA MET A 477 9.84 -4.57 44.10
C MET A 477 11.34 -4.90 43.97
N LEU A 478 12.08 -4.04 43.29
CA LEU A 478 13.54 -4.18 43.21
C LEU A 478 14.17 -3.97 44.58
N ASP A 479 13.48 -3.23 45.44
CA ASP A 479 13.95 -2.99 46.80
C ASP A 479 13.48 -4.07 47.78
N GLY A 480 12.72 -5.04 47.29
CA GLY A 480 12.24 -6.13 48.12
C GLY A 480 10.90 -5.85 48.78
N LEU A 481 10.37 -4.64 48.60
CA LEU A 481 9.06 -4.27 49.15
C LEU A 481 7.90 -4.79 48.29
N ASP A 482 6.69 -4.70 48.82
CA ASP A 482 5.52 -5.10 48.05
C ASP A 482 5.02 -3.94 47.23
N PRO A 483 4.45 -4.24 46.05
CA PRO A 483 3.94 -3.13 45.25
C PRO A 483 2.63 -2.60 45.86
N HIS A 484 2.44 -1.30 45.74
CA HIS A 484 1.19 -0.65 46.08
C HIS A 484 0.07 -1.14 45.13
N PRO A 485 -1.17 -1.18 45.63
CA PRO A 485 -2.32 -1.48 44.76
C PRO A 485 -2.46 -0.36 43.75
N MET A 486 -2.92 -0.67 42.55
CA MET A 486 -3.05 0.34 41.50
C MET A 486 -4.49 0.50 41.00
N LEU A 487 -4.92 1.74 40.83
CA LEU A 487 -6.21 2.01 40.20
C LEU A 487 -5.97 2.30 38.72
N PRO A 488 -6.95 1.96 37.87
CA PRO A 488 -6.84 2.32 36.46
C PRO A 488 -6.61 3.82 36.32
N ASN A 489 -5.83 4.21 35.33
CA ASN A 489 -5.48 5.61 35.16
C ASN A 489 -5.26 5.97 33.69
N TYR A 490 -6.03 6.93 33.15
CA TYR A 490 -5.90 7.28 31.73
C TYR A 490 -5.21 8.61 31.57
N LYS A 491 -4.18 8.65 30.73
CA LYS A 491 -3.46 9.89 30.50
C LYS A 491 -4.42 11.01 30.08
N ASN A 492 -4.29 12.17 30.74
CA ASN A 492 -5.07 13.38 30.41
C ASN A 492 -6.57 13.33 30.76
N PHE A 493 -7.00 12.25 31.38
CA PHE A 493 -8.35 12.15 31.87
C PHE A 493 -8.48 13.01 33.14
N LYS A 494 -9.40 13.98 33.14
CA LYS A 494 -9.56 14.90 34.26
C LYS A 494 -10.57 14.44 35.30
N GLY A 495 -11.16 13.26 35.10
CA GLY A 495 -12.19 12.77 36.00
C GLY A 495 -11.65 11.87 37.09
N THR A 496 -12.52 11.05 37.67
CA THR A 496 -12.13 10.21 38.79
C THR A 496 -12.43 8.76 38.48
N ILE A 497 -11.61 7.87 39.00
CA ILE A 497 -11.84 6.44 38.87
C ILE A 497 -11.77 5.90 40.28
N GLN A 498 -12.87 5.37 40.77
CA GLN A 498 -12.91 4.91 42.15
C GLN A 498 -13.34 3.46 42.26
N GLU A 499 -12.64 2.73 43.12
CA GLU A 499 -12.91 1.33 43.35
C GLU A 499 -14.28 1.13 43.99
N LEU A 500 -15.06 0.18 43.48
CA LEU A 500 -16.40 -0.09 43.99
C LEU A 500 -16.46 -1.42 44.71
N GLY A 501 -15.56 -2.31 44.29
CA GLY A 501 -15.58 -3.70 44.70
C GLY A 501 -14.38 -4.30 44.02
N GLN A 502 -14.36 -5.61 43.84
CA GLN A 502 -13.21 -6.19 43.18
C GLN A 502 -13.33 -6.12 41.65
N ASN A 503 -12.31 -5.54 41.03
CA ASN A 503 -12.24 -5.40 39.59
C ASN A 503 -13.44 -4.60 39.03
N GLN A 504 -14.00 -3.72 39.84
CA GLN A 504 -15.12 -2.90 39.40
C GLN A 504 -14.91 -1.45 39.85
N TYR A 505 -15.22 -0.51 38.96
CA TYR A 505 -14.84 0.88 39.17
C TYR A 505 -15.90 1.85 38.69
N ALA A 506 -16.03 2.97 39.38
CA ALA A 506 -16.85 4.05 38.86
C ALA A 506 -15.95 5.06 38.18
N VAL A 507 -16.25 5.33 36.92
CA VAL A 507 -15.54 6.32 36.15
C VAL A 507 -16.52 7.48 35.94
N SER A 508 -16.11 8.66 36.40
CA SER A 508 -16.97 9.85 36.40
C SER A 508 -16.32 11.00 35.64
N GLY A 509 -17.10 11.70 34.82
CA GLY A 509 -16.63 12.92 34.21
C GLY A 509 -16.80 14.07 35.19
N GLU A 510 -16.82 15.29 34.67
CA GLU A 510 -16.91 16.48 35.50
C GLU A 510 -18.06 17.40 35.11
N ILE A 511 -18.89 17.72 36.08
CA ILE A 511 -19.97 18.65 35.88
C ILE A 511 -20.05 19.56 37.11
N PHE A 512 -20.04 20.86 36.90
CA PHE A 512 -20.13 21.81 38.01
CA PHE A 512 -20.22 21.76 38.03
C PHE A 512 -21.29 22.81 37.79
N VAL A 513 -22.06 23.08 38.84
CA VAL A 513 -23.09 24.11 38.79
C VAL A 513 -22.45 25.49 38.73
N VAL A 514 -22.76 26.25 37.70
CA VAL A 514 -22.19 27.58 37.55
C VAL A 514 -23.08 28.61 38.25
N ASP A 515 -24.33 28.72 37.82
CA ASP A 515 -25.32 29.52 38.53
C ASP A 515 -26.61 28.74 38.59
N ARG A 516 -27.72 29.42 38.85
CA ARG A 516 -28.98 28.72 39.07
C ARG A 516 -29.67 28.31 37.77
N ASN A 517 -29.09 28.71 36.65
CA ASN A 517 -29.58 28.33 35.32
C ASN A 517 -28.54 27.58 34.49
N THR A 518 -27.40 27.23 35.07
CA THR A 518 -26.27 26.85 34.23
C THR A 518 -25.41 25.77 34.84
N VAL A 519 -25.19 24.69 34.10
CA VAL A 519 -24.15 23.75 34.51
C VAL A 519 -23.12 23.71 33.41
N GLU A 520 -21.94 23.23 33.77
CA GLU A 520 -20.82 23.14 32.83
C GLU A 520 -20.25 21.73 32.91
N ILE A 521 -20.06 21.12 31.75
CA ILE A 521 -19.44 19.80 31.66
C ILE A 521 -18.08 19.94 31.02
N THR A 522 -17.04 19.52 31.73
CA THR A 522 -15.66 19.72 31.27
C THR A 522 -14.88 18.42 31.13
N GLU A 523 -15.53 17.29 31.39
CA GLU A 523 -14.92 15.99 31.17
C GLU A 523 -16.00 14.92 31.02
N LEU A 524 -15.82 14.02 30.07
CA LEU A 524 -16.73 12.88 29.91
C LEU A 524 -16.01 11.63 30.42
N PRO A 525 -16.74 10.66 30.97
CA PRO A 525 -16.09 9.42 31.42
C PRO A 525 -15.30 8.78 30.29
N VAL A 526 -14.20 8.12 30.63
CA VAL A 526 -13.32 7.46 29.66
C VAL A 526 -14.08 6.60 28.66
N ARG A 527 -13.72 6.71 27.39
CA ARG A 527 -14.39 6.01 26.28
C ARG A 527 -15.80 6.52 25.95
N THR A 528 -16.27 7.58 26.65
CA THR A 528 -17.43 8.32 26.15
C THR A 528 -16.96 9.41 25.20
N TRP A 529 -17.35 9.30 23.93
CA TRP A 529 -16.87 10.21 22.90
C TRP A 529 -17.74 11.44 22.79
N THR A 530 -17.16 12.54 22.35
CA THR A 530 -17.81 13.83 22.45
C THR A 530 -19.04 13.93 21.56
N GLN A 531 -18.91 13.50 20.31
CA GLN A 531 -20.04 13.54 19.37
C GLN A 531 -21.15 12.60 19.83
N VAL A 532 -20.79 11.46 20.41
CA VAL A 532 -21.75 10.46 20.84
C VAL A 532 -22.53 10.94 22.06
N TYR A 533 -21.85 11.60 22.98
CA TYR A 533 -22.50 12.13 24.17
C TYR A 533 -23.50 13.20 23.77
N LYS A 534 -23.08 14.03 22.81
CA LYS A 534 -23.89 15.11 22.30
C LYS A 534 -25.19 14.59 21.67
N GLU A 535 -25.07 13.59 20.80
CA GLU A 535 -26.20 13.06 20.07
C GLU A 535 -27.11 12.20 20.93
N GLN A 536 -26.53 11.42 21.83
CA GLN A 536 -27.30 10.47 22.62
C GLN A 536 -27.74 10.96 23.99
N VAL A 537 -27.12 12.04 24.47
CA VAL A 537 -27.50 12.58 25.77
C VAL A 537 -28.04 14.01 25.72
N LEU A 538 -27.26 14.95 25.21
CA LEU A 538 -27.70 16.34 25.27
C LEU A 538 -28.87 16.65 24.35
N GLU A 539 -28.81 16.17 23.11
CA GLU A 539 -29.92 16.35 22.17
C GLU A 539 -31.26 15.82 22.72
N PRO A 540 -31.30 14.55 23.19
CA PRO A 540 -32.55 14.06 23.78
C PRO A 540 -32.96 14.87 25.00
N MET A 541 -31.99 15.34 25.77
CA MET A 541 -32.25 16.18 26.92
C MET A 541 -32.83 17.52 26.50
N LEU A 542 -32.39 18.03 25.35
CA LEU A 542 -32.89 19.31 24.82
C LEU A 542 -34.27 19.16 24.18
N ASN A 543 -34.45 18.10 23.41
CA ASN A 543 -35.63 17.96 22.57
C ASN A 543 -36.73 17.08 23.16
N GLY A 544 -36.35 16.26 24.13
CA GLY A 544 -37.22 15.21 24.60
C GLY A 544 -37.18 14.08 23.59
N THR A 545 -37.84 12.98 23.90
CA THR A 545 -38.09 11.93 22.93
C THR A 545 -39.55 11.50 23.02
N ASP A 546 -39.90 10.39 22.38
CA ASP A 546 -41.24 9.86 22.49
C ASP A 546 -41.45 9.24 23.87
N LYS A 547 -40.34 8.88 24.50
CA LYS A 547 -40.34 8.19 25.80
C LYS A 547 -39.75 8.98 26.98
N THR A 548 -39.22 10.17 26.74
CA THR A 548 -38.58 11.00 27.78
C THR A 548 -38.89 12.49 27.58
N PRO A 549 -38.99 13.29 28.66
CA PRO A 549 -39.21 14.72 28.47
C PRO A 549 -37.90 15.51 28.32
N ALA A 550 -38.00 16.73 27.81
CA ALA A 550 -36.88 17.65 27.80
C ALA A 550 -36.48 17.99 29.22
N LEU A 551 -35.19 18.19 29.43
CA LEU A 551 -34.70 18.47 30.76
C LEU A 551 -33.88 19.77 30.79
N ILE A 552 -33.36 20.19 29.64
CA ILE A 552 -32.56 21.42 29.58
C ILE A 552 -33.09 22.36 28.51
N SER A 553 -32.65 23.61 28.53
CA SER A 553 -33.22 24.63 27.66
C SER A 553 -32.31 25.00 26.52
N ASP A 554 -31.02 24.75 26.70
CA ASP A 554 -30.03 25.02 25.66
C ASP A 554 -28.69 24.42 26.05
N TYR A 555 -27.83 24.24 25.05
CA TYR A 555 -26.46 23.90 25.35
C TYR A 555 -25.60 24.48 24.24
N LYS A 556 -24.36 24.80 24.61
CA LYS A 556 -23.37 25.41 23.73
C LYS A 556 -22.07 24.63 23.87
N GLU A 557 -21.38 24.47 22.75
CA GLU A 557 -20.13 23.71 22.71
C GLU A 557 -18.88 24.59 22.59
N TYR A 558 -17.90 24.34 23.44
CA TYR A 558 -16.63 25.06 23.34
C TYR A 558 -15.46 24.07 23.38
N HIS A 559 -15.59 22.95 22.68
CA HIS A 559 -14.57 21.91 22.71
C HIS A 559 -13.34 22.33 21.95
N THR A 560 -12.22 21.72 22.29
CA THR A 560 -11.07 21.72 21.41
C THR A 560 -10.93 20.28 20.91
N ASP A 561 -9.86 20.00 20.20
CA ASP A 561 -9.67 18.67 19.64
C ASP A 561 -9.42 17.67 20.74
N THR A 562 -8.94 18.14 21.89
CA THR A 562 -8.55 17.23 22.94
C THR A 562 -9.26 17.45 24.27
N THR A 563 -10.18 18.41 24.32
CA THR A 563 -10.91 18.67 25.56
C THR A 563 -12.41 18.81 25.37
N VAL A 564 -13.13 18.75 26.48
CA VAL A 564 -14.56 18.82 26.41
C VAL A 564 -15.10 20.00 27.20
N LYS A 565 -15.93 20.81 26.55
CA LYS A 565 -16.66 21.85 27.26
C LYS A 565 -18.09 22.05 26.74
N PHE A 566 -19.06 21.59 27.53
CA PHE A 566 -20.48 21.86 27.31
C PHE A 566 -20.98 22.86 28.34
N VAL A 567 -21.61 23.94 27.87
CA VAL A 567 -22.33 24.85 28.77
C VAL A 567 -23.84 24.69 28.61
N VAL A 568 -24.48 24.22 29.66
CA VAL A 568 -25.88 23.82 29.59
C VAL A 568 -26.83 24.72 30.40
N LYS A 569 -27.91 25.16 29.76
CA LYS A 569 -28.91 26.02 30.40
C LYS A 569 -30.14 25.24 30.83
N MET A 570 -30.61 25.45 32.06
CA MET A 570 -31.84 24.83 32.53
C MET A 570 -32.64 25.85 33.33
N THR A 571 -33.92 25.60 33.53
CA THR A 571 -34.70 26.42 34.46
C THR A 571 -34.21 26.09 35.86
N GLU A 572 -34.42 26.99 36.81
CA GLU A 572 -34.03 26.75 38.19
C GLU A 572 -34.71 25.50 38.74
N GLU A 573 -35.94 25.30 38.31
CA GLU A 573 -36.74 24.19 38.81
C GLU A 573 -36.05 22.90 38.44
N LYS A 574 -35.79 22.74 37.15
CA LYS A 574 -35.17 21.51 36.65
C LYS A 574 -33.75 21.26 37.20
N LEU A 575 -32.97 22.33 37.39
CA LEU A 575 -31.61 22.18 37.93
C LEU A 575 -31.65 21.64 39.35
N ALA A 576 -32.62 22.15 40.12
CA ALA A 576 -32.84 21.73 41.50
C ALA A 576 -33.15 20.25 41.57
N GLN A 577 -34.08 19.81 40.70
CA GLN A 577 -34.43 18.41 40.64
C GLN A 577 -33.24 17.54 40.23
N ALA A 578 -32.49 17.98 39.22
CA ALA A 578 -31.30 17.25 38.76
C ALA A 578 -30.29 17.06 39.88
N GLU A 579 -30.00 18.13 40.63
CA GLU A 579 -29.09 18.04 41.79
C GLU A 579 -29.56 17.04 42.85
N ALA A 580 -30.85 17.05 43.15
CA ALA A 580 -31.40 16.14 44.14
C ALA A 580 -31.23 14.70 43.66
N ALA A 581 -31.34 14.50 42.36
CA ALA A 581 -31.23 13.17 41.77
C ALA A 581 -29.77 12.75 41.63
N GLY A 582 -28.87 13.73 41.59
CA GLY A 582 -27.46 13.48 41.35
C GLY A 582 -27.01 13.90 39.96
N LEU A 583 -26.33 15.03 39.89
CA LEU A 583 -25.95 15.64 38.62
C LEU A 583 -25.24 14.67 37.66
N HIS A 584 -24.25 13.96 38.18
CA HIS A 584 -23.51 12.98 37.39
C HIS A 584 -24.43 11.90 36.85
N LYS A 585 -25.32 11.42 37.71
CA LYS A 585 -26.29 10.39 37.34
C LYS A 585 -27.25 10.90 36.25
N VAL A 586 -27.84 12.08 36.46
CA VAL A 586 -28.79 12.63 35.51
C VAL A 586 -28.15 12.93 34.17
N PHE A 587 -26.90 13.35 34.18
CA PHE A 587 -26.24 13.73 32.94
C PHE A 587 -25.41 12.62 32.30
N LYS A 588 -25.57 11.39 32.79
CA LYS A 588 -24.90 10.21 32.22
C LYS A 588 -23.39 10.42 32.16
N LEU A 589 -22.82 10.82 33.28
CA LEU A 589 -21.41 11.12 33.33
C LEU A 589 -20.71 10.13 34.27
N GLN A 590 -21.39 9.06 34.59
CA GLN A 590 -20.81 7.98 35.38
C GLN A 590 -21.04 6.68 34.67
N THR A 591 -19.98 5.95 34.37
CA THR A 591 -20.14 4.59 33.88
C THR A 591 -19.36 3.66 34.78
N THR A 592 -19.66 2.38 34.74
CA THR A 592 -18.90 1.45 35.55
C THR A 592 -17.90 0.75 34.65
N LEU A 593 -16.88 0.16 35.25
CA LEU A 593 -15.84 -0.51 34.47
C LEU A 593 -15.53 -1.79 35.21
N THR A 594 -15.91 -2.91 34.60
CA THR A 594 -15.73 -4.20 35.24
C THR A 594 -14.66 -4.99 34.50
N CYS A 595 -13.76 -5.59 35.26
CA CYS A 595 -12.59 -6.22 34.69
C CYS A 595 -12.43 -7.62 35.22
N ASN A 596 -13.41 -8.46 34.94
CA ASN A 596 -13.36 -9.84 35.37
C ASN A 596 -12.97 -10.78 34.25
N SER A 597 -12.33 -10.26 33.22
CA SER A 597 -11.86 -11.08 32.12
C SER A 597 -10.44 -10.71 31.72
N MET A 598 -9.55 -10.66 32.71
CA MET A 598 -8.15 -10.36 32.43
C MET A 598 -7.44 -11.63 31.98
N VAL A 599 -7.67 -12.00 30.71
CA VAL A 599 -7.19 -13.24 30.14
C VAL A 599 -6.03 -12.96 29.19
N LEU A 600 -4.88 -13.58 29.45
CA LEU A 600 -3.68 -13.32 28.68
C LEU A 600 -2.93 -14.62 28.44
N PHE A 601 -2.00 -14.62 27.48
CA PHE A 601 -1.08 -15.74 27.35
C PHE A 601 0.12 -15.45 28.25
N ASP A 602 0.49 -16.41 29.09
CA ASP A 602 1.68 -16.23 29.91
C ASP A 602 2.94 -16.42 29.08
N HIS A 603 4.10 -16.31 29.70
CA HIS A 603 5.36 -16.35 28.95
C HIS A 603 5.62 -17.70 28.26
N MET A 604 5.02 -18.76 28.79
CA MET A 604 5.21 -20.10 28.24
C MET A 604 4.29 -20.34 27.05
N GLY A 605 3.32 -19.45 26.87
CA GLY A 605 2.38 -19.61 25.79
C GLY A 605 1.07 -20.20 26.25
N CYS A 606 0.80 -20.18 27.56
CA CYS A 606 -0.40 -20.77 28.10
C CYS A 606 -1.44 -19.72 28.44
N LEU A 607 -2.68 -19.94 28.05
CA LEU A 607 -3.74 -18.99 28.32
C LEU A 607 -4.11 -19.08 29.79
N LYS A 608 -4.27 -17.92 30.44
CA LYS A 608 -4.51 -17.85 31.88
C LYS A 608 -5.42 -16.68 32.23
N LYS A 609 -6.21 -16.86 33.29
CA LYS A 609 -7.04 -15.78 33.80
C LYS A 609 -6.36 -15.19 35.03
N TYR A 610 -6.14 -13.89 35.02
CA TYR A 610 -5.56 -13.17 36.14
C TYR A 610 -6.64 -12.42 36.91
N GLU A 611 -6.67 -12.64 38.23
CA GLU A 611 -7.74 -12.10 39.07
C GLU A 611 -7.42 -10.68 39.47
N THR A 612 -6.14 -10.39 39.63
CA THR A 612 -5.72 -9.02 39.91
C THR A 612 -4.57 -8.57 39.03
N VAL A 613 -4.47 -7.27 38.92
CA VAL A 613 -3.46 -6.63 38.12
C VAL A 613 -2.11 -6.82 38.79
N GLN A 614 -2.13 -6.98 40.11
CA GLN A 614 -0.91 -7.18 40.90
CA GLN A 614 -0.91 -7.19 40.89
C GLN A 614 -0.29 -8.53 40.53
N ASP A 615 -1.14 -9.51 40.22
CA ASP A 615 -0.65 -10.81 39.79
C ASP A 615 0.07 -10.71 38.45
N ILE A 616 -0.44 -9.85 37.58
CA ILE A 616 0.11 -9.65 36.26
C ILE A 616 1.49 -9.01 36.47
N LEU A 617 1.50 -7.99 37.29
CA LEU A 617 2.72 -7.27 37.62
C LEU A 617 3.80 -8.16 38.22
N LYS A 618 3.43 -9.07 39.10
CA LYS A 618 4.40 -9.97 39.72
C LYS A 618 4.95 -10.98 38.73
N GLU A 619 4.08 -11.56 37.91
CA GLU A 619 4.59 -12.52 36.95
C GLU A 619 5.53 -11.84 35.94
N PHE A 620 5.19 -10.61 35.53
CA PHE A 620 6.01 -9.88 34.61
C PHE A 620 7.35 -9.54 35.24
N PHE A 621 7.31 -9.21 36.54
CA PHE A 621 8.48 -8.72 37.24
C PHE A 621 9.54 -9.80 37.33
N ASP A 622 9.10 -10.99 37.70
CA ASP A 622 10.02 -12.09 37.90
C ASP A 622 10.74 -12.40 36.61
N LEU A 623 9.99 -12.37 35.51
CA LEU A 623 10.51 -12.72 34.20
C LEU A 623 11.47 -11.65 33.73
N ARG A 624 11.04 -10.40 33.81
CA ARG A 624 11.91 -9.30 33.41
C ARG A 624 13.19 -9.25 34.26
N LEU A 625 13.10 -9.51 35.56
CA LEU A 625 14.30 -9.50 36.39
C LEU A 625 15.30 -10.55 35.90
N SER A 626 14.79 -11.74 35.58
CA SER A 626 15.71 -12.76 35.12
C SER A 626 16.26 -12.44 33.73
N TYR A 627 15.53 -11.67 32.93
CA TYR A 627 16.08 -11.24 31.63
C TYR A 627 17.19 -10.18 31.74
N TYR A 628 17.16 -9.39 32.82
CA TYR A 628 18.28 -8.49 33.09
C TYR A 628 19.50 -9.30 33.52
N GLY A 629 19.28 -10.47 34.09
CA GLY A 629 20.36 -11.38 34.41
C GLY A 629 21.00 -11.89 33.13
N LEU A 630 20.17 -12.32 32.19
CA LEU A 630 20.65 -12.81 30.90
C LEU A 630 21.36 -11.69 30.11
N ARG A 631 20.81 -10.49 30.18
CA ARG A 631 21.41 -9.37 29.50
C ARG A 631 22.81 -9.09 30.02
N LYS A 632 22.97 -9.13 31.34
CA LYS A 632 24.28 -8.89 31.93
C LYS A 632 25.29 -9.96 31.49
N GLU A 633 24.88 -11.22 31.55
CA GLU A 633 25.73 -12.32 31.14
C GLU A 633 26.14 -12.11 29.71
N TRP A 634 25.15 -11.78 28.88
CA TRP A 634 25.39 -11.57 27.46
C TRP A 634 26.38 -10.44 27.23
N LEU A 635 26.19 -9.33 27.95
CA LEU A 635 27.08 -8.18 27.81
C LEU A 635 28.51 -8.46 28.30
N VAL A 636 28.64 -9.21 29.37
CA VAL A 636 29.96 -9.55 29.88
C VAL A 636 30.75 -10.35 28.83
N GLY A 637 30.10 -11.37 28.26
CA GLY A 637 30.71 -12.19 27.24
C GLY A 637 31.08 -11.38 26.02
N MET A 638 30.09 -10.69 25.46
CA MET A 638 30.27 -9.90 24.24
C MET A 638 31.29 -8.76 24.39
N LEU A 639 31.16 -7.94 25.43
CA LEU A 639 32.17 -6.92 25.70
C LEU A 639 33.53 -7.55 25.89
N GLY A 640 33.57 -8.66 26.61
CA GLY A 640 34.81 -9.40 26.80
C GLY A 640 35.47 -9.81 25.49
N ALA A 641 34.72 -10.46 24.62
CA ALA A 641 35.21 -10.80 23.28
C ALA A 641 35.66 -9.55 22.52
N GLU A 642 34.88 -8.48 22.57
CA GLU A 642 35.28 -7.20 21.99
C GLU A 642 36.59 -6.70 22.57
N SER A 643 36.82 -6.94 23.86
CA SER A 643 38.06 -6.52 24.49
C SER A 643 39.22 -7.35 23.95
N THR A 644 39.05 -8.66 23.93
CA THR A 644 40.06 -9.56 23.39
C THR A 644 40.40 -9.20 21.94
N LYS A 645 39.38 -8.86 21.16
CA LYS A 645 39.50 -8.42 19.77
C LYS A 645 40.43 -7.24 19.66
N LEU A 646 40.09 -6.15 20.33
CA LEU A 646 40.93 -4.97 20.30
C LEU A 646 42.36 -5.24 20.79
N ASN A 647 42.52 -6.12 21.77
CA ASN A 647 43.84 -6.44 22.28
C ASN A 647 44.73 -7.00 21.18
N ASN A 648 44.19 -7.97 20.45
CA ASN A 648 44.92 -8.58 19.34
C ASN A 648 45.24 -7.57 18.24
N GLN A 649 44.31 -6.65 17.97
CA GLN A 649 44.51 -5.61 16.98
C GLN A 649 45.55 -4.59 17.41
N ALA A 650 45.44 -4.12 18.66
CA ALA A 650 46.44 -3.22 19.20
C ALA A 650 47.81 -3.90 19.22
N ARG A 651 47.82 -5.21 19.49
CA ARG A 651 49.09 -5.91 19.62
C ARG A 651 49.78 -6.06 18.27
N PHE A 652 48.99 -6.24 17.21
CA PHE A 652 49.56 -6.46 15.88
C PHE A 652 50.11 -5.16 15.31
N ILE A 653 49.35 -4.08 15.46
CA ILE A 653 49.80 -2.78 14.99
C ILE A 653 51.15 -2.42 15.61
N LEU A 654 51.27 -2.54 16.92
CA LEU A 654 52.52 -2.23 17.62
C LEU A 654 53.65 -3.14 17.18
N GLU A 655 53.40 -4.45 17.14
CA GLU A 655 54.40 -5.38 16.63
C GLU A 655 54.82 -5.05 15.18
N LYS A 656 53.90 -4.45 14.42
CA LYS A 656 54.17 -4.09 13.04
C LYS A 656 55.03 -2.84 12.94
N ILE A 657 54.65 -1.78 13.65
CA ILE A 657 55.38 -0.52 13.57
C ILE A 657 56.70 -0.56 14.34
N GLN A 658 57.02 -1.72 14.90
CA GLN A 658 58.29 -1.90 15.61
C GLN A 658 59.11 -2.93 14.87
N GLY A 659 58.60 -3.40 13.75
CA GLY A 659 59.33 -4.36 12.95
C GLY A 659 59.42 -5.74 13.56
N LYS A 660 58.70 -5.99 14.65
CA LYS A 660 58.68 -7.33 15.26
C LYS A 660 57.94 -8.32 14.38
N ILE A 661 57.22 -7.81 13.39
CA ILE A 661 56.43 -8.64 12.47
C ILE A 661 56.30 -7.96 11.12
N THR A 662 56.37 -8.73 10.05
CA THR A 662 56.16 -8.18 8.71
C THR A 662 55.22 -9.06 7.90
N ILE A 663 54.31 -8.45 7.17
CA ILE A 663 53.38 -9.18 6.33
C ILE A 663 53.73 -9.00 4.85
N GLU A 664 54.54 -7.98 4.55
CA GLU A 664 54.89 -7.61 3.18
C GLU A 664 55.29 -8.79 2.30
N ASN A 665 54.47 -9.05 1.29
CA ASN A 665 54.72 -10.08 0.28
C ASN A 665 54.80 -11.52 0.79
N ARG A 666 54.20 -11.78 1.96
CA ARG A 666 54.07 -13.16 2.44
C ARG A 666 52.79 -13.78 1.92
N SER A 667 52.80 -15.10 1.70
CA SER A 667 51.62 -15.76 1.19
C SER A 667 50.59 -15.86 2.29
N LYS A 668 49.34 -16.02 1.91
CA LYS A 668 48.25 -16.12 2.87
C LYS A 668 48.56 -17.16 3.94
N LYS A 669 48.95 -18.36 3.51
CA LYS A 669 49.26 -19.45 4.42
C LYS A 669 50.45 -19.17 5.35
N ASP A 670 51.48 -18.55 4.82
CA ASP A 670 52.60 -18.14 5.68
C ASP A 670 52.11 -17.18 6.72
N LEU A 671 51.19 -16.30 6.32
CA LEU A 671 50.75 -15.24 7.21
C LEU A 671 49.93 -15.85 8.34
N ILE A 672 48.99 -16.73 7.97
CA ILE A 672 48.12 -17.36 8.95
C ILE A 672 48.90 -18.23 9.94
N GLN A 673 49.83 -19.03 9.43
CA GLN A 673 50.67 -19.85 10.30
C GLN A 673 51.52 -18.98 11.22
N MET A 674 51.97 -17.84 10.70
CA MET A 674 52.82 -16.96 11.47
C MET A 674 52.04 -16.42 12.67
N LEU A 675 50.84 -15.94 12.38
CA LEU A 675 50.00 -15.33 13.40
C LEU A 675 49.58 -16.35 14.46
N VAL A 676 49.33 -17.58 14.04
CA VAL A 676 49.05 -18.66 14.99
C VAL A 676 50.26 -18.87 15.89
N GLN A 677 51.41 -19.10 15.27
CA GLN A 677 52.67 -19.31 15.99
C GLN A 677 53.04 -18.18 16.96
N ARG A 678 52.46 -17.01 16.78
CA ARG A 678 52.77 -15.90 17.68
C ARG A 678 51.62 -15.68 18.68
N GLY A 679 50.74 -16.66 18.75
CA GLY A 679 49.64 -16.66 19.70
C GLY A 679 48.55 -15.61 19.49
N TYR A 680 48.33 -15.20 18.25
CA TYR A 680 47.21 -14.31 17.94
C TYR A 680 45.94 -15.14 17.92
N GLU A 681 44.90 -14.64 18.57
CA GLU A 681 43.64 -15.39 18.68
C GLU A 681 42.78 -15.27 17.43
N SER A 682 42.12 -16.35 17.04
CA SER A 682 41.14 -16.28 15.97
C SER A 682 40.02 -15.35 16.43
N ASP A 683 39.34 -14.69 15.50
CA ASP A 683 38.31 -13.70 15.82
C ASP A 683 37.48 -14.08 17.06
N PRO A 684 37.76 -13.40 18.19
CA PRO A 684 37.10 -13.69 19.47
C PRO A 684 35.61 -13.40 19.41
N VAL A 685 35.22 -12.31 18.78
CA VAL A 685 33.80 -11.95 18.71
C VAL A 685 33.02 -12.98 17.91
N LYS A 686 33.56 -13.37 16.77
CA LYS A 686 32.94 -14.40 15.94
C LYS A 686 32.90 -15.74 16.69
N ALA A 687 34.01 -16.09 17.33
CA ALA A 687 34.07 -17.28 18.15
C ALA A 687 32.97 -17.30 19.20
N TRP A 688 32.84 -16.19 19.93
CA TRP A 688 31.86 -16.07 20.99
C TRP A 688 30.42 -16.22 20.49
N LYS A 689 30.08 -15.54 19.40
CA LYS A 689 28.75 -15.73 18.81
C LYS A 689 28.55 -17.20 18.43
N GLU A 690 29.61 -17.83 17.93
CA GLU A 690 29.56 -19.25 17.54
C GLU A 690 29.22 -20.13 18.73
N ALA A 691 29.88 -19.90 19.86
CA ALA A 691 29.65 -20.67 21.07
C ALA A 691 28.20 -20.52 21.55
N GLN A 692 27.61 -19.36 21.26
CA GLN A 692 26.21 -19.11 21.64
C GLN A 692 25.20 -19.83 20.75
N GLU A 693 25.57 -20.98 20.19
CA GLU A 693 24.64 -21.77 19.36
C GLU A 693 24.87 -23.27 19.56
N GLY A 717 38.91 -23.10 10.38
CA GLY A 717 40.26 -22.54 10.37
C GLY A 717 40.30 -21.25 11.16
N PRO A 718 41.50 -20.84 11.60
CA PRO A 718 41.68 -19.57 12.32
C PRO A 718 41.27 -18.38 11.43
N ASP A 719 40.59 -17.40 12.01
CA ASP A 719 40.07 -16.25 11.27
C ASP A 719 40.74 -14.95 11.73
N PHE A 720 41.68 -14.45 10.93
CA PHE A 720 42.42 -13.25 11.30
C PHE A 720 41.99 -12.04 10.48
N ASN A 721 40.84 -12.15 9.82
CA ASN A 721 40.36 -11.04 9.00
C ASN A 721 40.14 -9.75 9.78
N TYR A 722 39.75 -9.86 11.05
CA TYR A 722 39.51 -8.68 11.87
C TYR A 722 40.80 -7.87 12.05
N ILE A 723 41.93 -8.54 11.86
CA ILE A 723 43.22 -7.87 11.87
C ILE A 723 43.57 -7.37 10.46
N LEU A 724 43.69 -8.30 9.53
CA LEU A 724 44.22 -7.95 8.22
C LEU A 724 43.26 -7.12 7.35
N ASN A 725 41.99 -7.02 7.74
CA ASN A 725 41.06 -6.11 7.05
C ASN A 725 41.21 -4.68 7.51
N MET A 726 42.05 -4.44 8.50
CA MET A 726 42.26 -3.07 8.96
C MET A 726 42.93 -2.29 7.82
N SER A 727 42.63 -1.01 7.73
CA SER A 727 43.19 -0.17 6.68
C SER A 727 44.65 0.10 6.95
N LEU A 728 45.35 0.58 5.92
CA LEU A 728 46.74 0.99 6.05
C LEU A 728 46.85 2.19 6.99
N TRP A 729 45.81 3.00 7.06
CA TRP A 729 45.77 4.13 8.00
C TRP A 729 46.11 3.72 9.44
N SER A 730 45.74 2.49 9.79
CA SER A 730 45.96 1.94 11.11
C SER A 730 47.42 2.07 11.56
N LEU A 731 48.34 2.01 10.60
CA LEU A 731 49.77 2.01 10.89
C LEU A 731 50.29 3.40 11.21
N THR A 732 49.49 4.42 10.94
CA THR A 732 49.92 5.79 11.19
C THR A 732 49.77 6.21 12.64
N LYS A 733 50.47 7.29 12.99
CA LYS A 733 50.62 7.76 14.37
C LYS A 733 49.31 8.02 15.11
N GLU A 734 48.45 8.86 14.54
CA GLU A 734 47.19 9.18 15.18
C GLU A 734 46.31 7.93 15.33
N LYS A 735 46.38 7.05 14.34
CA LYS A 735 45.58 5.82 14.37
C LYS A 735 46.12 4.77 15.34
N VAL A 736 47.42 4.77 15.59
CA VAL A 736 47.98 3.89 16.62
C VAL A 736 47.51 4.36 18.00
N GLU A 737 47.65 5.65 18.25
CA GLU A 737 47.16 6.25 19.49
C GLU A 737 45.68 5.97 19.69
N GLU A 738 44.89 6.25 18.65
CA GLU A 738 43.44 6.12 18.72
C GLU A 738 43.02 4.66 18.99
N LEU A 739 43.74 3.72 18.39
CA LEU A 739 43.49 2.30 18.64
C LEU A 739 43.82 1.90 20.08
N ILE A 740 44.91 2.42 20.65
CA ILE A 740 45.28 2.12 22.02
C ILE A 740 44.21 2.64 22.99
N LYS A 741 43.77 3.87 22.77
CA LYS A 741 42.71 4.44 23.58
C LYS A 741 41.44 3.59 23.54
N GLN A 742 41.07 3.10 22.36
CA GLN A 742 39.86 2.29 22.23
C GLN A 742 39.98 0.98 22.98
N ARG A 743 41.15 0.36 22.89
CA ARG A 743 41.42 -0.88 23.60
C ARG A 743 41.24 -0.69 25.11
N ASP A 744 41.85 0.38 25.62
CA ASP A 744 41.80 0.68 27.04
C ASP A 744 40.38 1.04 27.49
N ALA A 745 39.67 1.77 26.64
CA ALA A 745 38.30 2.17 26.93
C ALA A 745 37.35 0.96 27.00
N LYS A 746 37.59 -0.05 26.17
CA LYS A 746 36.72 -1.21 26.16
C LYS A 746 36.97 -2.05 27.41
N GLY A 747 38.24 -2.06 27.84
CA GLY A 747 38.62 -2.77 29.05
C GLY A 747 37.91 -2.19 30.25
N ARG A 748 37.92 -0.87 30.36
CA ARG A 748 37.20 -0.20 31.42
C ARG A 748 35.71 -0.45 31.26
N GLU A 749 35.23 -0.58 30.03
CA GLU A 749 33.81 -0.77 29.77
C GLU A 749 33.38 -2.14 30.27
N VAL A 750 34.23 -3.15 30.10
CA VAL A 750 33.97 -4.48 30.61
C VAL A 750 33.85 -4.45 32.15
N ASN A 751 34.76 -3.74 32.80
CA ASN A 751 34.75 -3.66 34.24
C ASN A 751 33.61 -2.81 34.80
N ASP A 752 33.25 -1.72 34.12
CA ASP A 752 32.07 -0.94 34.51
C ASP A 752 30.80 -1.78 34.45
N LEU A 753 30.74 -2.72 33.53
CA LEU A 753 29.54 -3.53 33.37
C LEU A 753 29.49 -4.64 34.41
N LYS A 754 30.64 -5.28 34.66
CA LYS A 754 30.73 -6.27 35.73
C LYS A 754 30.33 -5.70 37.10
N ARG A 755 30.57 -4.41 37.31
CA ARG A 755 30.20 -3.79 38.57
C ARG A 755 28.71 -3.58 38.72
N LYS A 756 27.96 -3.70 37.62
CA LYS A 756 26.52 -3.42 37.70
C LYS A 756 25.69 -4.69 37.86
N SER A 757 24.75 -4.66 38.80
CA SER A 757 23.87 -5.80 39.00
C SER A 757 22.72 -5.75 37.97
N PRO A 758 22.01 -6.89 37.77
CA PRO A 758 20.78 -6.79 36.99
C PRO A 758 19.89 -5.63 37.46
N SER A 759 19.68 -5.50 38.76
CA SER A 759 18.87 -4.40 39.30
CA SER A 759 18.86 -4.40 39.27
C SER A 759 19.39 -3.04 38.84
N ASP A 760 20.70 -2.85 38.91
CA ASP A 760 21.32 -1.60 38.48
C ASP A 760 20.98 -1.30 37.04
N LEU A 761 21.15 -2.31 36.19
CA LEU A 761 20.87 -2.18 34.77
C LEU A 761 19.40 -1.78 34.57
N TRP A 762 18.51 -2.43 35.29
CA TRP A 762 17.08 -2.12 35.19
C TRP A 762 16.82 -0.70 35.66
N LYS A 763 17.43 -0.30 36.77
CA LYS A 763 17.22 1.05 37.27
C LYS A 763 17.71 2.13 36.30
N GLU A 764 18.80 1.85 35.59
CA GLU A 764 19.30 2.80 34.59
C GLU A 764 18.27 2.96 33.47
N ASP A 765 17.73 1.84 32.99
CA ASP A 765 16.70 1.87 31.95
C ASP A 765 15.46 2.66 32.37
N LEU A 766 14.96 2.38 33.57
CA LEU A 766 13.81 3.09 34.12
C LEU A 766 14.07 4.60 34.21
N ALA A 767 15.28 4.99 34.62
CA ALA A 767 15.55 6.41 34.81
C ALA A 767 15.56 7.11 33.46
N ALA A 768 16.21 6.47 32.49
CA ALA A 768 16.31 6.99 31.14
C ALA A 768 14.91 7.13 30.54
N PHE A 769 14.04 6.15 30.83
CA PHE A 769 12.69 6.17 30.29
C PHE A 769 11.87 7.31 30.86
N VAL A 770 11.94 7.49 32.18
CA VAL A 770 11.16 8.52 32.85
C VAL A 770 11.61 9.93 32.42
N GLU A 771 12.91 10.11 32.30
CA GLU A 771 13.43 11.37 31.82
C GLU A 771 12.83 11.75 30.47
N GLU A 772 12.80 10.78 29.56
CA GLU A 772 12.29 11.03 28.22
C GLU A 772 10.77 11.13 28.22
N LEU A 773 10.11 10.31 29.05
CA LEU A 773 8.67 10.41 29.24
C LEU A 773 8.24 11.81 29.70
N ASP A 774 9.04 12.42 30.59
CA ASP A 774 8.76 13.78 31.05
C ASP A 774 8.94 14.78 29.93
N LYS A 775 10.06 14.70 29.21
CA LYS A 775 10.31 15.58 28.08
C LYS A 775 9.20 15.45 27.05
N VAL A 776 8.79 14.22 26.76
CA VAL A 776 7.81 14.00 25.70
C VAL A 776 6.41 14.47 26.10
N GLU A 777 5.99 14.18 27.33
CA GLU A 777 4.66 14.62 27.76
C GLU A 777 4.58 16.13 27.98
N SER A 778 5.69 16.71 28.39
CA SER A 778 5.76 18.16 28.54
C SER A 778 5.61 18.81 27.16
N GLN A 779 6.28 18.24 26.15
CA GLN A 779 6.21 18.80 24.81
C GLN A 779 4.85 18.58 24.18
N GLU A 780 4.10 17.59 24.64
CA GLU A 780 2.76 17.39 24.13
C GLU A 780 1.82 18.47 24.66
N ARG A 781 2.01 18.84 25.92
CA ARG A 781 1.18 19.90 26.50
C ARG A 781 1.47 21.28 25.87
N GLU A 782 2.68 21.47 25.37
CA GLU A 782 3.02 22.65 24.57
C GLU A 782 2.53 22.54 23.13
N ASP A 783 2.96 21.48 22.42
CA ASP A 783 2.57 21.23 21.02
C ASP A 783 1.05 21.04 20.89
N SER B 31 -38.21 24.91 1.76
CA SER B 31 -37.70 23.61 1.30
C SER B 31 -36.52 23.06 2.09
N LYS B 32 -36.53 21.74 2.31
CA LYS B 32 -35.41 21.00 2.90
C LYS B 32 -34.96 19.93 1.89
N ILE B 33 -33.84 19.26 2.18
CA ILE B 33 -33.31 18.26 1.25
C ILE B 33 -33.18 16.89 1.90
N LYS B 34 -33.91 15.91 1.36
CA LYS B 34 -34.11 14.62 2.03
C LYS B 34 -32.95 13.62 1.87
N GLY B 35 -32.65 13.22 0.65
CA GLY B 35 -31.79 12.06 0.44
C GLY B 35 -30.38 12.30 -0.10
N ILE B 36 -29.70 13.30 0.43
CA ILE B 36 -28.34 13.60 -0.01
C ILE B 36 -27.41 13.52 1.18
N PRO B 37 -26.91 12.31 1.47
CA PRO B 37 -26.20 11.95 2.70
C PRO B 37 -25.06 12.90 3.09
N LYS B 38 -24.22 13.30 2.13
CA LYS B 38 -23.02 14.04 2.48
C LYS B 38 -23.17 15.56 2.46
N LEU B 39 -24.38 16.04 2.20
CA LEU B 39 -24.65 17.48 2.27
C LEU B 39 -24.78 17.97 3.71
N ASP B 40 -24.12 19.08 4.02
CA ASP B 40 -24.43 19.85 5.22
C ASP B 40 -25.14 21.12 4.77
N ASP B 41 -26.46 21.16 4.91
CA ASP B 41 -27.23 22.26 4.37
C ASP B 41 -27.02 23.43 5.28
N ALA B 42 -26.92 24.63 4.71
CA ALA B 42 -26.90 25.83 5.52
C ALA B 42 -28.22 25.88 6.32
N ASN B 43 -28.14 26.25 7.60
CA ASN B 43 -29.34 26.44 8.41
C ASN B 43 -30.41 27.32 7.73
N ASP B 44 -30.00 28.40 7.08
CA ASP B 44 -30.95 29.31 6.43
C ASP B 44 -31.21 29.03 4.96
N ALA B 45 -30.62 27.97 4.42
CA ALA B 45 -30.83 27.67 3.02
C ALA B 45 -32.26 27.18 2.81
N GLY B 46 -32.90 27.68 1.76
CA GLY B 46 -34.27 27.30 1.45
C GLY B 46 -35.30 28.18 2.14
N GLY B 47 -34.84 29.25 2.79
CA GLY B 47 -35.71 30.14 3.53
C GLY B 47 -35.74 31.58 3.05
N LYS B 48 -36.00 32.50 3.97
CA LYS B 48 -36.07 33.92 3.63
C LYS B 48 -34.67 34.46 3.28
N HIS B 49 -33.66 33.97 4.00
CA HIS B 49 -32.29 34.42 3.77
C HIS B 49 -31.52 33.48 2.82
N SER B 50 -32.23 32.87 1.87
CA SER B 50 -31.62 31.95 0.91
C SER B 50 -30.45 32.57 0.17
N LEU B 51 -30.74 33.66 -0.55
CA LEU B 51 -29.75 34.35 -1.37
C LEU B 51 -28.49 34.81 -0.62
N GLU B 52 -28.56 34.87 0.69
CA GLU B 52 -27.38 35.22 1.48
C GLU B 52 -26.62 33.98 1.92
N CYS B 53 -27.00 32.82 1.38
CA CYS B 53 -26.32 31.59 1.73
C CYS B 53 -25.33 31.14 0.64
N THR B 54 -24.29 30.46 1.08
CA THR B 54 -23.27 29.96 0.17
C THR B 54 -23.20 28.44 0.25
N LEU B 55 -23.24 27.80 -0.91
CA LEU B 55 -22.93 26.38 -0.96
C LEU B 55 -21.46 26.22 -1.34
N ILE B 56 -20.67 25.70 -0.42
CA ILE B 56 -19.28 25.37 -0.67
C ILE B 56 -19.18 23.96 -1.28
N LEU B 57 -18.78 23.87 -2.55
CA LEU B 57 -18.50 22.60 -3.21
C LEU B 57 -17.01 22.28 -3.10
N THR B 58 -16.69 21.17 -2.43
CA THR B 58 -15.29 20.81 -2.17
C THR B 58 -14.75 19.67 -3.06
N GLU B 59 -13.43 19.65 -3.25
CA GLU B 59 -12.75 18.54 -3.91
C GLU B 59 -12.46 17.43 -2.89
N GLY B 60 -13.37 16.46 -2.78
CA GLY B 60 -13.21 15.34 -1.88
C GLY B 60 -13.76 15.55 -0.47
N ASP B 61 -13.94 14.45 0.26
CA ASP B 61 -14.47 14.51 1.62
C ASP B 61 -13.53 15.21 2.61
N SER B 62 -12.22 15.04 2.40
CA SER B 62 -11.21 15.64 3.27
C SER B 62 -11.34 17.16 3.33
N ALA B 63 -11.56 17.75 2.16
CA ALA B 63 -11.72 19.19 2.05
C ALA B 63 -13.01 19.62 2.76
N LYS B 64 -14.06 18.80 2.62
CA LYS B 64 -15.32 19.10 3.29
C LYS B 64 -15.13 19.22 4.80
N SER B 65 -14.43 18.25 5.37
CA SER B 65 -14.18 18.20 6.82
C SER B 65 -13.45 19.44 7.30
N LEU B 66 -12.41 19.83 6.57
CA LEU B 66 -11.68 21.05 6.87
C LEU B 66 -12.60 22.26 6.78
N ALA B 67 -13.50 22.26 5.80
CA ALA B 67 -14.45 23.36 5.64
C ALA B 67 -15.43 23.38 6.79
N VAL B 68 -15.92 22.20 7.17
CA VAL B 68 -16.84 22.07 8.29
C VAL B 68 -16.18 22.54 9.60
N SER B 69 -14.90 22.20 9.79
CA SER B 69 -14.16 22.67 10.94
C SER B 69 -13.96 24.19 10.89
N GLY B 70 -13.70 24.70 9.71
CA GLY B 70 -13.43 26.12 9.54
C GLY B 70 -14.65 26.97 9.82
N LEU B 71 -15.82 26.44 9.52
CA LEU B 71 -17.06 27.15 9.72
C LEU B 71 -17.48 27.15 11.18
N GLY B 72 -16.95 26.21 11.96
CA GLY B 72 -17.32 26.07 13.35
C GLY B 72 -18.82 25.93 13.52
N VAL B 73 -19.38 26.60 14.53
CA VAL B 73 -20.82 26.62 14.76
C VAL B 73 -21.49 27.86 14.16
N ILE B 74 -20.77 28.98 14.17
CA ILE B 74 -21.25 30.22 13.56
C ILE B 74 -21.56 30.00 12.09
N GLY B 75 -20.60 29.39 11.38
CA GLY B 75 -20.66 29.20 9.94
C GLY B 75 -21.83 28.37 9.45
N ARG B 76 -22.35 27.49 10.31
CA ARG B 76 -23.43 26.56 9.92
C ARG B 76 -24.67 27.26 9.42
N ASP B 77 -24.81 28.55 9.74
CA ASP B 77 -26.03 29.28 9.40
C ASP B 77 -26.11 29.76 7.94
N ARG B 78 -25.01 30.31 7.44
CA ARG B 78 -24.99 30.88 6.09
C ARG B 78 -24.19 30.05 5.09
N TYR B 79 -23.54 28.99 5.57
CA TYR B 79 -22.71 28.14 4.72
C TYR B 79 -23.10 26.66 4.70
N GLY B 80 -23.38 26.17 3.49
CA GLY B 80 -23.51 24.75 3.26
C GLY B 80 -22.27 24.12 2.62
N VAL B 81 -21.99 22.87 2.97
CA VAL B 81 -20.87 22.14 2.38
C VAL B 81 -21.30 20.81 1.73
N PHE B 82 -20.83 20.56 0.49
CA PHE B 82 -21.08 19.34 -0.24
C PHE B 82 -19.85 18.86 -1.02
N PRO B 83 -19.39 17.63 -0.77
CA PRO B 83 -18.16 17.19 -1.42
C PRO B 83 -18.45 16.56 -2.78
N LEU B 84 -17.60 16.83 -3.75
CA LEU B 84 -17.61 16.13 -5.03
C LEU B 84 -16.41 15.21 -5.04
N ARG B 85 -16.62 13.97 -5.45
CA ARG B 85 -15.53 13.01 -5.56
C ARG B 85 -15.25 12.67 -7.03
N GLY B 86 -14.11 13.10 -7.52
CA GLY B 86 -13.74 12.80 -8.90
C GLY B 86 -14.10 13.90 -9.89
N LYS B 87 -13.54 13.84 -11.09
CA LYS B 87 -13.85 14.81 -12.13
C LYS B 87 -15.34 14.67 -12.43
N ILE B 88 -16.01 15.77 -12.76
CA ILE B 88 -17.42 15.73 -13.08
C ILE B 88 -17.71 15.82 -14.59
N LEU B 89 -18.94 15.48 -14.94
CA LEU B 89 -19.41 15.49 -16.32
C LEU B 89 -19.21 16.84 -17.00
N ASN B 90 -18.65 16.82 -18.20
CA ASN B 90 -18.66 18.00 -19.08
C ASN B 90 -20.04 18.05 -19.76
N VAL B 91 -20.95 18.85 -19.20
CA VAL B 91 -22.34 18.83 -19.64
C VAL B 91 -22.56 19.40 -21.04
N ARG B 92 -21.68 20.29 -21.47
CA ARG B 92 -21.73 20.86 -22.81
C ARG B 92 -21.55 19.69 -23.80
N GLU B 93 -22.45 19.60 -24.77
CA GLU B 93 -22.43 18.48 -25.73
C GLU B 93 -22.56 17.06 -25.14
N ALA B 94 -22.82 16.90 -23.84
CA ALA B 94 -23.07 15.56 -23.30
C ALA B 94 -24.43 15.02 -23.78
N SER B 95 -24.59 13.70 -23.79
CA SER B 95 -25.87 13.13 -24.20
C SER B 95 -26.93 13.43 -23.16
N HIS B 96 -28.19 13.39 -23.58
CA HIS B 96 -29.30 13.62 -22.66
C HIS B 96 -29.30 12.59 -21.54
N LYS B 97 -29.05 11.33 -21.89
CA LYS B 97 -29.06 10.23 -20.92
C LYS B 97 -28.02 10.47 -19.83
N GLN B 98 -26.80 10.71 -20.27
CA GLN B 98 -25.67 11.01 -19.40
C GLN B 98 -26.01 12.10 -18.42
N ILE B 99 -26.57 13.19 -18.93
CA ILE B 99 -26.94 14.32 -18.10
C ILE B 99 -28.03 13.99 -17.07
N MET B 100 -29.07 13.26 -17.49
CA MET B 100 -30.15 12.92 -16.57
C MET B 100 -29.71 11.95 -15.46
N GLU B 101 -28.81 11.04 -15.78
CA GLU B 101 -28.41 10.01 -14.82
C GLU B 101 -27.21 10.33 -13.91
N ASN B 102 -26.57 11.48 -14.14
CA ASN B 102 -25.37 11.87 -13.38
C ASN B 102 -25.66 12.31 -11.94
N ALA B 103 -25.02 11.63 -10.98
CA ALA B 103 -25.27 11.90 -9.56
C ALA B 103 -24.85 13.30 -9.11
N GLU B 104 -23.66 13.74 -9.52
CA GLU B 104 -23.14 15.01 -9.02
C GLU B 104 -23.97 16.23 -9.52
N ILE B 105 -24.26 16.34 -10.81
CA ILE B 105 -24.95 17.54 -11.24
C ILE B 105 -26.40 17.55 -10.79
N ASN B 106 -27.05 16.38 -10.77
CA ASN B 106 -28.40 16.30 -10.20
C ASN B 106 -28.43 16.63 -8.72
N ASN B 107 -27.38 16.28 -7.99
CA ASN B 107 -27.31 16.65 -6.59
C ASN B 107 -27.13 18.16 -6.42
N ILE B 108 -26.25 18.74 -7.23
CA ILE B 108 -26.03 20.17 -7.17
C ILE B 108 -27.31 20.92 -7.51
N ILE B 109 -28.04 20.43 -8.51
CA ILE B 109 -29.31 21.00 -8.93
C ILE B 109 -30.34 20.95 -7.81
N LYS B 110 -30.44 19.82 -7.13
CA LYS B 110 -31.38 19.66 -6.01
C LYS B 110 -31.05 20.57 -4.80
N ILE B 111 -29.78 20.61 -4.40
CA ILE B 111 -29.35 21.39 -3.24
C ILE B 111 -29.53 22.90 -3.41
N VAL B 112 -29.33 23.37 -4.63
CA VAL B 112 -29.45 24.79 -4.94
C VAL B 112 -30.87 25.18 -5.39
N GLY B 113 -31.60 24.23 -5.96
CA GLY B 113 -32.96 24.48 -6.39
C GLY B 113 -33.02 25.06 -7.80
N LEU B 114 -32.06 24.68 -8.63
CA LEU B 114 -31.97 25.19 -9.99
C LEU B 114 -32.97 24.45 -10.87
N GLN B 115 -33.34 25.08 -11.99
CA GLN B 115 -34.18 24.40 -12.97
C GLN B 115 -33.64 24.64 -14.35
N TYR B 116 -33.55 23.58 -15.13
CA TYR B 116 -33.18 23.72 -16.52
C TYR B 116 -34.11 24.70 -17.20
N LYS B 117 -33.58 25.38 -18.22
CA LYS B 117 -34.35 26.26 -19.09
C LYS B 117 -34.94 27.53 -18.44
N LYS B 118 -34.59 27.81 -17.18
CA LYS B 118 -35.05 29.03 -16.52
C LYS B 118 -34.01 30.16 -16.49
N SER B 119 -34.39 31.33 -17.00
CA SER B 119 -33.52 32.49 -16.96
C SER B 119 -33.52 33.17 -15.59
N TYR B 120 -32.34 33.37 -15.02
CA TYR B 120 -32.22 34.08 -13.75
C TYR B 120 -31.73 35.51 -13.94
N ASP B 121 -32.45 36.26 -14.75
CA ASP B 121 -32.11 37.66 -15.05
C ASP B 121 -32.51 38.65 -13.94
N ASP B 122 -33.82 38.80 -13.69
CA ASP B 122 -34.29 39.77 -12.69
C ASP B 122 -34.13 39.31 -11.22
N ALA B 123 -34.81 39.99 -10.30
CA ALA B 123 -34.73 39.62 -8.88
C ALA B 123 -35.90 38.72 -8.47
N GLU B 124 -36.91 38.64 -9.33
CA GLU B 124 -38.02 37.73 -9.11
C GLU B 124 -37.59 36.29 -9.33
N SER B 125 -36.86 36.06 -10.42
CA SER B 125 -36.42 34.72 -10.79
C SER B 125 -35.52 34.11 -9.73
N LEU B 126 -34.74 34.95 -9.06
CA LEU B 126 -33.81 34.50 -8.03
C LEU B 126 -34.47 33.97 -6.77
N LYS B 127 -35.79 34.06 -6.70
CA LYS B 127 -36.49 33.74 -5.47
C LYS B 127 -36.72 32.22 -5.29
N THR B 128 -36.52 31.45 -6.35
CA THR B 128 -36.66 29.99 -6.25
C THR B 128 -35.33 29.25 -5.99
N LEU B 129 -34.35 29.91 -5.38
CA LEU B 129 -33.06 29.27 -5.13
C LEU B 129 -32.80 29.17 -3.64
N ARG B 130 -32.23 28.04 -3.22
CA ARG B 130 -31.97 27.78 -1.81
C ARG B 130 -30.65 28.38 -1.36
N TYR B 131 -29.80 28.73 -2.33
CA TYR B 131 -28.51 29.38 -2.07
C TYR B 131 -28.30 30.51 -3.08
N GLY B 132 -27.60 31.57 -2.65
CA GLY B 132 -27.36 32.71 -3.52
C GLY B 132 -26.11 32.58 -4.35
N LYS B 133 -25.19 31.73 -3.88
CA LYS B 133 -23.89 31.58 -4.53
C LYS B 133 -23.26 30.21 -4.25
N ILE B 134 -22.35 29.80 -5.14
CA ILE B 134 -21.56 28.60 -4.93
C ILE B 134 -20.07 28.97 -4.78
N MET B 135 -19.47 28.56 -3.67
CA MET B 135 -18.04 28.76 -3.50
C MET B 135 -17.31 27.44 -3.75
N ILE B 136 -16.44 27.44 -4.76
CA ILE B 136 -15.70 26.23 -5.12
C ILE B 136 -14.40 26.12 -4.34
N MET B 137 -14.21 24.99 -3.68
CA MET B 137 -12.99 24.79 -2.90
C MET B 137 -12.26 23.53 -3.35
N THR B 138 -11.21 23.71 -4.13
CA THR B 138 -10.39 22.60 -4.65
C THR B 138 -8.93 22.74 -4.20
N ASP B 139 -8.15 21.67 -4.39
CA ASP B 139 -6.68 21.72 -4.31
C ASP B 139 -6.17 22.88 -5.14
N GLN B 140 -5.20 23.64 -4.64
CA GLN B 140 -4.53 24.62 -5.49
C GLN B 140 -3.48 23.97 -6.41
N ASP B 141 -3.89 22.97 -7.18
CA ASP B 141 -3.05 22.33 -8.18
C ASP B 141 -3.82 22.30 -9.48
N GLN B 142 -3.19 21.79 -10.53
CA GLN B 142 -3.81 21.78 -11.86
C GLN B 142 -5.13 21.02 -11.92
N ASP B 143 -5.23 19.90 -11.24
CA ASP B 143 -6.45 19.11 -11.34
C ASP B 143 -7.63 19.81 -10.62
N GLY B 144 -7.31 20.49 -9.53
CA GLY B 144 -8.26 21.40 -8.90
C GLY B 144 -8.82 22.42 -9.86
N SER B 145 -7.94 23.01 -10.70
CA SER B 145 -8.36 24.05 -11.64
C SER B 145 -9.30 23.47 -12.66
N HIS B 146 -9.00 22.24 -13.06
CA HIS B 146 -9.86 21.54 -14.00
C HIS B 146 -11.29 21.35 -13.44
N ILE B 147 -11.38 20.96 -12.17
CA ILE B 147 -12.67 20.78 -11.52
C ILE B 147 -13.40 22.11 -11.40
N LYS B 148 -12.70 23.18 -11.03
CA LYS B 148 -13.31 24.50 -11.03
C LYS B 148 -13.92 24.79 -12.40
N GLY B 149 -13.14 24.52 -13.44
CA GLY B 149 -13.52 24.87 -14.79
C GLY B 149 -14.72 24.09 -15.27
N LEU B 150 -14.82 22.85 -14.83
CA LEU B 150 -15.92 21.99 -15.21
C LEU B 150 -17.20 22.47 -14.51
N LEU B 151 -17.08 22.85 -13.25
CA LEU B 151 -18.19 23.44 -12.52
C LEU B 151 -18.65 24.73 -13.20
N ILE B 152 -17.69 25.62 -13.47
CA ILE B 152 -17.96 26.84 -14.22
C ILE B 152 -18.64 26.51 -15.54
N ASN B 153 -18.12 25.51 -16.24
CA ASN B 153 -18.69 25.06 -17.51
C ASN B 153 -20.16 24.66 -17.34
N PHE B 154 -20.45 24.00 -16.23
CA PHE B 154 -21.78 23.50 -15.94
C PHE B 154 -22.78 24.67 -15.81
N ILE B 155 -22.45 25.65 -14.97
CA ILE B 155 -23.29 26.84 -14.83
C ILE B 155 -23.37 27.67 -16.13
N HIS B 156 -22.24 27.93 -16.78
CA HIS B 156 -22.23 28.75 -17.97
C HIS B 156 -23.09 28.19 -19.09
N HIS B 157 -23.18 26.87 -19.17
CA HIS B 157 -23.92 26.19 -20.22
C HIS B 157 -25.45 26.16 -19.99
N ASN B 158 -25.85 26.04 -18.73
CA ASN B 158 -27.27 25.93 -18.40
C ASN B 158 -27.88 27.25 -17.91
N TRP B 159 -27.08 28.07 -17.26
CA TRP B 159 -27.59 29.31 -16.67
C TRP B 159 -26.59 30.45 -16.81
N PRO B 160 -26.33 30.89 -18.06
CA PRO B 160 -25.41 32.03 -18.26
C PRO B 160 -25.85 33.26 -17.47
N SER B 161 -27.15 33.48 -17.39
CA SER B 161 -27.71 34.59 -16.58
C SER B 161 -27.19 34.64 -15.16
N LEU B 162 -26.95 33.47 -14.57
CA LEU B 162 -26.50 33.41 -13.19
C LEU B 162 -25.10 33.96 -13.04
N LEU B 163 -24.27 33.74 -14.06
CA LEU B 163 -22.89 34.24 -14.03
C LEU B 163 -22.81 35.77 -13.96
N LYS B 164 -23.73 36.45 -14.64
CA LYS B 164 -23.80 37.90 -14.62
C LYS B 164 -24.03 38.46 -13.21
N HIS B 165 -24.71 37.70 -12.36
CA HIS B 165 -25.01 38.13 -11.00
C HIS B 165 -23.88 37.85 -10.03
N GLY B 166 -22.85 37.13 -10.49
CA GLY B 166 -21.78 36.71 -9.60
C GLY B 166 -22.20 35.52 -8.76
N PHE B 167 -22.61 34.45 -9.42
CA PHE B 167 -23.06 33.27 -8.72
C PHE B 167 -21.88 32.47 -8.15
N LEU B 168 -20.78 32.48 -8.89
CA LEU B 168 -19.62 31.65 -8.61
C LEU B 168 -18.47 32.37 -7.91
N GLU B 169 -17.96 31.77 -6.85
CA GLU B 169 -16.79 32.24 -6.13
C GLU B 169 -15.83 31.07 -5.92
N GLU B 170 -14.64 31.33 -5.38
CA GLU B 170 -13.74 30.24 -5.00
C GLU B 170 -13.00 30.53 -3.69
N PHE B 171 -12.53 29.48 -3.04
CA PHE B 171 -11.75 29.62 -1.81
C PHE B 171 -10.34 29.05 -1.96
N ILE B 172 -9.35 29.91 -1.81
CA ILE B 172 -7.96 29.57 -2.11
C ILE B 172 -7.25 28.84 -0.97
N ALA B 219 -5.78 20.84 8.23
CA ALA B 219 -5.30 20.40 9.53
C ALA B 219 -5.98 21.17 10.67
N LYS B 220 -5.17 21.54 11.67
CA LYS B 220 -5.62 22.44 12.74
C LYS B 220 -5.56 23.87 12.22
N GLU B 221 -4.87 24.03 11.08
CA GLU B 221 -4.78 25.30 10.37
C GLU B 221 -6.15 25.70 9.81
N ALA B 222 -7.05 24.74 9.75
CA ALA B 222 -8.36 24.91 9.10
C ALA B 222 -9.26 25.98 9.74
N LYS B 223 -9.32 26.00 11.06
CA LYS B 223 -10.17 26.98 11.76
C LYS B 223 -9.61 28.42 11.65
N GLU B 224 -8.33 28.53 11.32
CA GLU B 224 -7.68 29.83 11.14
C GLU B 224 -7.94 30.44 9.76
N TYR B 225 -7.92 29.60 8.72
CA TYR B 225 -8.16 30.03 7.34
C TYR B 225 -9.51 30.73 7.17
N PHE B 226 -10.51 30.21 7.88
CA PHE B 226 -11.89 30.68 7.74
C PHE B 226 -12.23 31.97 8.51
N ALA B 227 -11.42 32.32 9.51
CA ALA B 227 -11.60 33.60 10.21
C ALA B 227 -10.97 34.73 9.40
N ASP B 228 -10.03 34.34 8.53
CA ASP B 228 -9.39 35.25 7.60
C ASP B 228 -9.92 34.93 6.20
N MET B 229 -11.13 34.35 6.17
CA MET B 229 -11.72 33.87 4.93
C MET B 229 -11.72 34.88 3.80
N GLU B 230 -11.97 36.15 4.10
CA GLU B 230 -12.22 37.11 3.05
C GLU B 230 -11.03 37.33 2.13
N ARG B 231 -9.83 37.09 2.67
CA ARG B 231 -8.60 37.18 1.89
C ARG B 231 -8.47 35.99 0.95
N HIS B 232 -8.93 34.83 1.41
CA HIS B 232 -8.93 33.60 0.62
C HIS B 232 -10.09 33.50 -0.39
N ARG B 233 -10.93 34.52 -0.45
CA ARG B 233 -12.15 34.44 -1.25
C ARG B 233 -12.01 35.25 -2.55
N ILE B 234 -12.10 34.56 -3.69
CA ILE B 234 -12.01 35.24 -4.98
C ILE B 234 -13.35 35.13 -5.66
N LEU B 235 -13.80 36.22 -6.30
CA LEU B 235 -15.05 36.21 -7.03
C LEU B 235 -14.80 36.15 -8.51
N PHE B 236 -15.55 35.30 -9.20
CA PHE B 236 -15.43 35.24 -10.64
C PHE B 236 -16.27 36.37 -11.20
N ARG B 237 -15.73 37.06 -12.19
CA ARG B 237 -16.46 38.15 -12.82
C ARG B 237 -16.75 37.86 -14.28
N TYR B 238 -17.97 38.12 -14.71
CA TYR B 238 -18.29 38.06 -16.12
C TYR B 238 -18.16 39.45 -16.72
N ALA B 239 -17.30 39.61 -17.72
CA ALA B 239 -17.01 40.96 -18.20
C ALA B 239 -17.31 41.21 -19.68
N GLY B 240 -17.79 40.21 -20.40
CA GLY B 240 -18.07 40.40 -21.81
C GLY B 240 -18.13 39.11 -22.60
N PRO B 241 -18.31 39.20 -23.92
CA PRO B 241 -18.39 37.98 -24.70
C PRO B 241 -17.06 37.23 -24.76
N GLU B 242 -15.98 37.87 -24.33
CA GLU B 242 -14.67 37.21 -24.30
C GLU B 242 -14.62 36.17 -23.20
N ASP B 243 -15.45 36.35 -22.18
CA ASP B 243 -15.62 35.36 -21.12
C ASP B 243 -16.35 34.11 -21.63
N ASP B 244 -17.33 34.30 -22.51
CA ASP B 244 -18.05 33.17 -23.11
C ASP B 244 -17.12 32.38 -24.00
N ALA B 245 -16.29 33.10 -24.75
CA ALA B 245 -15.43 32.43 -25.72
C ALA B 245 -14.30 31.66 -25.03
N ALA B 246 -13.86 32.12 -23.87
CA ALA B 246 -12.81 31.42 -23.14
C ALA B 246 -13.30 30.07 -22.57
N ILE B 247 -14.47 30.08 -21.95
CA ILE B 247 -15.10 28.87 -21.42
C ILE B 247 -15.42 27.87 -22.53
N THR B 248 -15.90 28.39 -23.65
CA THR B 248 -16.21 27.58 -24.82
C THR B 248 -14.97 26.98 -25.45
N LEU B 249 -13.89 27.75 -25.49
CA LEU B 249 -12.63 27.27 -26.02
C LEU B 249 -12.16 26.05 -25.23
N ALA B 250 -12.27 26.14 -23.91
CA ALA B 250 -11.77 25.10 -23.04
C ALA B 250 -12.60 23.80 -23.03
N PHE B 251 -13.93 23.93 -23.23
CA PHE B 251 -14.84 22.82 -22.93
C PHE B 251 -15.75 22.32 -24.04
N SER B 252 -15.70 22.95 -25.21
CA SER B 252 -16.54 22.52 -26.31
C SER B 252 -15.84 21.53 -27.24
N LYS B 253 -16.51 20.42 -27.51
CA LYS B 253 -16.03 19.43 -28.47
C LYS B 253 -15.79 20.01 -29.85
N LYS B 254 -16.42 21.15 -30.15
CA LYS B 254 -16.24 21.77 -31.46
C LYS B 254 -14.99 22.66 -31.56
N LYS B 255 -14.23 22.77 -30.47
CA LYS B 255 -13.13 23.71 -30.45
C LYS B 255 -11.77 23.05 -30.25
N ILE B 256 -11.63 21.82 -30.72
CA ILE B 256 -10.34 21.11 -30.62
C ILE B 256 -9.20 21.86 -31.29
N ASP B 257 -9.44 22.33 -32.51
CA ASP B 257 -8.43 23.08 -33.27
C ASP B 257 -7.96 24.33 -32.55
N ASP B 258 -8.92 25.12 -32.05
CA ASP B 258 -8.59 26.31 -31.29
C ASP B 258 -7.78 25.96 -30.05
N ARG B 259 -8.08 24.82 -29.42
CA ARG B 259 -7.29 24.38 -28.27
C ARG B 259 -5.83 24.05 -28.65
N LYS B 260 -5.64 23.46 -29.84
CA LYS B 260 -4.29 23.22 -30.36
C LYS B 260 -3.51 24.52 -30.50
N GLU B 261 -4.15 25.53 -31.09
CA GLU B 261 -3.50 26.84 -31.25
C GLU B 261 -3.26 27.52 -29.90
N TRP B 262 -4.26 27.45 -29.04
CA TRP B 262 -4.21 27.97 -27.69
C TRP B 262 -2.99 27.44 -26.94
N LEU B 263 -2.79 26.13 -26.98
CA LEU B 263 -1.67 25.52 -26.26
C LEU B 263 -0.33 25.71 -26.96
N THR B 264 -0.35 25.77 -28.29
CA THR B 264 0.84 25.99 -29.08
C THR B 264 1.47 27.33 -28.73
N ASN B 265 0.64 28.38 -28.71
CA ASN B 265 1.09 29.70 -28.31
C ASN B 265 1.61 29.68 -26.88
N PHE B 266 0.88 29.01 -26.00
CA PHE B 266 1.31 28.90 -24.62
C PHE B 266 2.70 28.25 -24.51
N MET B 267 2.91 27.19 -25.29
CA MET B 267 4.15 26.43 -25.18
C MET B 267 5.30 27.23 -25.76
N GLU B 268 5.02 27.93 -26.85
CA GLU B 268 5.99 28.81 -27.49
C GLU B 268 6.46 29.91 -26.55
N ASP B 269 5.49 30.64 -25.97
CA ASP B 269 5.82 31.74 -25.08
C ASP B 269 6.63 31.25 -23.87
N ARG B 270 6.18 30.16 -23.28
CA ARG B 270 6.88 29.54 -22.16
C ARG B 270 8.32 29.18 -22.53
N ARG B 271 8.53 28.83 -23.79
CA ARG B 271 9.86 28.44 -24.28
C ARG B 271 10.76 29.67 -24.34
N GLN B 272 10.21 30.79 -24.80
CA GLN B 272 10.93 32.06 -24.87
C GLN B 272 11.41 32.52 -23.49
N ARG B 273 10.50 32.54 -22.53
CA ARG B 273 10.81 33.01 -21.18
C ARG B 273 11.98 32.24 -20.54
N ARG B 274 12.29 31.06 -21.05
CA ARG B 274 13.45 30.31 -20.58
C ARG B 274 14.74 30.82 -21.22
N LEU B 275 14.59 31.76 -22.15
CA LEU B 275 15.74 32.31 -22.87
C LEU B 275 15.92 33.79 -22.56
N LYS B 289 -8.67 39.94 -6.40
CA LYS B 289 -9.95 39.82 -5.67
C LYS B 289 -11.09 39.37 -6.57
N HIS B 290 -11.12 39.91 -7.77
CA HIS B 290 -12.10 39.50 -8.77
C HIS B 290 -11.32 38.93 -9.94
N LEU B 291 -11.85 37.88 -10.54
CA LEU B 291 -11.12 37.14 -11.56
C LEU B 291 -12.08 36.84 -12.68
N THR B 292 -11.85 37.45 -13.83
CA THR B 292 -12.73 37.22 -14.96
C THR B 292 -12.57 35.79 -15.43
N TYR B 293 -13.59 35.26 -16.09
CA TYR B 293 -13.53 33.88 -16.54
C TYR B 293 -12.44 33.77 -17.58
N ASN B 294 -12.35 34.78 -18.43
CA ASN B 294 -11.33 34.79 -19.48
C ASN B 294 -9.92 34.65 -18.94
N ASP B 295 -9.63 35.29 -17.82
CA ASP B 295 -8.32 35.15 -17.16
C ASP B 295 -8.15 33.81 -16.45
N PHE B 296 -9.25 33.24 -15.94
CA PHE B 296 -9.17 31.93 -15.34
C PHE B 296 -8.79 30.88 -16.38
N ILE B 297 -9.45 30.94 -17.52
CA ILE B 297 -9.19 29.98 -18.57
C ILE B 297 -7.78 30.13 -19.11
N ASN B 298 -7.41 31.38 -19.38
CA ASN B 298 -6.19 31.66 -20.13
C ASN B 298 -4.93 31.66 -19.28
N LYS B 299 -5.10 31.80 -17.95
CA LYS B 299 -3.96 31.88 -17.06
C LYS B 299 -3.93 30.82 -15.98
N GLU B 300 -5.04 30.12 -15.75
CA GLU B 300 -5.05 29.04 -14.76
C GLU B 300 -5.34 27.67 -15.35
N LEU B 301 -6.46 27.56 -16.06
CA LEU B 301 -6.86 26.27 -16.62
C LEU B 301 -5.85 25.78 -17.64
N ILE B 302 -5.26 26.72 -18.37
CA ILE B 302 -4.32 26.37 -19.41
C ILE B 302 -3.15 25.58 -18.83
N LEU B 303 -2.85 25.84 -17.56
CA LEU B 303 -1.79 25.13 -16.89
C LEU B 303 -2.20 23.70 -16.65
N PHE B 304 -3.49 23.45 -16.45
CA PHE B 304 -3.92 22.07 -16.36
C PHE B 304 -3.84 21.39 -17.73
N SER B 305 -4.35 22.07 -18.76
CA SER B 305 -4.35 21.50 -20.09
C SER B 305 -2.93 21.11 -20.51
N ASN B 306 -1.97 21.96 -20.18
CA ASN B 306 -0.59 21.68 -20.56
C ASN B 306 -0.05 20.50 -19.76
N SER B 307 -0.23 20.54 -18.43
CA SER B 307 0.14 19.40 -17.57
C SER B 307 -0.50 18.10 -18.03
N ASP B 308 -1.69 18.20 -18.59
CA ASP B 308 -2.44 17.04 -19.03
C ASP B 308 -1.67 16.35 -20.16
N ASN B 309 -1.17 17.16 -21.09
CA ASN B 309 -0.32 16.67 -22.17
C ASN B 309 1.01 16.13 -21.63
N GLU B 310 1.62 16.88 -20.72
CA GLU B 310 2.89 16.45 -20.17
C GLU B 310 2.82 15.10 -19.49
N ARG B 311 1.68 14.76 -18.90
CA ARG B 311 1.54 13.46 -18.27
C ARG B 311 0.92 12.39 -19.16
N SER B 312 0.25 12.78 -20.25
CA SER B 312 -0.52 11.81 -21.04
C SER B 312 0.14 11.43 -22.36
N ILE B 313 1.01 12.31 -22.83
CA ILE B 313 1.62 12.15 -24.15
C ILE B 313 3.09 11.74 -24.03
N PRO B 314 3.45 10.59 -24.59
CA PRO B 314 4.76 9.96 -24.36
C PRO B 314 5.90 10.72 -25.01
N SER B 315 7.11 10.53 -24.48
CA SER B 315 8.33 11.00 -25.13
C SER B 315 8.71 10.10 -26.31
N LEU B 316 9.15 10.71 -27.41
CA LEU B 316 9.70 9.94 -28.53
C LEU B 316 10.93 9.12 -28.11
N VAL B 317 11.74 9.69 -27.22
CA VAL B 317 13.04 9.12 -26.89
C VAL B 317 12.96 7.76 -26.23
N ASP B 318 12.10 7.63 -25.22
CA ASP B 318 12.00 6.36 -24.52
C ASP B 318 10.60 5.75 -24.56
N GLY B 319 9.66 6.43 -25.20
CA GLY B 319 8.29 5.94 -25.25
C GLY B 319 7.55 5.96 -23.92
N PHE B 320 8.08 6.68 -22.95
CA PHE B 320 7.46 6.78 -21.63
C PHE B 320 6.70 8.08 -21.43
N LYS B 321 5.70 8.03 -20.56
CA LYS B 321 5.14 9.24 -19.95
C LYS B 321 5.76 9.31 -18.56
N PRO B 322 5.72 10.48 -17.90
CA PRO B 322 6.45 10.59 -16.63
C PRO B 322 6.09 9.56 -15.53
N GLY B 323 4.83 9.18 -15.41
CA GLY B 323 4.44 8.19 -14.43
C GLY B 323 5.15 6.86 -14.66
N GLN B 324 5.15 6.41 -15.91
CA GLN B 324 5.84 5.19 -16.30
C GLN B 324 7.34 5.31 -16.04
N ARG B 325 7.89 6.48 -16.37
CA ARG B 325 9.33 6.71 -16.25
C ARG B 325 9.75 6.63 -14.77
N LYS B 326 8.96 7.21 -13.89
CA LYS B 326 9.20 7.17 -12.44
C LYS B 326 9.18 5.74 -11.92
N VAL B 327 8.27 4.92 -12.44
CA VAL B 327 8.20 3.52 -12.07
C VAL B 327 9.50 2.79 -12.42
N LEU B 328 9.95 2.96 -13.66
CA LEU B 328 11.16 2.30 -14.12
C LEU B 328 12.36 2.78 -13.32
N PHE B 329 12.46 4.09 -13.16
CA PHE B 329 13.52 4.70 -12.37
C PHE B 329 13.60 4.05 -10.99
N THR B 330 12.46 3.97 -10.31
CA THR B 330 12.37 3.31 -9.02
C THR B 330 12.87 1.86 -9.08
N CYS B 331 12.38 1.09 -10.06
CA CYS B 331 12.81 -0.31 -10.22
C CYS B 331 14.33 -0.46 -10.37
N PHE B 332 14.95 0.40 -11.16
CA PHE B 332 16.38 0.38 -11.33
C PHE B 332 17.07 0.65 -10.00
N LYS B 333 16.67 1.72 -9.33
CA LYS B 333 17.20 2.07 -8.00
C LYS B 333 17.06 0.92 -7.03
N ARG B 334 15.86 0.34 -6.98
CA ARG B 334 15.55 -0.78 -6.12
C ARG B 334 16.34 -2.03 -6.45
N ASN B 335 16.43 -2.32 -7.75
CA ASN B 335 17.14 -3.49 -8.24
C ASN B 335 16.67 -4.78 -7.58
N ASP B 336 15.36 -4.99 -7.54
CA ASP B 336 14.80 -6.14 -6.84
C ASP B 336 15.24 -7.47 -7.45
N LYS B 337 15.64 -8.40 -6.60
CA LYS B 337 16.07 -9.70 -7.05
C LYS B 337 14.94 -10.72 -6.86
N ARG B 338 13.91 -10.30 -6.15
CA ARG B 338 12.70 -11.11 -5.99
C ARG B 338 11.43 -10.26 -6.17
N GLU B 339 10.31 -10.91 -6.40
CA GLU B 339 9.06 -10.21 -6.63
C GLU B 339 8.65 -9.28 -5.47
N VAL B 340 8.12 -8.12 -5.83
CA VAL B 340 7.55 -7.17 -4.89
C VAL B 340 6.08 -7.06 -5.21
N LYS B 341 5.22 -6.94 -4.20
CA LYS B 341 3.80 -6.69 -4.47
C LYS B 341 3.65 -5.36 -5.22
N VAL B 342 2.75 -5.34 -6.19
CA VAL B 342 2.49 -4.15 -7.00
C VAL B 342 2.14 -2.94 -6.13
N ALA B 343 1.22 -3.11 -5.18
CA ALA B 343 0.88 -2.02 -4.28
C ALA B 343 2.10 -1.53 -3.46
N GLN B 344 2.96 -2.44 -3.06
CA GLN B 344 4.15 -2.00 -2.37
C GLN B 344 5.06 -1.23 -3.32
N LEU B 345 5.24 -1.73 -4.55
CA LEU B 345 6.05 -1.02 -5.54
C LEU B 345 5.55 0.42 -5.76
N ALA B 346 4.23 0.57 -5.91
CA ALA B 346 3.65 1.88 -6.11
C ALA B 346 4.02 2.86 -4.99
N GLY B 347 3.86 2.41 -3.75
CA GLY B 347 4.23 3.21 -2.59
C GLY B 347 5.69 3.59 -2.62
N SER B 348 6.52 2.66 -3.05
CA SER B 348 7.97 2.88 -3.20
C SER B 348 8.27 3.92 -4.28
N VAL B 349 7.61 3.79 -5.44
CA VAL B 349 7.73 4.80 -6.49
C VAL B 349 7.31 6.18 -5.96
N ALA B 350 6.19 6.22 -5.25
CA ALA B 350 5.68 7.49 -4.71
C ALA B 350 6.75 8.16 -3.87
N GLU B 351 7.36 7.38 -2.97
CA GLU B 351 8.43 7.81 -2.08
C GLU B 351 9.68 8.24 -2.84
N MET B 352 10.25 7.34 -3.63
CA MET B 352 11.53 7.59 -4.31
C MET B 352 11.50 8.56 -5.49
N SER B 353 10.35 8.78 -6.09
CA SER B 353 10.34 9.58 -7.31
C SER B 353 9.46 10.80 -7.22
N ALA B 354 9.00 11.10 -6.01
CA ALA B 354 8.18 12.28 -5.76
C ALA B 354 6.94 12.28 -6.64
N TYR B 355 6.20 11.18 -6.65
CA TYR B 355 4.96 11.09 -7.41
C TYR B 355 3.85 11.70 -6.58
N HIS B 356 3.30 12.82 -7.05
CA HIS B 356 2.34 13.59 -6.27
C HIS B 356 0.86 13.27 -6.53
N HIS B 357 0.56 12.03 -6.89
CA HIS B 357 -0.82 11.69 -7.21
C HIS B 357 -1.29 10.47 -6.46
N GLY B 358 -2.58 10.17 -6.58
CA GLY B 358 -3.14 9.00 -5.95
C GLY B 358 -2.45 7.75 -6.42
N GLU B 359 -2.29 6.79 -5.52
CA GLU B 359 -1.51 5.61 -5.82
C GLU B 359 -2.23 4.61 -6.70
N GLN B 360 -3.56 4.64 -6.73
CA GLN B 360 -4.29 3.67 -7.54
CA GLN B 360 -4.29 3.67 -7.53
C GLN B 360 -3.94 3.83 -9.01
N ALA B 361 -3.72 5.08 -9.45
CA ALA B 361 -3.36 5.35 -10.82
C ALA B 361 -2.00 4.73 -11.14
N LEU B 362 -1.10 4.78 -10.16
CA LEU B 362 0.24 4.26 -10.33
C LEU B 362 0.25 2.73 -10.35
N MET B 363 -0.58 2.10 -9.53
CA MET B 363 -0.69 0.65 -9.54
C MET B 363 -1.24 0.16 -10.88
N MET B 364 -2.15 0.94 -11.45
CA MET B 364 -2.70 0.59 -12.75
C MET B 364 -1.66 0.75 -13.88
N THR B 365 -0.81 1.78 -13.78
CA THR B 365 0.28 1.96 -14.70
C THR B 365 1.28 0.81 -14.60
N ILE B 366 1.57 0.39 -13.38
CA ILE B 366 2.45 -0.75 -13.17
C ILE B 366 1.85 -2.01 -13.82
N VAL B 367 0.57 -2.25 -13.58
CA VAL B 367 -0.09 -3.38 -14.21
C VAL B 367 -0.02 -3.28 -15.75
N ASN B 368 -0.21 -2.07 -16.25
CA ASN B 368 -0.17 -1.86 -17.70
C ASN B 368 1.22 -2.17 -18.28
N LEU B 369 2.28 -1.76 -17.58
CA LEU B 369 3.65 -2.00 -18.03
C LEU B 369 4.03 -3.44 -17.97
N ALA B 370 3.23 -4.26 -17.32
CA ALA B 370 3.64 -5.62 -17.05
C ALA B 370 2.90 -6.62 -17.94
N GLN B 371 1.84 -6.15 -18.59
CA GLN B 371 0.95 -7.06 -19.31
C GLN B 371 1.61 -7.63 -20.55
N ASN B 372 1.24 -8.87 -20.87
CA ASN B 372 1.83 -9.55 -22.00
C ASN B 372 0.86 -10.43 -22.82
N PHE B 373 -0.44 -10.20 -22.70
CA PHE B 373 -1.40 -10.88 -23.56
C PHE B 373 -1.37 -10.28 -24.99
N VAL B 374 -1.89 -11.02 -25.97
CA VAL B 374 -1.90 -10.55 -27.35
C VAL B 374 -2.63 -9.22 -27.44
N GLY B 375 -1.90 -8.20 -27.89
CA GLY B 375 -2.44 -6.86 -28.04
C GLY B 375 -1.97 -5.88 -26.98
N SER B 376 -1.23 -6.35 -25.98
CA SER B 376 -0.66 -5.42 -25.00
C SER B 376 0.78 -5.03 -25.35
N ASN B 377 1.75 -5.51 -24.58
CA ASN B 377 3.15 -5.17 -24.85
C ASN B 377 3.87 -6.23 -25.67
N ASN B 378 4.69 -5.78 -26.60
CA ASN B 378 5.57 -6.67 -27.35
C ASN B 378 6.76 -7.07 -26.48
N ILE B 379 7.21 -6.13 -25.67
CA ILE B 379 8.23 -6.39 -24.67
C ILE B 379 7.82 -5.73 -23.37
N ASN B 380 7.29 -6.54 -22.45
CA ASN B 380 6.94 -6.03 -21.15
C ASN B 380 8.19 -5.84 -20.30
N LEU B 381 8.47 -4.59 -19.92
CA LEU B 381 9.61 -4.27 -19.07
C LEU B 381 9.50 -4.78 -17.62
N LEU B 382 8.27 -5.02 -17.18
CA LEU B 382 8.02 -5.57 -15.85
C LEU B 382 7.36 -6.95 -16.02
N GLN B 383 7.61 -7.88 -15.09
CA GLN B 383 7.08 -9.24 -15.22
C GLN B 383 5.71 -9.40 -14.56
N PRO B 384 4.76 -10.00 -15.28
CA PRO B 384 3.44 -10.23 -14.67
C PRO B 384 3.43 -11.47 -13.80
N ILE B 385 3.88 -11.35 -12.55
CA ILE B 385 3.84 -12.48 -11.64
C ILE B 385 2.52 -12.48 -10.87
N GLY B 386 1.55 -13.21 -11.40
CA GLY B 386 0.20 -13.23 -10.85
C GLY B 386 -0.81 -12.97 -11.96
N GLN B 387 -2.07 -12.77 -11.61
CA GLN B 387 -3.09 -12.49 -12.63
C GLN B 387 -3.10 -11.02 -13.05
N PHE B 388 -2.48 -10.71 -14.19
CA PHE B 388 -2.43 -9.32 -14.67
C PHE B 388 -3.47 -9.03 -15.74
N GLY B 389 -4.38 -9.97 -15.93
CA GLY B 389 -5.38 -9.82 -16.96
C GLY B 389 -5.00 -10.64 -18.18
N THR B 390 -6.00 -10.88 -19.02
CA THR B 390 -5.86 -11.78 -20.15
C THR B 390 -6.57 -11.16 -21.36
N ARG B 391 -6.40 -11.79 -22.51
CA ARG B 391 -7.05 -11.31 -23.72
C ARG B 391 -8.53 -11.61 -23.68
N LEU B 392 -8.96 -12.39 -22.69
CA LEU B 392 -10.37 -12.73 -22.55
C LEU B 392 -11.19 -11.49 -22.23
N HIS B 393 -10.62 -10.55 -21.48
CA HIS B 393 -11.33 -9.34 -21.07
C HIS B 393 -10.53 -8.07 -21.32
N GLY B 394 -9.47 -8.15 -22.10
CA GLY B 394 -8.65 -6.97 -22.33
C GLY B 394 -7.85 -6.52 -21.11
N GLY B 395 -7.55 -7.43 -20.20
CA GLY B 395 -6.76 -7.09 -19.04
C GLY B 395 -7.62 -6.60 -17.88
N LYS B 396 -8.90 -6.39 -18.13
CA LYS B 396 -9.79 -5.86 -17.11
C LYS B 396 -10.07 -6.91 -16.03
N ASP B 397 -9.64 -8.14 -16.28
CA ASP B 397 -9.78 -9.20 -15.29
C ASP B 397 -8.54 -9.32 -14.39
N ALA B 398 -7.66 -8.33 -14.43
CA ALA B 398 -6.50 -8.29 -13.53
C ALA B 398 -6.92 -8.38 -12.08
N ALA B 399 -6.17 -9.14 -11.29
CA ALA B 399 -6.42 -9.19 -9.86
C ALA B 399 -5.98 -7.88 -9.21
N SER B 400 -6.38 -7.68 -7.96
CA SER B 400 -6.05 -6.48 -7.20
C SER B 400 -4.56 -6.36 -6.93
N PRO B 401 -4.08 -5.12 -6.89
CA PRO B 401 -2.64 -4.87 -6.82
C PRO B 401 -2.00 -5.30 -5.49
N ARG B 402 -2.78 -5.77 -4.52
CA ARG B 402 -2.23 -6.31 -3.27
CA ARG B 402 -2.15 -6.30 -3.31
C ARG B 402 -2.06 -7.82 -3.35
N TYR B 403 -2.51 -8.40 -4.45
CA TYR B 403 -2.45 -9.84 -4.63
C TYR B 403 -1.64 -10.24 -5.86
N ILE B 404 -0.90 -9.29 -6.40
CA ILE B 404 -0.05 -9.56 -7.56
C ILE B 404 1.34 -8.95 -7.41
N PHE B 405 2.30 -9.58 -8.07
CA PHE B 405 3.70 -9.24 -7.87
C PHE B 405 4.40 -8.89 -9.17
N THR B 406 5.47 -8.11 -9.07
CA THR B 406 6.24 -7.83 -10.25
C THR B 406 7.71 -7.61 -9.94
N MET B 407 8.52 -7.56 -11.01
CA MET B 407 9.93 -7.21 -10.92
C MET B 407 10.42 -6.90 -12.33
N LEU B 408 11.64 -6.38 -12.44
CA LEU B 408 12.17 -6.07 -13.75
C LEU B 408 12.29 -7.33 -14.61
N SER B 409 11.93 -7.18 -15.88
CA SER B 409 12.34 -8.13 -16.91
C SER B 409 13.85 -8.11 -17.08
N THR B 410 14.44 -9.26 -17.33
CA THR B 410 15.86 -9.34 -17.65
C THR B 410 16.22 -8.46 -18.85
N LEU B 411 15.25 -8.20 -19.73
CA LEU B 411 15.45 -7.37 -20.91
C LEU B 411 15.57 -5.88 -20.62
N ALA B 412 15.06 -5.44 -19.46
CA ALA B 412 14.96 -4.01 -19.18
C ALA B 412 16.31 -3.28 -19.19
N ARG B 413 17.27 -3.76 -18.41
CA ARG B 413 18.61 -3.17 -18.39
C ARG B 413 19.45 -3.42 -19.66
N LEU B 414 19.05 -4.38 -20.50
CA LEU B 414 19.71 -4.56 -21.79
C LEU B 414 19.22 -3.50 -22.77
N LEU B 415 17.96 -3.10 -22.59
CA LEU B 415 17.33 -2.08 -23.42
C LEU B 415 17.72 -0.67 -22.94
N PHE B 416 17.86 -0.52 -21.63
CA PHE B 416 18.21 0.75 -20.99
C PHE B 416 19.49 0.55 -20.19
N PRO B 417 20.66 0.57 -20.88
CA PRO B 417 21.89 0.11 -20.22
C PRO B 417 22.31 1.06 -19.09
N ALA B 418 22.71 0.49 -17.96
CA ALA B 418 23.00 1.27 -16.76
C ALA B 418 24.03 2.37 -17.02
N VAL B 419 25.08 2.02 -17.76
CA VAL B 419 26.14 2.98 -18.05
C VAL B 419 25.59 4.30 -18.63
N ASP B 420 24.52 4.22 -19.41
CA ASP B 420 23.96 5.42 -20.02
C ASP B 420 23.29 6.34 -19.01
N ASP B 421 22.93 5.81 -17.83
CA ASP B 421 22.41 6.64 -16.74
C ASP B 421 23.30 7.87 -16.53
N ASN B 422 24.62 7.71 -16.69
CA ASN B 422 25.55 8.81 -16.47
C ASN B 422 25.43 9.95 -17.47
N LEU B 423 24.63 9.75 -18.51
CA LEU B 423 24.50 10.77 -19.54
C LEU B 423 23.16 11.49 -19.46
N LEU B 424 22.32 11.11 -18.51
CA LEU B 424 20.96 11.64 -18.45
C LEU B 424 20.87 12.90 -17.61
N LYS B 425 19.87 13.72 -17.89
CA LYS B 425 19.60 14.86 -17.03
C LYS B 425 18.56 14.46 -15.99
N PHE B 426 18.99 14.19 -14.77
CA PHE B 426 18.07 13.83 -13.72
C PHE B 426 17.36 15.08 -13.17
N LEU B 427 16.06 14.93 -12.92
CA LEU B 427 15.24 16.03 -12.45
C LEU B 427 15.27 16.14 -10.93
N TYR B 428 14.95 17.33 -10.45
CA TYR B 428 14.84 17.55 -9.01
C TYR B 428 13.43 17.93 -8.64
N ASP B 429 12.89 17.25 -7.63
CA ASP B 429 11.65 17.70 -7.03
C ASP B 429 11.92 18.08 -5.59
N ASP B 430 12.11 19.38 -5.35
CA ASP B 430 12.40 19.93 -4.03
C ASP B 430 13.60 19.26 -3.36
N ASN B 431 14.80 19.56 -3.87
CA ASN B 431 16.05 19.03 -3.32
C ASN B 431 16.28 17.53 -3.55
N GLN B 432 15.21 16.78 -3.80
CA GLN B 432 15.33 15.35 -4.07
C GLN B 432 15.61 15.10 -5.54
N ARG B 433 16.54 14.20 -5.82
CA ARG B 433 16.83 13.83 -7.19
C ARG B 433 15.91 12.68 -7.59
N VAL B 434 15.18 12.86 -8.68
CA VAL B 434 14.20 11.88 -9.10
C VAL B 434 14.50 11.32 -10.51
N GLU B 435 13.47 10.95 -11.27
CA GLU B 435 13.65 10.30 -12.57
C GLU B 435 14.24 11.29 -13.61
N PRO B 436 14.87 10.76 -14.66
CA PRO B 436 15.44 11.63 -15.70
C PRO B 436 14.38 12.24 -16.61
N GLU B 437 14.74 13.25 -17.41
CA GLU B 437 13.77 13.87 -18.31
C GLU B 437 13.37 12.88 -19.40
N TRP B 438 14.32 12.02 -19.77
CA TRP B 438 14.07 10.77 -20.50
C TRP B 438 15.21 9.78 -20.34
N TYR B 439 14.89 8.50 -20.48
CA TYR B 439 15.90 7.47 -20.66
C TYR B 439 16.25 7.41 -22.14
N ILE B 440 17.34 6.75 -22.49
CA ILE B 440 17.76 6.67 -23.88
C ILE B 440 18.04 5.22 -24.24
N PRO B 441 16.99 4.49 -24.61
CA PRO B 441 17.07 3.04 -24.87
C PRO B 441 17.85 2.74 -26.14
N ILE B 442 18.17 1.48 -26.41
CA ILE B 442 19.05 1.15 -27.53
C ILE B 442 18.25 0.95 -28.81
N ILE B 443 16.94 0.85 -28.68
CA ILE B 443 16.03 0.83 -29.81
C ILE B 443 14.84 1.73 -29.44
N PRO B 444 14.09 2.23 -30.44
CA PRO B 444 13.01 3.15 -30.09
C PRO B 444 11.82 2.41 -29.43
N MET B 445 11.86 2.34 -28.10
CA MET B 445 10.81 1.67 -27.35
C MET B 445 9.42 2.21 -27.63
N VAL B 446 9.36 3.47 -28.07
CA VAL B 446 8.09 4.10 -28.41
C VAL B 446 7.34 3.34 -29.53
N LEU B 447 8.09 2.56 -30.30
CA LEU B 447 7.52 1.83 -31.42
C LEU B 447 7.20 0.40 -31.02
N ILE B 448 7.91 -0.12 -30.04
CA ILE B 448 7.82 -1.52 -29.70
C ILE B 448 6.53 -1.85 -28.97
N ASN B 449 6.14 -1.01 -28.03
CA ASN B 449 4.95 -1.30 -27.24
C ASN B 449 3.83 -0.35 -27.57
N GLY B 450 4.06 0.47 -28.59
CA GLY B 450 3.03 1.30 -29.17
C GLY B 450 2.37 2.28 -28.22
N ALA B 451 3.12 3.31 -27.87
CA ALA B 451 2.63 4.38 -27.02
C ALA B 451 1.25 4.89 -27.38
N GLU B 452 0.47 5.28 -26.37
CA GLU B 452 -0.84 5.90 -26.60
C GLU B 452 -1.34 6.70 -25.40
N GLY B 453 -1.95 7.86 -25.67
CA GLY B 453 -2.42 8.74 -24.61
C GLY B 453 -3.38 9.79 -25.12
N ILE B 454 -4.16 10.36 -24.21
CA ILE B 454 -5.07 11.43 -24.55
C ILE B 454 -4.83 12.65 -23.67
N GLY B 455 -4.57 13.79 -24.31
CA GLY B 455 -4.37 15.04 -23.60
C GLY B 455 -5.47 16.06 -23.88
N THR B 456 -5.07 17.32 -23.94
CA THR B 456 -5.97 18.38 -24.34
C THR B 456 -5.38 18.95 -25.61
N GLY B 457 -6.23 19.16 -26.62
CA GLY B 457 -5.77 19.55 -27.93
C GLY B 457 -5.24 18.40 -28.78
N TRP B 458 -4.36 17.57 -28.20
CA TRP B 458 -3.78 16.45 -28.93
C TRP B 458 -3.96 15.12 -28.22
N ALA B 459 -3.77 14.05 -29.00
CA ALA B 459 -3.76 12.70 -28.47
C ALA B 459 -2.66 11.94 -29.20
N CYS B 460 -2.31 10.76 -28.71
CA CYS B 460 -1.25 9.96 -29.33
C CYS B 460 -1.69 8.51 -29.48
N LYS B 461 -1.51 7.96 -30.68
CA LYS B 461 -1.66 6.53 -30.86
C LYS B 461 -0.59 6.00 -31.80
N LEU B 462 0.11 4.98 -31.34
CA LEU B 462 1.08 4.26 -32.15
C LEU B 462 0.81 2.78 -31.95
N PRO B 463 0.85 2.00 -33.02
CA PRO B 463 0.69 0.56 -32.88
C PRO B 463 2.00 -0.11 -32.46
N ASN B 464 1.98 -1.40 -32.17
CA ASN B 464 3.20 -2.10 -31.81
C ASN B 464 4.00 -2.47 -33.04
N TYR B 465 5.33 -2.51 -32.89
CA TYR B 465 6.22 -2.96 -33.96
C TYR B 465 7.13 -4.08 -33.50
N ASP B 466 7.66 -4.84 -34.45
CA ASP B 466 8.48 -5.98 -34.14
C ASP B 466 9.87 -5.54 -33.65
N ALA B 467 10.28 -6.06 -32.50
CA ALA B 467 11.57 -5.73 -31.93
C ALA B 467 12.73 -6.10 -32.87
N ARG B 468 12.70 -7.30 -33.42
CA ARG B 468 13.79 -7.72 -34.29
C ARG B 468 13.84 -6.91 -35.57
N GLU B 469 12.69 -6.63 -36.17
CA GLU B 469 12.69 -5.80 -37.37
C GLU B 469 13.33 -4.47 -37.09
N ILE B 470 13.06 -3.91 -35.91
CA ILE B 470 13.61 -2.62 -35.53
C ILE B 470 15.13 -2.67 -35.31
N VAL B 471 15.59 -3.70 -34.60
CA VAL B 471 17.01 -3.92 -34.38
C VAL B 471 17.70 -3.98 -35.73
N ASN B 472 17.07 -4.71 -36.65
CA ASN B 472 17.59 -4.84 -38.00
C ASN B 472 17.64 -3.52 -38.78
N ASN B 473 16.59 -2.71 -38.70
CA ASN B 473 16.67 -1.37 -39.30
C ASN B 473 17.75 -0.48 -38.69
N VAL B 474 17.96 -0.59 -37.37
CA VAL B 474 19.03 0.16 -36.73
C VAL B 474 20.39 -0.27 -37.28
N ARG B 475 20.58 -1.59 -37.42
CA ARG B 475 21.79 -2.15 -38.02
C ARG B 475 22.00 -1.65 -39.46
N ARG B 476 20.92 -1.62 -40.21
CA ARG B 476 20.98 -1.14 -41.59
C ARG B 476 21.42 0.31 -41.63
N MET B 477 20.83 1.15 -40.78
CA MET B 477 21.19 2.56 -40.75
C MET B 477 22.63 2.78 -40.25
N LEU B 478 23.10 1.88 -39.39
CA LEU B 478 24.47 1.96 -38.90
C LEU B 478 25.47 1.74 -40.04
N ASP B 479 25.06 0.95 -41.03
CA ASP B 479 25.90 0.68 -42.20
C ASP B 479 25.61 1.63 -43.35
N GLY B 480 24.96 2.74 -43.07
CA GLY B 480 24.63 3.68 -44.13
C GLY B 480 23.51 3.28 -45.07
N LEU B 481 23.00 2.06 -44.95
CA LEU B 481 21.86 1.63 -45.78
C LEU B 481 20.58 2.37 -45.43
N ASP B 482 19.57 2.18 -46.26
CA ASP B 482 18.24 2.72 -45.99
C ASP B 482 17.46 1.71 -45.17
N PRO B 483 16.67 2.20 -44.21
CA PRO B 483 15.81 1.32 -43.41
C PRO B 483 14.65 0.80 -44.24
N HIS B 484 14.40 -0.51 -44.16
CA HIS B 484 13.17 -1.10 -44.70
C HIS B 484 11.92 -0.46 -44.10
N PRO B 485 10.86 -0.29 -44.90
CA PRO B 485 9.62 0.20 -44.30
C PRO B 485 9.06 -0.86 -43.35
N MET B 486 8.21 -0.46 -42.40
CA MET B 486 7.77 -1.40 -41.38
C MET B 486 6.27 -1.48 -41.23
N LEU B 487 5.77 -2.71 -41.11
CA LEU B 487 4.38 -2.94 -40.78
C LEU B 487 4.23 -3.15 -39.29
N PRO B 488 3.13 -2.65 -38.71
CA PRO B 488 2.83 -2.95 -37.31
C PRO B 488 2.85 -4.45 -37.11
N ASN B 489 3.28 -4.88 -35.93
CA ASN B 489 3.45 -6.29 -35.66
C ASN B 489 3.19 -6.53 -34.19
N TYR B 490 2.27 -7.44 -33.88
CA TYR B 490 1.92 -7.72 -32.51
C TYR B 490 2.40 -9.12 -32.14
N LYS B 491 3.19 -9.18 -31.08
CA LYS B 491 3.70 -10.44 -30.56
C LYS B 491 2.58 -11.44 -30.33
N ASN B 492 2.78 -12.65 -30.86
CA ASN B 492 1.86 -13.80 -30.75
C ASN B 492 0.51 -13.63 -31.46
N PHE B 493 0.38 -12.60 -32.31
CA PHE B 493 -0.82 -12.43 -33.12
C PHE B 493 -0.70 -13.32 -34.34
N LYS B 494 -1.70 -14.17 -34.55
CA LYS B 494 -1.68 -15.18 -35.61
C LYS B 494 -2.35 -14.72 -36.87
N GLY B 495 -2.91 -13.51 -36.84
CA GLY B 495 -3.66 -13.00 -37.98
C GLY B 495 -2.82 -12.22 -38.97
N THR B 496 -3.44 -11.26 -39.62
CA THR B 496 -2.80 -10.55 -40.71
C THR B 496 -2.95 -9.04 -40.54
N ILE B 497 -1.88 -8.30 -40.81
CA ILE B 497 -1.92 -6.84 -40.85
C ILE B 497 -1.40 -6.38 -42.21
N GLN B 498 -2.29 -5.82 -43.01
CA GLN B 498 -1.97 -5.45 -44.38
C GLN B 498 -2.03 -3.96 -44.47
N GLU B 499 -1.14 -3.39 -45.27
CA GLU B 499 -1.13 -1.95 -45.42
C GLU B 499 -2.02 -1.48 -46.55
N LEU B 500 -3.00 -0.65 -46.23
CA LEU B 500 -3.88 -0.08 -47.26
C LEU B 500 -3.22 1.16 -47.84
N GLY B 501 -2.43 1.85 -47.04
CA GLY B 501 -1.81 3.10 -47.45
C GLY B 501 -1.07 3.67 -46.25
N GLN B 502 -0.55 4.90 -46.37
CA GLN B 502 0.23 5.47 -45.29
C GLN B 502 -0.55 5.55 -43.98
N ASN B 503 -0.01 4.90 -42.95
CA ASN B 503 -0.65 4.85 -41.63
C ASN B 503 -2.06 4.28 -41.62
N GLN B 504 -2.37 3.41 -42.59
CA GLN B 504 -3.69 2.80 -42.71
C GLN B 504 -3.57 1.29 -42.85
N TYR B 505 -4.25 0.53 -41.99
CA TYR B 505 -4.06 -0.91 -41.97
C TYR B 505 -5.36 -1.68 -41.84
N ALA B 506 -5.39 -2.86 -42.47
CA ALA B 506 -6.47 -3.79 -42.25
C ALA B 506 -5.90 -4.89 -41.38
N VAL B 507 -6.60 -5.20 -40.30
CA VAL B 507 -6.16 -6.20 -39.34
C VAL B 507 -7.21 -7.28 -39.36
N SER B 508 -6.79 -8.51 -39.64
CA SER B 508 -7.77 -9.60 -39.76
C SER B 508 -7.47 -10.78 -38.85
N GLY B 509 -8.53 -11.33 -38.27
CA GLY B 509 -8.43 -12.57 -37.52
C GLY B 509 -8.35 -13.77 -38.45
N GLU B 510 -8.73 -14.94 -37.94
CA GLU B 510 -8.65 -16.14 -38.75
C GLU B 510 -9.93 -16.94 -38.70
N ILE B 511 -10.48 -17.20 -39.88
CA ILE B 511 -11.68 -17.99 -40.00
C ILE B 511 -11.53 -18.95 -41.16
N PHE B 512 -11.85 -20.23 -40.93
CA PHE B 512 -11.82 -21.21 -42.02
C PHE B 512 -12.97 -22.21 -42.03
N VAL B 513 -13.47 -22.48 -43.24
CA VAL B 513 -14.51 -23.48 -43.43
C VAL B 513 -13.96 -24.86 -43.11
N VAL B 514 -14.57 -25.54 -42.16
CA VAL B 514 -14.17 -26.89 -41.78
C VAL B 514 -14.92 -27.92 -42.63
N ASP B 515 -16.24 -27.85 -42.60
CA ASP B 515 -17.08 -28.61 -43.53
C ASP B 515 -18.22 -27.71 -44.05
N ARG B 516 -19.27 -28.28 -44.63
CA ARG B 516 -20.32 -27.42 -45.20
C ARG B 516 -21.32 -26.91 -44.16
N ASN B 517 -21.13 -27.32 -42.91
CA ASN B 517 -21.96 -26.87 -41.79
C ASN B 517 -21.15 -26.12 -40.74
N THR B 518 -19.89 -25.82 -41.02
CA THR B 518 -18.98 -25.50 -39.93
C THR B 518 -17.86 -24.54 -40.32
N VAL B 519 -17.74 -23.46 -39.56
CA VAL B 519 -16.55 -22.62 -39.67
C VAL B 519 -15.83 -22.63 -38.32
N GLU B 520 -14.54 -22.37 -38.36
CA GLU B 520 -13.74 -22.31 -37.14
C GLU B 520 -13.01 -20.96 -37.10
N ILE B 521 -13.09 -20.29 -35.95
CA ILE B 521 -12.44 -19.00 -35.76
C ILE B 521 -11.30 -19.19 -34.78
N THR B 522 -10.08 -18.90 -35.23
CA THR B 522 -8.90 -19.24 -34.44
C THR B 522 -8.04 -18.02 -34.08
N GLU B 523 -8.41 -16.86 -34.61
CA GLU B 523 -7.76 -15.64 -34.23
C GLU B 523 -8.73 -14.48 -34.34
N LEU B 524 -8.65 -13.55 -33.40
CA LEU B 524 -9.46 -12.34 -33.48
C LEU B 524 -8.53 -11.18 -33.83
N PRO B 525 -9.02 -10.20 -34.59
CA PRO B 525 -8.20 -9.02 -34.87
C PRO B 525 -7.63 -8.38 -33.58
N VAL B 526 -6.45 -7.78 -33.68
CA VAL B 526 -5.75 -7.23 -32.53
C VAL B 526 -6.62 -6.24 -31.75
N ARG B 527 -6.75 -6.50 -30.45
CA ARG B 527 -7.53 -5.69 -29.52
C ARG B 527 -9.04 -5.94 -29.56
N THR B 528 -9.43 -6.98 -30.28
CA THR B 528 -10.76 -7.54 -30.06
C THR B 528 -10.66 -8.61 -28.96
N TRP B 529 -11.36 -8.38 -27.85
CA TRP B 529 -11.25 -9.31 -26.73
C TRP B 529 -12.27 -10.42 -26.85
N THR B 530 -11.88 -11.59 -26.35
CA THR B 530 -12.64 -12.79 -26.60
C THR B 530 -14.07 -12.69 -26.10
N GLN B 531 -14.24 -12.30 -24.83
CA GLN B 531 -15.57 -12.21 -24.25
C GLN B 531 -16.43 -11.20 -24.98
N VAL B 532 -15.80 -10.10 -25.39
CA VAL B 532 -16.53 -9.04 -26.06
C VAL B 532 -17.03 -9.52 -27.41
N TYR B 533 -16.18 -10.23 -28.14
CA TYR B 533 -16.54 -10.78 -29.45
C TYR B 533 -17.73 -11.73 -29.32
N LYS B 534 -17.65 -12.63 -28.35
CA LYS B 534 -18.75 -13.52 -28.08
C LYS B 534 -20.07 -12.76 -27.86
N GLU B 535 -20.04 -11.77 -26.97
CA GLU B 535 -21.23 -11.01 -26.59
C GLU B 535 -21.83 -10.15 -27.70
N GLN B 536 -20.97 -9.50 -28.48
CA GLN B 536 -21.44 -8.53 -29.46
C GLN B 536 -21.55 -9.07 -30.88
N VAL B 537 -20.91 -10.21 -31.16
CA VAL B 537 -20.93 -10.76 -32.50
C VAL B 537 -21.66 -12.10 -32.56
N LEU B 538 -21.10 -13.10 -31.90
CA LEU B 538 -21.67 -14.45 -31.94
C LEU B 538 -23.07 -14.51 -31.34
N GLU B 539 -23.23 -13.98 -30.12
CA GLU B 539 -24.55 -13.92 -29.48
C GLU B 539 -25.66 -13.35 -30.37
N PRO B 540 -25.44 -12.16 -30.96
CA PRO B 540 -26.43 -11.69 -31.94
C PRO B 540 -26.68 -12.67 -33.09
N MET B 541 -25.64 -13.19 -33.70
CA MET B 541 -25.80 -14.13 -34.81
C MET B 541 -26.64 -15.35 -34.43
N LEU B 542 -26.46 -15.81 -33.20
CA LEU B 542 -27.26 -16.92 -32.67
C LEU B 542 -28.72 -16.51 -32.46
N ASN B 543 -28.94 -15.23 -32.13
CA ASN B 543 -30.26 -14.69 -31.72
C ASN B 543 -30.76 -13.54 -32.62
N GLY B 544 -31.07 -12.40 -32.01
CA GLY B 544 -31.69 -11.29 -32.73
C GLY B 544 -30.76 -10.16 -33.13
N PRO B 549 -32.45 -11.18 -37.32
CA PRO B 549 -32.54 -12.41 -38.12
C PRO B 549 -31.37 -13.38 -37.87
N ALA B 550 -31.55 -14.40 -37.03
CA ALA B 550 -30.46 -15.32 -36.66
C ALA B 550 -29.77 -15.97 -37.86
N LEU B 551 -28.44 -16.12 -37.75
CA LEU B 551 -27.61 -16.55 -38.86
C LEU B 551 -26.88 -17.86 -38.56
N ILE B 552 -26.49 -18.06 -37.31
CA ILE B 552 -25.81 -19.29 -36.95
C ILE B 552 -26.73 -20.13 -36.11
N SER B 553 -26.39 -21.40 -35.96
CA SER B 553 -27.26 -22.37 -35.31
C SER B 553 -26.75 -22.74 -33.94
N ASP B 554 -25.43 -22.70 -33.80
CA ASP B 554 -24.79 -22.95 -32.51
C ASP B 554 -23.35 -22.50 -32.62
N TYR B 555 -22.70 -22.36 -31.48
CA TYR B 555 -21.26 -22.12 -31.45
C TYR B 555 -20.71 -22.70 -30.15
N LYS B 556 -19.49 -23.21 -30.22
CA LYS B 556 -18.85 -23.70 -29.03
C LYS B 556 -17.48 -23.05 -28.83
N GLU B 557 -17.02 -23.09 -27.58
CA GLU B 557 -15.77 -22.46 -27.21
C GLU B 557 -14.71 -23.44 -26.74
N TYR B 558 -13.50 -23.24 -27.24
CA TYR B 558 -12.34 -24.04 -26.87
C TYR B 558 -11.15 -23.11 -26.70
N HIS B 559 -11.38 -21.98 -26.04
CA HIS B 559 -10.33 -21.01 -25.79
C HIS B 559 -9.32 -21.56 -24.78
N THR B 560 -8.16 -20.91 -24.69
CA THR B 560 -7.28 -21.04 -23.53
C THR B 560 -7.06 -19.62 -23.02
N ASP B 561 -6.24 -19.46 -21.98
CA ASP B 561 -6.01 -18.12 -21.41
C ASP B 561 -5.45 -17.17 -22.45
N THR B 562 -4.67 -17.74 -23.37
CA THR B 562 -3.97 -16.95 -24.37
C THR B 562 -4.34 -17.23 -25.84
N THR B 563 -5.34 -18.08 -26.08
CA THR B 563 -5.70 -18.37 -27.47
C THR B 563 -7.21 -18.39 -27.67
N VAL B 564 -7.64 -18.24 -28.92
CA VAL B 564 -9.06 -18.15 -29.22
C VAL B 564 -9.48 -19.30 -30.14
N LYS B 565 -10.58 -19.97 -29.80
CA LYS B 565 -11.13 -20.98 -30.69
C LYS B 565 -12.64 -21.07 -30.56
N PHE B 566 -13.34 -20.60 -31.59
CA PHE B 566 -14.77 -20.77 -31.69
C PHE B 566 -15.03 -21.76 -32.82
N VAL B 567 -15.90 -22.73 -32.59
CA VAL B 567 -16.41 -23.56 -33.68
C VAL B 567 -17.88 -23.21 -33.90
N VAL B 568 -18.23 -22.82 -35.12
CA VAL B 568 -19.56 -22.28 -35.38
C VAL B 568 -20.35 -23.15 -36.33
N LYS B 569 -21.56 -23.53 -35.92
CA LYS B 569 -22.43 -24.39 -36.71
C LYS B 569 -23.48 -23.59 -37.46
N MET B 570 -23.67 -23.88 -38.74
CA MET B 570 -24.77 -23.28 -39.48
C MET B 570 -25.25 -24.13 -40.66
N THR B 571 -26.43 -23.81 -41.18
CA THR B 571 -26.97 -24.54 -42.30
C THR B 571 -26.12 -24.27 -43.54
N GLU B 572 -26.03 -25.28 -44.42
CA GLU B 572 -25.30 -25.17 -45.67
C GLU B 572 -25.70 -23.93 -46.43
N GLU B 573 -26.99 -23.61 -46.38
CA GLU B 573 -27.53 -22.49 -47.12
C GLU B 573 -26.97 -21.16 -46.59
N LYS B 574 -27.04 -20.98 -45.28
CA LYS B 574 -26.54 -19.75 -44.66
C LYS B 574 -25.01 -19.62 -44.75
N LEU B 575 -24.31 -20.74 -44.65
CA LEU B 575 -22.85 -20.73 -44.78
C LEU B 575 -22.41 -20.32 -46.18
N ALA B 576 -23.10 -20.88 -47.17
CA ALA B 576 -22.81 -20.56 -48.57
C ALA B 576 -22.97 -19.07 -48.82
N GLN B 577 -24.01 -18.48 -48.23
CA GLN B 577 -24.25 -17.05 -48.34
C GLN B 577 -23.12 -16.26 -47.66
N ALA B 578 -22.89 -16.57 -46.38
CA ALA B 578 -21.82 -15.96 -45.61
C ALA B 578 -20.51 -15.98 -46.39
N GLU B 579 -20.17 -17.16 -46.92
CA GLU B 579 -18.92 -17.35 -47.63
C GLU B 579 -18.88 -16.54 -48.93
N ALA B 580 -20.06 -16.21 -49.43
CA ALA B 580 -20.17 -15.45 -50.65
C ALA B 580 -19.92 -13.98 -50.34
N ALA B 581 -20.54 -13.50 -49.28
CA ALA B 581 -20.35 -12.12 -48.84
C ALA B 581 -18.95 -11.87 -48.27
N GLY B 582 -18.24 -12.96 -47.98
CA GLY B 582 -16.93 -12.88 -47.35
C GLY B 582 -16.97 -13.23 -45.87
N LEU B 583 -16.29 -14.30 -45.50
CA LEU B 583 -16.34 -14.80 -44.13
C LEU B 583 -15.78 -13.82 -43.10
N HIS B 584 -14.66 -13.17 -43.41
CA HIS B 584 -14.10 -12.19 -42.50
C HIS B 584 -15.04 -11.02 -42.31
N LYS B 585 -15.77 -10.67 -43.37
CA LYS B 585 -16.68 -9.53 -43.32
C LYS B 585 -17.90 -9.85 -42.48
N VAL B 586 -18.49 -11.00 -42.75
CA VAL B 586 -19.72 -11.42 -42.09
C VAL B 586 -19.49 -11.64 -40.61
N PHE B 587 -18.37 -12.27 -40.27
CA PHE B 587 -18.07 -12.57 -38.87
C PHE B 587 -17.28 -11.48 -38.16
N LYS B 588 -17.15 -10.33 -38.84
CA LYS B 588 -16.52 -9.15 -38.27
C LYS B 588 -15.13 -9.43 -37.71
N LEU B 589 -14.30 -10.06 -38.53
CA LEU B 589 -12.95 -10.44 -38.11
C LEU B 589 -11.95 -9.56 -38.82
N GLN B 590 -12.43 -8.39 -39.22
CA GLN B 590 -11.56 -7.43 -39.87
C GLN B 590 -11.82 -6.02 -39.34
N THR B 591 -10.80 -5.41 -38.76
CA THR B 591 -10.90 -4.04 -38.31
C THR B 591 -9.83 -3.20 -38.99
N THR B 592 -10.08 -1.91 -39.12
CA THR B 592 -9.05 -1.02 -39.63
C THR B 592 -8.28 -0.33 -38.50
N LEU B 593 -7.03 -0.02 -38.79
CA LEU B 593 -6.17 0.64 -37.82
C LEU B 593 -5.58 1.85 -38.52
N THR B 594 -5.92 3.03 -38.06
CA THR B 594 -5.45 4.26 -38.69
C THR B 594 -4.61 5.07 -37.71
N CYS B 595 -3.46 5.54 -38.16
CA CYS B 595 -2.53 6.22 -37.26
C CYS B 595 -2.12 7.58 -37.73
N ASN B 596 -3.07 8.51 -37.74
CA ASN B 596 -2.79 9.89 -38.15
C ASN B 596 -2.56 10.87 -37.01
N SER B 597 -2.28 10.35 -35.82
CA SER B 597 -2.04 11.19 -34.65
C SER B 597 -0.88 10.64 -33.83
N MET B 598 0.29 10.56 -34.46
CA MET B 598 1.49 10.16 -33.76
C MET B 598 2.16 11.42 -33.22
N VAL B 599 1.63 11.88 -32.10
CA VAL B 599 2.09 13.11 -31.48
C VAL B 599 2.94 12.69 -30.30
N LEU B 600 4.12 13.29 -30.19
CA LEU B 600 5.07 12.91 -29.17
C LEU B 600 5.87 14.13 -28.79
N PHE B 601 6.44 14.11 -27.60
CA PHE B 601 7.40 15.14 -27.23
C PHE B 601 8.74 14.71 -27.81
N ASP B 602 9.38 15.62 -28.55
CA ASP B 602 10.73 15.32 -29.06
C ASP B 602 11.75 15.38 -27.92
N HIS B 603 13.01 15.18 -28.26
CA HIS B 603 14.06 15.14 -27.26
C HIS B 603 14.23 16.48 -26.49
N MET B 604 13.83 17.59 -27.11
CA MET B 604 13.92 18.90 -26.46
C MET B 604 12.65 19.26 -25.70
N GLY B 605 11.70 18.33 -25.63
CA GLY B 605 10.47 18.62 -24.89
C GLY B 605 9.48 19.45 -25.66
N CYS B 606 9.60 19.45 -26.99
CA CYS B 606 8.60 20.12 -27.82
C CYS B 606 7.64 19.09 -28.36
N LEU B 607 6.35 19.40 -28.28
CA LEU B 607 5.35 18.56 -28.88
C LEU B 607 5.48 18.62 -30.41
N LYS B 608 5.46 17.45 -31.05
CA LYS B 608 5.56 17.38 -32.50
C LYS B 608 4.64 16.30 -33.03
N LYS B 609 4.14 16.53 -34.24
CA LYS B 609 3.38 15.52 -34.96
C LYS B 609 4.30 14.84 -35.97
N TYR B 610 4.42 13.53 -35.87
CA TYR B 610 5.25 12.75 -36.79
C TYR B 610 4.35 12.08 -37.83
N GLU B 611 4.74 12.18 -39.11
CA GLU B 611 3.88 11.67 -40.19
C GLU B 611 4.05 10.20 -40.46
N THR B 612 5.26 9.68 -40.27
CA THR B 612 5.55 8.26 -40.52
C THR B 612 6.40 7.73 -39.37
N VAL B 613 6.40 6.42 -39.18
CA VAL B 613 7.29 5.85 -38.17
C VAL B 613 8.74 6.01 -38.57
N GLN B 614 8.97 6.14 -39.88
CA GLN B 614 10.32 6.28 -40.39
CA GLN B 614 10.33 6.27 -40.38
C GLN B 614 10.94 7.59 -39.88
N ASP B 615 10.12 8.63 -39.80
CA ASP B 615 10.57 9.89 -39.23
C ASP B 615 10.94 9.72 -37.75
N ILE B 616 10.08 9.03 -37.01
CA ILE B 616 10.30 8.79 -35.61
C ILE B 616 11.61 8.03 -35.45
N LEU B 617 11.76 6.95 -36.22
CA LEU B 617 12.96 6.12 -36.17
C LEU B 617 14.24 6.88 -36.48
N LYS B 618 14.19 7.76 -37.47
CA LYS B 618 15.37 8.52 -37.84
C LYS B 618 15.76 9.50 -36.75
N GLU B 619 14.78 10.21 -36.21
CA GLU B 619 15.06 11.20 -35.17
C GLU B 619 15.57 10.50 -33.91
N PHE B 620 15.01 9.35 -33.58
CA PHE B 620 15.54 8.58 -32.49
C PHE B 620 17.00 8.19 -32.80
N PHE B 621 17.22 7.71 -34.02
CA PHE B 621 18.52 7.17 -34.40
C PHE B 621 19.65 8.20 -34.22
N ASP B 622 19.42 9.43 -34.66
CA ASP B 622 20.45 10.45 -34.58
C ASP B 622 20.80 10.78 -33.14
N LEU B 623 19.79 10.82 -32.29
CA LEU B 623 19.98 11.11 -30.90
C LEU B 623 20.76 9.99 -30.23
N ARG B 624 20.32 8.75 -30.43
CA ARG B 624 20.94 7.61 -29.79
C ARG B 624 22.40 7.41 -30.24
N LEU B 625 22.67 7.64 -31.53
CA LEU B 625 24.04 7.49 -32.04
C LEU B 625 24.93 8.51 -31.38
N SER B 626 24.44 9.74 -31.34
CA SER B 626 25.11 10.82 -30.65
C SER B 626 25.42 10.45 -29.20
N TYR B 627 24.50 9.74 -28.54
CA TYR B 627 24.68 9.34 -27.13
C TYR B 627 25.63 8.14 -26.93
N TYR B 628 25.80 7.32 -27.97
CA TYR B 628 26.91 6.35 -27.96
C TYR B 628 28.24 7.09 -28.08
N GLY B 629 28.21 8.26 -28.71
CA GLY B 629 29.38 9.11 -28.73
C GLY B 629 29.72 9.56 -27.32
N LEU B 630 28.76 10.21 -26.67
CA LEU B 630 28.90 10.65 -25.28
C LEU B 630 29.31 9.52 -24.34
N ARG B 631 28.69 8.36 -24.48
CA ARG B 631 29.02 7.23 -23.61
C ARG B 631 30.49 6.85 -23.77
N LYS B 632 30.93 6.76 -25.02
CA LYS B 632 32.35 6.52 -25.28
C LYS B 632 33.27 7.58 -24.65
N GLU B 633 32.96 8.86 -24.81
CA GLU B 633 33.74 9.91 -24.16
C GLU B 633 33.73 9.71 -22.67
N TRP B 634 32.54 9.47 -22.13
CA TRP B 634 32.41 9.32 -20.70
C TRP B 634 33.24 8.12 -20.24
N LEU B 635 33.05 6.97 -20.88
CA LEU B 635 33.77 5.76 -20.48
C LEU B 635 35.30 5.87 -20.60
N VAL B 636 35.79 6.55 -21.64
CA VAL B 636 37.24 6.75 -21.76
C VAL B 636 37.79 7.59 -20.60
N GLY B 637 37.07 8.65 -20.24
CA GLY B 637 37.44 9.50 -19.13
C GLY B 637 37.47 8.73 -17.81
N MET B 638 36.39 8.00 -17.53
CA MET B 638 36.23 7.30 -16.27
C MET B 638 37.18 6.12 -16.11
N LEU B 639 37.24 5.26 -17.12
CA LEU B 639 38.14 4.12 -17.14
C LEU B 639 39.58 4.58 -17.07
N GLY B 640 39.87 5.74 -17.68
CA GLY B 640 41.17 6.37 -17.57
C GLY B 640 41.49 6.72 -16.13
N ALA B 641 40.55 7.40 -15.47
CA ALA B 641 40.74 7.75 -14.05
C ALA B 641 40.88 6.49 -13.22
N GLU B 642 40.09 5.47 -13.55
CA GLU B 642 40.25 4.20 -12.85
C GLU B 642 41.63 3.59 -13.11
N SER B 643 42.14 3.75 -14.33
CA SER B 643 43.46 3.23 -14.65
C SER B 643 44.52 3.91 -13.80
N THR B 644 44.47 5.24 -13.76
CA THR B 644 45.39 6.03 -12.96
C THR B 644 45.30 5.63 -11.50
N LYS B 645 44.07 5.56 -10.98
CA LYS B 645 43.83 5.17 -9.60
C LYS B 645 44.56 3.88 -9.29
N LEU B 646 44.34 2.87 -10.12
CA LEU B 646 44.97 1.58 -9.91
C LEU B 646 46.49 1.63 -10.07
N ASN B 647 46.98 2.48 -10.98
CA ASN B 647 48.41 2.65 -11.16
C ASN B 647 49.09 3.13 -9.86
N ASN B 648 48.52 4.17 -9.25
CA ASN B 648 49.03 4.68 -7.98
C ASN B 648 48.92 3.65 -6.86
N GLN B 649 47.83 2.89 -6.84
CA GLN B 649 47.66 1.90 -5.78
C GLN B 649 48.67 0.77 -5.90
N ALA B 650 48.84 0.27 -7.12
CA ALA B 650 49.83 -0.78 -7.37
C ALA B 650 51.21 -0.26 -7.01
N ARG B 651 51.45 1.00 -7.35
CA ARG B 651 52.74 1.59 -7.15
C ARG B 651 53.03 1.65 -5.65
N PHE B 652 52.11 2.22 -4.86
CA PHE B 652 52.26 2.27 -3.40
C PHE B 652 52.54 0.89 -2.79
N ILE B 653 51.77 -0.11 -3.23
CA ILE B 653 51.92 -1.47 -2.74
C ILE B 653 53.31 -2.05 -3.01
N LEU B 654 53.73 -2.00 -4.27
CA LEU B 654 55.08 -2.41 -4.69
C LEU B 654 56.16 -1.66 -3.93
N GLU B 655 56.01 -0.35 -3.80
CA GLU B 655 57.00 0.43 -3.08
C GLU B 655 57.02 0.02 -1.61
N LYS B 656 55.85 -0.27 -1.03
CA LYS B 656 55.76 -0.66 0.38
C LYS B 656 56.42 -2.00 0.66
N ILE B 657 56.10 -3.01 -0.15
CA ILE B 657 56.65 -4.33 0.08
C ILE B 657 58.15 -4.39 -0.21
N GLN B 658 58.71 -3.27 -0.67
CA GLN B 658 60.11 -3.24 -1.09
C GLN B 658 60.98 -2.40 -0.18
N GLY B 659 60.35 -1.60 0.66
CA GLY B 659 61.07 -0.80 1.63
C GLY B 659 61.18 0.63 1.18
N LYS B 660 60.91 0.84 -0.11
CA LYS B 660 61.02 2.16 -0.73
C LYS B 660 60.13 3.19 -0.06
N ILE B 661 59.13 2.76 0.68
CA ILE B 661 58.29 3.70 1.40
C ILE B 661 57.78 3.02 2.66
N THR B 662 57.58 3.81 3.71
CA THR B 662 57.03 3.27 4.95
C THR B 662 56.05 4.26 5.53
N ILE B 663 55.01 3.75 6.21
CA ILE B 663 54.00 4.61 6.81
C ILE B 663 53.97 4.41 8.31
N GLU B 664 54.56 3.31 8.77
CA GLU B 664 54.54 2.95 10.19
C GLU B 664 54.88 4.11 11.11
N ASN B 665 53.97 4.37 12.03
CA ASN B 665 54.13 5.42 13.04
C ASN B 665 54.43 6.80 12.48
N ARG B 666 54.07 7.02 11.22
CA ARG B 666 54.19 8.37 10.65
C ARG B 666 52.93 9.17 10.89
N SER B 667 53.14 10.45 11.18
CA SER B 667 52.06 11.42 11.32
C SER B 667 51.23 11.46 10.05
N LYS B 668 49.96 11.81 10.17
CA LYS B 668 49.13 11.98 8.99
C LYS B 668 49.67 13.10 8.11
N LYS B 669 49.97 14.25 8.71
CA LYS B 669 50.46 15.42 7.99
C LYS B 669 51.70 15.12 7.17
N ASP B 670 52.65 14.42 7.78
CA ASP B 670 53.90 14.04 7.11
C ASP B 670 53.64 13.05 6.01
N LEU B 671 52.67 12.17 6.21
CA LEU B 671 52.39 11.14 5.24
C LEU B 671 51.79 11.75 3.98
N ILE B 672 50.89 12.72 4.16
CA ILE B 672 50.32 13.41 3.01
C ILE B 672 51.43 14.11 2.25
N GLN B 673 52.24 14.89 2.96
CA GLN B 673 53.33 15.64 2.35
C GLN B 673 54.31 14.74 1.61
N MET B 674 54.64 13.59 2.20
CA MET B 674 55.51 12.64 1.53
C MET B 674 54.92 12.07 0.23
N LEU B 675 53.65 11.69 0.27
CA LEU B 675 53.00 11.13 -0.91
C LEU B 675 52.98 12.18 -2.02
N VAL B 676 52.78 13.44 -1.64
CA VAL B 676 52.80 14.52 -2.60
C VAL B 676 54.18 14.61 -3.24
N GLN B 677 55.21 14.72 -2.39
CA GLN B 677 56.58 14.85 -2.86
C GLN B 677 56.99 13.73 -3.79
N ARG B 678 56.51 12.52 -3.54
CA ARG B 678 56.85 11.42 -4.43
C ARG B 678 55.90 11.33 -5.60
N GLY B 679 55.04 12.34 -5.73
CA GLY B 679 54.18 12.46 -6.90
C GLY B 679 53.06 11.43 -6.99
N TYR B 680 52.54 10.98 -5.86
CA TYR B 680 51.33 10.18 -5.92
C TYR B 680 50.20 11.15 -6.21
N GLU B 681 49.19 10.71 -6.94
CA GLU B 681 48.10 11.59 -7.34
C GLU B 681 46.89 11.52 -6.42
N SER B 682 46.34 12.69 -6.12
CA SER B 682 45.09 12.80 -5.40
C SER B 682 44.07 12.01 -6.19
N ASP B 683 43.19 11.30 -5.48
CA ASP B 683 42.15 10.43 -6.04
C ASP B 683 41.75 10.80 -7.47
N PRO B 684 42.29 10.07 -8.44
CA PRO B 684 42.07 10.40 -9.85
C PRO B 684 40.59 10.29 -10.22
N VAL B 685 39.88 9.32 -9.64
CA VAL B 685 38.46 9.14 -9.97
C VAL B 685 37.63 10.28 -9.43
N LYS B 686 37.87 10.61 -8.17
CA LYS B 686 37.23 11.76 -7.54
C LYS B 686 37.52 13.03 -8.35
N ALA B 687 38.77 13.23 -8.70
CA ALA B 687 39.19 14.42 -9.45
C ALA B 687 38.48 14.53 -10.79
N TRP B 688 38.32 13.39 -11.47
CA TRP B 688 37.65 13.36 -12.76
C TRP B 688 36.17 13.71 -12.62
N LYS B 689 35.50 13.10 -11.64
CA LYS B 689 34.09 13.36 -11.39
C LYS B 689 33.83 14.83 -11.12
N GLU B 690 34.70 15.43 -10.30
CA GLU B 690 34.61 16.85 -9.97
C GLU B 690 34.79 17.70 -11.23
N ALA B 691 35.74 17.33 -12.08
CA ALA B 691 36.06 18.08 -13.31
C ALA B 691 34.87 18.27 -14.25
N GLN B 692 33.84 17.43 -14.09
CA GLN B 692 32.61 17.55 -14.86
C GLN B 692 31.68 18.62 -14.24
N GLY B 717 42.80 20.06 -0.46
CA GLY B 717 44.07 19.38 -0.39
C GLY B 717 44.01 18.00 -1.05
N PRO B 718 45.16 17.35 -1.24
CA PRO B 718 45.18 16.06 -1.94
C PRO B 718 44.53 14.92 -1.15
N ASP B 719 43.81 14.04 -1.86
CA ASP B 719 43.04 12.98 -1.22
C ASP B 719 43.67 11.61 -1.51
N PHE B 720 44.30 11.00 -0.51
CA PHE B 720 45.01 9.75 -0.70
C PHE B 720 44.29 8.60 -0.02
N ASN B 721 43.04 8.84 0.37
CA ASN B 721 42.23 7.81 1.03
C ASN B 721 42.11 6.53 0.22
N TYR B 722 42.01 6.66 -1.11
CA TYR B 722 41.92 5.48 -1.96
C TYR B 722 43.16 4.59 -1.84
N ILE B 723 44.28 5.15 -1.40
CA ILE B 723 45.47 4.32 -1.18
C ILE B 723 45.45 3.78 0.24
N LEU B 724 45.33 4.70 1.20
CA LEU B 724 45.44 4.35 2.61
C LEU B 724 44.24 3.57 3.21
N ASN B 725 43.06 3.60 2.58
CA ASN B 725 41.96 2.75 2.99
C ASN B 725 42.09 1.28 2.58
N MET B 726 43.06 0.94 1.74
CA MET B 726 43.28 -0.45 1.38
C MET B 726 43.58 -1.29 2.63
N SER B 727 43.23 -2.55 2.60
CA SER B 727 43.39 -3.40 3.77
C SER B 727 44.84 -3.85 3.86
N LEU B 728 45.26 -4.21 5.08
CA LEU B 728 46.58 -4.79 5.27
C LEU B 728 46.77 -6.01 4.36
N TRP B 729 45.68 -6.67 3.97
CA TRP B 729 45.75 -7.84 3.09
C TRP B 729 46.45 -7.49 1.79
N SER B 730 46.42 -6.20 1.43
CA SER B 730 46.97 -5.71 0.17
C SER B 730 48.44 -6.01 0.03
N LEU B 731 49.14 -6.09 1.15
CA LEU B 731 50.59 -6.24 1.14
C LEU B 731 50.99 -7.69 0.97
N THR B 732 50.00 -8.59 0.92
CA THR B 732 50.30 -10.02 0.91
C THR B 732 50.47 -10.53 -0.53
N LYS B 733 51.23 -11.61 -0.68
CA LYS B 733 51.63 -12.12 -1.99
C LYS B 733 50.47 -12.17 -2.98
N GLU B 734 49.42 -12.91 -2.63
CA GLU B 734 48.29 -13.10 -3.54
C GLU B 734 47.60 -11.79 -3.90
N LYS B 735 47.49 -10.87 -2.95
CA LYS B 735 46.81 -9.61 -3.23
C LYS B 735 47.64 -8.66 -4.11
N VAL B 736 48.97 -8.75 -3.98
CA VAL B 736 49.87 -7.98 -4.84
C VAL B 736 49.74 -8.41 -6.31
N GLU B 737 49.77 -9.71 -6.56
CA GLU B 737 49.58 -10.23 -7.91
C GLU B 737 48.19 -9.89 -8.43
N GLU B 738 47.18 -10.04 -7.58
CA GLU B 738 45.81 -9.73 -7.96
C GLU B 738 45.67 -8.26 -8.35
N LEU B 739 46.30 -7.37 -7.59
CA LEU B 739 46.29 -5.94 -7.89
C LEU B 739 46.98 -5.59 -9.21
N ILE B 740 48.13 -6.20 -9.48
CA ILE B 740 48.84 -6.01 -10.75
C ILE B 740 47.97 -6.48 -11.93
N LYS B 741 47.34 -7.64 -11.80
CA LYS B 741 46.41 -8.11 -12.82
C LYS B 741 45.34 -7.06 -13.11
N GLN B 742 44.64 -6.62 -12.07
CA GLN B 742 43.56 -5.64 -12.19
C GLN B 742 44.00 -4.37 -12.86
N ARG B 743 45.17 -3.86 -12.46
CA ARG B 743 45.74 -2.67 -13.08
C ARG B 743 45.91 -2.85 -14.58
N ASP B 744 46.50 -3.97 -14.98
CA ASP B 744 46.74 -4.25 -16.39
C ASP B 744 45.44 -4.36 -17.17
N ALA B 745 44.48 -5.08 -16.60
CA ALA B 745 43.19 -5.31 -17.24
C ALA B 745 42.47 -3.99 -17.48
N LYS B 746 42.47 -3.11 -16.47
CA LYS B 746 41.90 -1.78 -16.63
C LYS B 746 42.58 -0.99 -17.75
N GLY B 747 43.91 -1.09 -17.85
CA GLY B 747 44.65 -0.48 -18.93
C GLY B 747 44.24 -1.04 -20.29
N ARG B 748 44.07 -2.35 -20.36
CA ARG B 748 43.58 -2.96 -21.61
C ARG B 748 42.16 -2.49 -21.93
N GLU B 749 41.34 -2.36 -20.89
CA GLU B 749 39.94 -1.99 -21.07
C GLU B 749 39.81 -0.60 -21.68
N VAL B 750 40.56 0.35 -21.15
CA VAL B 750 40.54 1.71 -21.70
C VAL B 750 41.07 1.74 -23.14
N ASN B 751 42.17 1.03 -23.41
CA ASN B 751 42.71 0.96 -24.78
C ASN B 751 41.73 0.31 -25.77
N ASP B 752 41.11 -0.77 -25.34
CA ASP B 752 40.12 -1.47 -26.17
C ASP B 752 38.93 -0.59 -26.49
N LEU B 753 38.54 0.25 -25.55
CA LEU B 753 37.40 1.13 -25.75
C LEU B 753 37.75 2.29 -26.68
N LYS B 754 38.95 2.84 -26.54
CA LYS B 754 39.39 3.93 -27.42
C LYS B 754 39.37 3.55 -28.91
N ARG B 755 39.72 2.30 -29.22
CA ARG B 755 39.77 1.87 -30.60
CA ARG B 755 39.76 1.83 -30.60
C ARG B 755 38.38 1.77 -31.24
N LYS B 756 37.38 1.40 -30.43
CA LYS B 756 36.01 1.19 -30.94
C LYS B 756 35.26 2.45 -31.38
N SER B 757 34.32 2.28 -32.28
CA SER B 757 33.46 3.39 -32.66
C SER B 757 32.17 3.33 -31.84
N PRO B 758 31.46 4.47 -31.74
CA PRO B 758 30.11 4.43 -31.15
C PRO B 758 29.21 3.36 -31.80
N SER B 759 29.26 3.20 -33.13
CA SER B 759 28.48 2.14 -33.79
C SER B 759 28.83 0.77 -33.27
N ASP B 760 30.11 0.53 -33.08
CA ASP B 760 30.56 -0.75 -32.52
C ASP B 760 29.88 -1.02 -31.18
N LEU B 761 29.87 -0.02 -30.30
CA LEU B 761 29.28 -0.17 -28.98
C LEU B 761 27.79 -0.47 -29.09
N TRP B 762 27.11 0.29 -29.94
CA TRP B 762 25.70 0.09 -30.21
C TRP B 762 25.46 -1.34 -30.72
N LYS B 763 26.30 -1.81 -31.62
CA LYS B 763 26.13 -3.16 -32.14
C LYS B 763 26.29 -4.23 -31.05
N GLU B 764 27.23 -4.01 -30.14
CA GLU B 764 27.41 -4.94 -29.03
C GLU B 764 26.13 -5.02 -28.18
N ASP B 765 25.55 -3.87 -27.84
CA ASP B 765 24.33 -3.85 -27.04
C ASP B 765 23.18 -4.54 -27.78
N LEU B 766 23.04 -4.25 -29.07
CA LEU B 766 21.98 -4.85 -29.87
C LEU B 766 22.08 -6.38 -29.91
N ALA B 767 23.31 -6.90 -30.01
CA ALA B 767 23.53 -8.34 -30.04
C ALA B 767 23.23 -8.99 -28.69
N ALA B 768 23.66 -8.36 -27.61
CA ALA B 768 23.33 -8.82 -26.27
C ALA B 768 21.81 -8.86 -26.05
N PHE B 769 21.13 -7.79 -26.46
CA PHE B 769 19.68 -7.73 -26.32
C PHE B 769 19.00 -8.86 -27.10
N VAL B 770 19.41 -9.06 -28.34
CA VAL B 770 18.75 -10.07 -29.17
C VAL B 770 18.97 -11.49 -28.62
N GLU B 771 20.16 -11.76 -28.11
CA GLU B 771 20.40 -13.05 -27.50
C GLU B 771 19.47 -13.35 -26.31
N GLU B 772 19.27 -12.37 -25.42
CA GLU B 772 18.38 -12.57 -24.29
C GLU B 772 16.92 -12.60 -24.73
N LEU B 773 16.57 -11.77 -25.72
CA LEU B 773 15.21 -11.76 -26.27
C LEU B 773 14.84 -13.15 -26.83
N ASP B 774 15.80 -13.81 -27.45
CA ASP B 774 15.61 -15.17 -27.96
C ASP B 774 15.37 -16.15 -26.82
N LYS B 775 16.15 -16.06 -25.75
CA LYS B 775 16.03 -16.96 -24.59
C LYS B 775 14.69 -16.74 -23.90
N VAL B 776 14.42 -15.48 -23.59
CA VAL B 776 13.21 -15.09 -22.87
C VAL B 776 11.97 -15.53 -23.63
N GLU B 777 11.92 -15.23 -24.92
CA GLU B 777 10.75 -15.56 -25.72
C GLU B 777 10.59 -17.06 -25.93
N SER B 778 11.70 -17.77 -26.06
CA SER B 778 11.68 -19.24 -26.10
C SER B 778 11.10 -19.80 -24.80
N GLN B 779 11.61 -19.32 -23.67
CA GLN B 779 11.14 -19.82 -22.39
C GLN B 779 9.67 -19.52 -22.16
N GLU B 780 9.17 -18.44 -22.77
CA GLU B 780 7.74 -18.12 -22.64
C GLU B 780 6.88 -19.13 -23.40
N ARG B 781 7.30 -19.49 -24.60
CA ARG B 781 6.53 -20.43 -25.42
C ARG B 781 6.56 -21.85 -24.85
N GLU B 782 7.60 -22.16 -24.07
CA GLU B 782 7.63 -23.41 -23.32
C GLU B 782 6.78 -23.32 -22.05
N ASP B 783 7.05 -22.32 -21.22
CA ASP B 783 6.34 -22.09 -19.94
C ASP B 783 4.81 -21.97 -20.13
OAC MIX G . -12.28 -3.27 8.23
CAK MIX G . -13.55 -2.96 7.63
CAM MIX G . -14.49 -2.25 8.60
NAS MIX G . -15.76 -1.93 7.96
CAO MIX G . -15.76 -1.24 6.67
CAQ MIX G . -16.42 -2.03 5.54
NAU MIX G . -15.61 -3.12 5.03
CAY MIX G . -16.25 -4.24 4.56
CAI MIX G . -17.64 -4.21 4.44
CAJ MIX G . -18.35 -5.31 3.96
CBE MIX G . -15.56 -5.41 4.21
CBA MIX G . -14.17 -5.48 4.32
OAA MIX G . -13.52 -4.50 4.75
CBC MIX G . -13.48 -6.64 3.98
CAW MIX G . -12.09 -6.69 4.10
OAE MIX G . -11.40 -5.61 4.53
CAG MIX G . -11.40 -7.85 3.76
CAH MIX G . -12.10 -8.96 3.28
CAX MIX G . -13.49 -8.89 3.17
OAF MIX G . -14.18 -9.98 2.71
CBD MIX G . -14.18 -7.74 3.50
CBB MIX G . -15.57 -7.67 3.39
OAB MIX G . -16.22 -8.66 2.97
CBF MIX G . -16.27 -6.51 3.74
CAZ MIX G . -17.66 -6.47 3.61
NAV MIX G . -18.36 -7.54 3.16
CAR MIX G . -19.81 -7.51 3.07
CAP MIX G . -20.43 -8.86 3.40
NAT MIX G . -20.95 -8.94 4.76
CAN MIX G . -20.99 -10.21 5.47
CAL MIX G . -22.32 -10.44 6.18
OAD MIX G . -22.96 -11.67 5.75
MG MG H . -7.38 -17.11 3.70
MG MG I . -5.47 0.35 23.13
MG MG J . -4.50 17.22 -5.97
MG MG K . 0.53 -0.83 -24.23
OAC MIX L . -19.63 11.76 -12.62
CAK MIX L . -18.60 12.12 -11.69
CAM MIX L . -17.73 10.91 -11.39
NAS MIX L . -17.79 10.55 -9.99
CAO MIX L . -18.21 9.23 -9.62
CAQ MIX L . -17.59 8.76 -8.32
NAU MIX L . -16.14 8.76 -8.35
CAY MIX L . -15.47 7.63 -8.63
CAI MIX L . -16.14 6.54 -9.18
CAJ MIX L . -15.44 5.39 -9.48
CBE MIX L . -14.09 7.56 -8.38
CBA MIX L . -13.38 8.64 -7.82
OAA MIX L . -13.99 9.70 -7.55
CBC MIX L . -12.00 8.53 -7.59
CAW MIX L . -11.30 9.62 -7.05
OAE MIX L . -11.98 10.77 -6.76
CAG MIX L . -9.94 9.54 -6.82
CAH MIX L . -9.25 8.36 -7.12
CAX MIX L . -9.94 7.28 -7.65
OAF MIX L . -9.23 6.14 -7.93
CBD MIX L . -11.31 7.36 -7.90
CBB MIX L . -12.03 6.28 -8.44
OAB MIX L . -11.46 5.19 -8.73
CBF MIX L . -13.39 6.39 -8.68
CAZ MIX L . -14.06 5.30 -9.22
NAV MIX L . -13.39 4.17 -9.52
CAR MIX L . -14.07 3.09 -10.18
CAP MIX L . -13.10 2.16 -10.89
NAT MIX L . -12.98 2.53 -12.30
CAN MIX L . -12.02 3.54 -12.71
CAL MIX L . -10.58 3.10 -12.44
OAD MIX L . -10.04 3.81 -11.32
MG MG M . -16.23 11.58 -27.09
MG MG N . -23.28 -10.58 19.70
#